data_8F9G
#
_entry.id   8F9G
#
_cell.length_a   1.00
_cell.length_b   1.00
_cell.length_c   1.00
_cell.angle_alpha   90.00
_cell.angle_beta   90.00
_cell.angle_gamma   90.00
#
_symmetry.space_group_name_H-M   'P 1'
#
loop_
_entity.id
_entity.type
_entity.pdbx_description
1 polymer 'BG505_MD64_N332-GT5 gp120'
2 polymer 'BG505_MD64_N332-GT5 gp41'
3 polymer 'V3-glycan epitope polyclonal Fab heavy chain'
4 polymer 'V3-glycan epitope polyclonal Fab light chain'
5 branched alpha-D-mannopyranose-(1-3)-beta-D-mannopyranose-(1-4)-2-acetamido-2-deoxy-beta-D-glucopyranose-(1-4)-2-acetamido-2-deoxy-beta-D-glucopyranose
6 branched 2-acetamido-2-deoxy-beta-D-glucopyranose-(1-4)-2-acetamido-2-deoxy-beta-D-glucopyranose
7 non-polymer 2-acetamido-2-deoxy-beta-D-glucopyranose
#
loop_
_entity_poly.entity_id
_entity_poly.type
_entity_poly.pdbx_seq_one_letter_code
_entity_poly.pdbx_strand_id
1 'polypeptide(L)'
;AENLWVTVYYGVPVWKDAETTLFCASDAKAYETEKHNVWATHACVPTDPNPQEIHLENVTEEFNMWKNNMVEQMHEDIIS
LWDQSLKPCVKLTPLCVTLQCTNYAPKLRSMMRGEIKNCSFNMTTELRDKKQKVYSLFYRLDVVQINENQGNRSNNSNKE
YRLINCNTSAITQACPKVSFEPIPIHYCAPAGFAILKCKDKKFNGTGPCPSVSTVQCTHGIKPVVSTQLLLNGSLAEEEV
IIRSENITNNAKNILVQLNTPVQINCTRPSNNTVKSIRIGPGQAFYYFGDVLGHVRMAHCNISKATWNETLGKVVKQLRK
HFGNNTIIRFAQSSGGDLEVTTHSFNCGGEFFYCNTSGLFNSTWISNTSVQGSNSTGSNDSLILPCWIKQIINMWQRIGQ
AMYAPPIQGVIRCVSNITGLILTRDGGSTNSTTETFRPGGGDMRDNWRSELYKYKVVKIEPLGVAPTRCKRRVVGRRRRR
R
;
A,E,F
2 'polypeptide(L)'
;AVGIGAVSLGFLGAAGSTMGAASMTLTVQARNLLSGIVQQQSNLLRAPEPQQHLLKDTHWGIKQLQARVLAVEHYLRDQQ
LLGIWGCSGKLICCTNVPWNSSWSNRNLSEIWDNMTWLQWDKEISNYTQIIYGLLEESQNQQEKNEQDLLALDGTKHHHH
HH
;
B,G,I
3 'polypeptide(L)'
;(UNK)(UNK)(UNK)(UNK)(UNK)(UNK)(UNK)(UNK)(UNK)(UNK)(UNK)(UNK)(UNK)(UNK)(UNK)(UNK)
(UNK)(UNK)(UNK)(UNK)(UNK)(UNK)(UNK)(UNK)(UNK)(UNK)(UNK)(UNK)(UNK)(UNK)(UNK)(UNK)
(UNK)(UNK)(UNK)(UNK)(UNK)(UNK)(UNK)(UNK)(UNK)(UNK)(UNK)(UNK)(UNK)(UNK)(UNK)(UNK)
(UNK)(UNK)(UNK)(UNK)(UNK)(UNK)(UNK)(UNK)(UNK)(UNK)(UNK)(UNK)(UNK)(UNK)(UNK)(UNK)
(UNK)(UNK)(UNK)(UNK)(UNK)(UNK)(UNK)(UNK)(UNK)(UNK)(UNK)(UNK)(UNK)(UNK)(UNK)(UNK)
(UNK)(UNK)(UNK)(UNK)(UNK)(UNK)(UNK)(UNK)(UNK)(UNK)(UNK)(UNK)(UNK)(UNK)(UNK)(UNK)
(UNK)(UNK)(UNK)(UNK)(UNK)(UNK)(UNK)(UNK)(UNK)(UNK)(UNK)(UNK)(UNK)(UNK)(UNK)(UNK)
(UNK)(UNK)(UNK)(UNK)(UNK)(UNK)(UNK)(UNK)(UNK)(UNK)(UNK)(UNK)(UNK)(UNK)(UNK)(UNK)
;
H
4 'polypeptide(L)'
;(UNK)(UNK)(UNK)(UNK)(UNK)(UNK)(UNK)(UNK)(UNK)(UNK)(UNK)(UNK)(UNK)(UNK)(UNK)(UNK)
(UNK)(UNK)(UNK)(UNK)(UNK)(UNK)(UNK)(UNK)(UNK)(UNK)(UNK)(UNK)(UNK)(UNK)(UNK)(UNK)
(UNK)(UNK)(UNK)(UNK)(UNK)(UNK)(UNK)(UNK)(UNK)(UNK)(UNK)(UNK)(UNK)(UNK)(UNK)(UNK)
(UNK)(UNK)(UNK)(UNK)(UNK)(UNK)(UNK)(UNK)(UNK)(UNK)(UNK)(UNK)(UNK)(UNK)(UNK)(UNK)
(UNK)(UNK)(UNK)(UNK)(UNK)(UNK)(UNK)(UNK)(UNK)(UNK)(UNK)(UNK)(UNK)(UNK)(UNK)(UNK)
(UNK)(UNK)(UNK)(UNK)(UNK)(UNK)(UNK)(UNK)(UNK)(UNK)(UNK)(UNK)(UNK)(UNK)(UNK)(UNK)
(UNK)(UNK)(UNK)(UNK)(UNK)(UNK)(UNK)(UNK)
;
L
#
loop_
_chem_comp.id
_chem_comp.type
_chem_comp.name
_chem_comp.formula
BMA D-saccharide, beta linking beta-D-mannopyranose 'C6 H12 O6'
MAN D-saccharide, alpha linking alpha-D-mannopyranose 'C6 H12 O6'
NAG D-saccharide, beta linking 2-acetamido-2-deoxy-beta-D-glucopyranose 'C8 H15 N O6'
#
# COMPACT_ATOMS: atom_id res chain seq x y z
N ASN A 3 -25.59 48.99 21.67
CA ASN A 3 -26.93 48.39 21.69
C ASN A 3 -26.85 46.88 21.61
N LEU A 4 -26.08 46.38 20.66
CA LEU A 4 -25.88 44.95 20.47
C LEU A 4 -24.42 44.59 20.69
N TRP A 5 -24.19 43.38 21.20
CA TRP A 5 -22.86 42.84 21.45
C TRP A 5 -22.68 41.50 20.79
N VAL A 6 -21.41 41.19 20.49
CA VAL A 6 -21.01 39.93 19.88
C VAL A 6 -21.13 38.81 20.89
N THR A 7 -21.79 37.72 20.51
CA THR A 7 -21.82 36.50 21.32
C THR A 7 -21.30 35.35 20.48
N VAL A 8 -20.40 34.58 21.09
CA VAL A 8 -19.74 33.45 20.46
C VAL A 8 -20.53 32.18 20.75
N TYR A 9 -20.83 31.41 19.71
CA TYR A 9 -21.54 30.14 19.82
C TYR A 9 -20.69 29.03 19.23
N TYR A 10 -20.53 27.94 19.98
CA TYR A 10 -19.76 26.78 19.57
C TYR A 10 -20.72 25.62 19.42
N GLY A 11 -20.61 24.90 18.31
CA GLY A 11 -21.52 23.83 17.99
C GLY A 11 -22.58 24.30 17.01
N VAL A 12 -22.30 25.36 16.26
CA VAL A 12 -23.23 25.95 15.30
C VAL A 12 -23.43 25.00 14.12
N PRO A 13 -24.70 24.69 13.72
CA PRO A 13 -24.95 23.74 12.61
C PRO A 13 -24.69 24.35 11.24
N VAL A 14 -23.42 24.64 10.97
CA VAL A 14 -22.97 25.21 9.70
C VAL A 14 -21.83 24.35 9.18
N TRP A 15 -21.85 24.12 7.87
CA TRP A 15 -20.81 23.36 7.20
C TRP A 15 -20.46 24.02 5.88
N LYS A 16 -19.25 23.71 5.42
CA LYS A 16 -18.72 24.20 4.15
C LYS A 16 -18.16 23.04 3.34
N ASP A 17 -18.16 23.21 2.03
CA ASP A 17 -17.65 22.16 1.15
C ASP A 17 -16.19 21.90 1.47
N ALA A 18 -15.79 20.64 1.46
CA ALA A 18 -14.41 20.29 1.77
C ALA A 18 -14.00 19.02 1.03
N GLU A 19 -12.70 18.91 0.79
CA GLU A 19 -12.07 17.74 0.20
C GLU A 19 -11.19 17.11 1.27
N THR A 20 -11.62 15.98 1.85
CA THR A 20 -10.87 15.33 2.91
C THR A 20 -10.74 13.84 2.62
N THR A 21 -9.96 13.18 3.49
CA THR A 21 -9.73 11.75 3.40
C THR A 21 -10.87 10.99 4.05
N LEU A 22 -11.44 10.04 3.32
CA LEU A 22 -12.46 9.13 3.82
C LEU A 22 -11.81 7.76 4.02
N PHE A 23 -12.47 6.88 4.80
CA PHE A 23 -11.93 5.52 5.03
C PHE A 23 -13.00 4.44 4.82
N CYS A 24 -12.61 3.26 4.28
CA CYS A 24 -13.56 2.15 4.03
C CYS A 24 -14.05 1.46 5.30
N ALA A 25 -15.26 0.90 5.27
CA ALA A 25 -15.79 0.12 6.42
C ALA A 25 -16.68 -0.98 5.85
N SER A 26 -16.50 -2.23 6.29
CA SER A 26 -17.26 -3.33 5.70
C SER A 26 -17.68 -4.28 6.81
N ASP A 27 -18.59 -5.20 6.45
CA ASP A 27 -19.02 -6.25 7.35
C ASP A 27 -17.84 -7.12 7.79
N HIS A 36 -9.89 -15.52 0.72
CA HIS A 36 -9.16 -14.26 0.67
C HIS A 36 -9.70 -13.45 -0.50
N ASN A 37 -9.83 -12.14 -0.30
CA ASN A 37 -10.40 -11.23 -1.28
C ASN A 37 -9.38 -10.21 -1.78
N VAL A 38 -9.54 -9.80 -3.05
CA VAL A 38 -8.67 -8.79 -3.64
C VAL A 38 -8.73 -7.51 -2.83
N TRP A 39 -9.91 -7.13 -2.36
CA TRP A 39 -10.08 -5.88 -1.62
C TRP A 39 -9.85 -6.19 -0.16
N ALA A 40 -9.23 -5.23 0.55
CA ALA A 40 -8.83 -5.46 1.93
C ALA A 40 -10.02 -5.30 2.88
N THR A 41 -10.93 -6.27 2.78
CA THR A 41 -12.14 -6.23 3.59
C THR A 41 -11.87 -6.71 5.01
N HIS A 42 -10.70 -7.31 5.26
CA HIS A 42 -10.29 -7.72 6.60
C HIS A 42 -9.64 -6.59 7.39
N ALA A 43 -9.26 -5.49 6.72
CA ALA A 43 -8.65 -4.34 7.37
C ALA A 43 -9.69 -3.28 7.67
N CYS A 44 -10.53 -2.96 6.68
CA CYS A 44 -11.61 -2.00 6.83
C CYS A 44 -12.83 -2.70 7.42
N VAL A 45 -12.73 -2.99 8.71
CA VAL A 45 -13.78 -3.68 9.46
C VAL A 45 -14.29 -2.87 10.65
N PRO A 46 -14.31 -1.49 10.63
CA PRO A 46 -15.05 -0.84 11.74
C PRO A 46 -16.54 -0.87 11.42
N THR A 47 -17.10 -2.07 11.47
CA THR A 47 -18.47 -2.30 11.03
C THR A 47 -19.44 -1.47 11.86
N ASP A 48 -20.37 -0.81 11.16
CA ASP A 48 -21.42 -0.04 11.80
C ASP A 48 -22.57 -1.00 12.09
N PRO A 49 -22.86 -1.32 13.37
CA PRO A 49 -23.93 -2.30 13.64
C PRO A 49 -25.30 -1.89 13.13
N ASN A 50 -25.54 -0.60 12.91
CA ASN A 50 -26.83 -0.14 12.45
C ASN A 50 -26.71 1.30 11.93
N PRO A 51 -26.82 1.55 10.64
CA PRO A 51 -26.69 2.94 10.16
C PRO A 51 -27.93 3.74 10.47
N GLN A 52 -27.72 5.05 10.62
CA GLN A 52 -28.80 6.01 10.78
C GLN A 52 -28.54 7.21 9.89
N GLU A 53 -29.63 7.92 9.56
CA GLU A 53 -29.55 9.16 8.84
C GLU A 53 -30.49 10.14 9.51
N ILE A 54 -30.15 11.42 9.46
CA ILE A 54 -31.00 12.47 10.02
C ILE A 54 -31.48 13.34 8.87
N HIS A 55 -32.80 13.39 8.68
CA HIS A 55 -33.36 14.21 7.63
C HIS A 55 -33.22 15.67 8.03
N LEU A 56 -32.77 16.51 7.10
CA LEU A 56 -32.64 17.94 7.37
C LEU A 56 -33.80 18.69 6.74
N GLU A 57 -34.73 19.13 7.57
CA GLU A 57 -35.90 19.83 7.06
C GLU A 57 -35.50 21.24 6.67
N ASN A 58 -36.12 21.75 5.62
CA ASN A 58 -35.90 23.13 5.14
C ASN A 58 -34.43 23.39 4.83
N VAL A 59 -33.73 22.38 4.30
CA VAL A 59 -32.32 22.52 3.91
C VAL A 59 -32.18 22.16 2.44
N THR A 60 -31.64 23.09 1.66
CA THR A 60 -31.36 22.88 0.25
C THR A 60 -29.85 22.95 0.08
N GLU A 61 -29.27 21.95 -0.59
CA GLU A 61 -27.82 21.90 -0.79
C GLU A 61 -27.52 21.75 -2.26
N GLU A 62 -26.56 22.51 -2.78
CA GLU A 62 -26.17 22.41 -4.18
C GLU A 62 -25.10 21.34 -4.34
N PHE A 63 -25.37 20.38 -5.22
CA PHE A 63 -24.50 19.25 -5.51
C PHE A 63 -23.94 19.39 -6.92
N ASN A 64 -22.74 18.83 -7.13
CA ASN A 64 -22.17 18.74 -8.46
C ASN A 64 -21.35 17.45 -8.51
N MET A 65 -21.95 16.38 -9.06
CA MET A 65 -21.31 15.08 -9.02
C MET A 65 -20.03 15.02 -9.83
N TRP A 66 -19.84 15.92 -10.79
CA TRP A 66 -18.70 15.85 -11.68
C TRP A 66 -17.41 16.39 -11.05
N LYS A 67 -17.51 17.02 -9.88
CA LYS A 67 -16.37 17.60 -9.17
C LYS A 67 -16.18 16.94 -7.81
N ASN A 68 -16.82 15.79 -7.59
CA ASN A 68 -16.84 15.13 -6.30
C ASN A 68 -15.52 14.40 -6.06
N ASN A 69 -14.78 14.84 -5.05
CA ASN A 69 -13.46 14.29 -4.74
C ASN A 69 -13.54 12.82 -4.36
N MET A 70 -14.71 12.33 -3.94
CA MET A 70 -14.81 10.93 -3.54
C MET A 70 -14.59 10.01 -4.72
N VAL A 71 -14.85 10.48 -5.94
CA VAL A 71 -14.65 9.60 -7.08
C VAL A 71 -13.16 9.34 -7.24
N GLU A 72 -12.36 10.40 -7.10
CA GLU A 72 -10.92 10.26 -7.22
C GLU A 72 -10.37 9.41 -6.08
N GLN A 73 -10.93 9.57 -4.87
CA GLN A 73 -10.42 8.78 -3.76
C GLN A 73 -10.78 7.31 -3.94
N MET A 74 -11.99 7.03 -4.44
CA MET A 74 -12.36 5.64 -4.66
C MET A 74 -11.46 5.04 -5.73
N HIS A 75 -11.19 5.80 -6.78
CA HIS A 75 -10.34 5.31 -7.88
C HIS A 75 -8.97 4.91 -7.35
N GLU A 76 -8.37 5.78 -6.54
CA GLU A 76 -7.06 5.46 -5.98
C GLU A 76 -7.13 4.29 -5.02
N ASP A 77 -8.21 4.21 -4.22
CA ASP A 77 -8.31 3.12 -3.26
C ASP A 77 -8.42 1.78 -3.97
N ILE A 78 -9.19 1.73 -5.06
CA ILE A 78 -9.37 0.47 -5.78
C ILE A 78 -8.05 0.07 -6.41
N ILE A 79 -7.34 1.02 -7.03
CA ILE A 79 -6.08 0.66 -7.67
C ILE A 79 -5.06 0.20 -6.64
N SER A 80 -4.95 0.93 -5.53
CA SER A 80 -3.97 0.54 -4.52
C SER A 80 -4.29 -0.82 -3.91
N LEU A 81 -5.58 -1.10 -3.65
CA LEU A 81 -5.90 -2.39 -3.08
C LEU A 81 -5.63 -3.51 -4.07
N TRP A 82 -5.94 -3.27 -5.34
CA TRP A 82 -5.73 -4.29 -6.36
C TRP A 82 -4.24 -4.60 -6.50
N ASP A 83 -3.40 -3.56 -6.54
CA ASP A 83 -1.97 -3.81 -6.66
C ASP A 83 -1.41 -4.49 -5.41
N GLN A 84 -1.91 -4.13 -4.22
CA GLN A 84 -1.41 -4.79 -3.03
C GLN A 84 -1.78 -6.27 -3.05
N SER A 85 -2.98 -6.58 -3.53
CA SER A 85 -3.42 -7.96 -3.62
C SER A 85 -2.59 -8.76 -4.61
N LEU A 86 -2.32 -8.17 -5.78
CA LEU A 86 -1.58 -8.89 -6.82
C LEU A 86 -0.10 -9.04 -6.49
N LYS A 87 0.53 -8.01 -5.90
CA LYS A 87 1.96 -7.99 -5.58
C LYS A 87 2.52 -9.27 -4.98
N PRO A 88 2.00 -9.80 -3.86
CA PRO A 88 2.62 -11.00 -3.27
C PRO A 88 2.24 -12.30 -3.96
N CYS A 89 2.61 -12.43 -5.24
CA CYS A 89 2.24 -13.59 -6.03
C CYS A 89 3.42 -13.96 -6.94
N VAL A 90 3.30 -15.10 -7.60
CA VAL A 90 4.35 -15.62 -8.46
C VAL A 90 4.45 -14.82 -9.76
N LYS A 91 5.66 -14.37 -10.08
CA LYS A 91 5.91 -13.67 -11.34
C LYS A 91 6.16 -14.71 -12.42
N LEU A 92 5.72 -14.41 -13.65
CA LEU A 92 5.84 -15.34 -14.77
C LEU A 92 6.91 -14.95 -15.79
N THR A 93 7.94 -14.20 -15.38
CA THR A 93 9.04 -13.82 -16.28
C THR A 93 9.54 -15.03 -17.09
N PRO A 94 9.75 -16.21 -16.48
CA PRO A 94 10.23 -17.36 -17.26
C PRO A 94 9.31 -17.81 -18.39
N LEU A 95 8.06 -17.35 -18.44
CA LEU A 95 7.13 -17.75 -19.49
C LEU A 95 7.29 -16.97 -20.79
N CYS A 96 8.00 -15.84 -20.80
CA CYS A 96 8.11 -15.05 -22.02
C CYS A 96 9.20 -15.64 -22.92
N VAL A 97 8.82 -16.76 -23.55
CA VAL A 97 9.70 -17.55 -24.40
C VAL A 97 9.01 -17.76 -25.75
N THR A 98 9.76 -18.25 -26.72
CA THR A 98 9.19 -18.53 -28.03
C THR A 98 8.31 -19.76 -27.91
N LEU A 99 7.10 -19.68 -28.47
CA LEU A 99 6.15 -20.78 -28.42
C LEU A 99 5.99 -21.42 -29.80
N GLN A 100 5.80 -22.74 -29.81
CA GLN A 100 5.44 -23.49 -31.01
C GLN A 100 3.97 -23.85 -30.88
N CYS A 101 3.09 -23.25 -31.68
CA CYS A 101 1.66 -23.39 -31.49
C CYS A 101 0.96 -23.89 -32.74
N THR A 102 -0.02 -24.76 -32.52
CA THR A 102 -0.92 -25.27 -33.56
C THR A 102 -2.35 -25.06 -33.09
N ASN A 103 -3.32 -25.25 -33.99
CA ASN A 103 -4.70 -25.06 -33.61
C ASN A 103 -5.15 -26.19 -32.70
N TYR A 104 -5.88 -25.83 -31.63
CA TYR A 104 -6.37 -26.82 -30.67
C TYR A 104 -7.30 -27.84 -31.29
N ALA A 105 -8.26 -27.40 -32.10
CA ALA A 105 -9.28 -28.27 -32.68
C ALA A 105 -9.33 -28.08 -34.18
N PRO A 106 -8.45 -28.75 -34.93
CA PRO A 106 -8.37 -28.51 -36.38
C PRO A 106 -9.67 -28.79 -37.12
N LYS A 107 -10.57 -29.59 -36.54
CA LYS A 107 -11.83 -29.96 -37.19
C LYS A 107 -13.01 -29.15 -36.68
N LEU A 108 -12.78 -28.14 -35.84
CA LEU A 108 -13.83 -27.30 -35.29
C LEU A 108 -14.27 -26.28 -36.33
N ARG A 109 -15.59 -26.13 -36.51
CA ARG A 109 -16.16 -25.18 -37.47
C ARG A 109 -17.03 -24.11 -36.82
N SER A 110 -17.09 -24.06 -35.50
CA SER A 110 -17.90 -23.07 -34.80
C SER A 110 -17.14 -21.75 -34.76
N MET A 111 -17.71 -20.73 -34.13
CA MET A 111 -17.01 -19.45 -34.03
C MET A 111 -15.73 -19.54 -33.22
N MET A 112 -15.48 -20.63 -32.50
CA MET A 112 -14.27 -20.84 -31.73
C MET A 112 -13.14 -21.42 -32.58
N ARG A 113 -13.35 -21.63 -33.87
CA ARG A 113 -12.27 -22.15 -34.71
C ARG A 113 -11.12 -21.17 -34.68
N GLY A 114 -9.94 -21.66 -34.32
CA GLY A 114 -8.76 -20.82 -34.30
C GLY A 114 -8.63 -19.97 -33.06
N GLU A 115 -9.57 -20.05 -32.12
CA GLU A 115 -9.52 -19.20 -30.94
C GLU A 115 -8.66 -19.79 -29.83
N ILE A 116 -8.50 -21.12 -29.78
CA ILE A 116 -7.68 -21.77 -28.77
C ILE A 116 -6.51 -22.43 -29.49
N LYS A 117 -5.30 -22.10 -29.06
CA LYS A 117 -4.07 -22.65 -29.64
C LYS A 117 -3.38 -23.55 -28.63
N ASN A 118 -2.80 -24.63 -29.13
CA ASN A 118 -2.05 -25.61 -28.35
C ASN A 118 -0.57 -25.33 -28.57
N CYS A 119 0.08 -24.74 -27.55
CA CYS A 119 1.44 -24.26 -27.61
C CYS A 119 2.37 -25.16 -26.81
N SER A 120 3.60 -25.29 -27.30
CA SER A 120 4.68 -26.04 -26.66
C SER A 120 5.85 -25.11 -26.43
N PHE A 121 6.44 -25.18 -25.22
CA PHE A 121 7.60 -24.35 -24.91
C PHE A 121 8.50 -25.01 -23.86
N ASN A 122 9.75 -24.53 -23.82
CA ASN A 122 10.76 -24.99 -22.87
C ASN A 122 10.82 -24.04 -21.68
N MET A 123 10.29 -24.48 -20.53
CA MET A 123 10.22 -23.66 -19.33
C MET A 123 11.15 -24.18 -18.23
N THR A 124 11.62 -23.23 -17.42
CA THR A 124 12.47 -23.52 -16.28
C THR A 124 11.79 -24.43 -15.26
N THR A 125 12.56 -25.40 -14.76
CA THR A 125 12.15 -26.34 -13.73
C THR A 125 12.59 -25.83 -12.36
N GLU A 126 12.27 -26.61 -11.31
CA GLU A 126 12.65 -26.21 -9.96
C GLU A 126 14.15 -26.01 -9.84
N LEU A 127 14.95 -26.87 -10.49
CA LEU A 127 16.38 -26.69 -10.48
C LEU A 127 16.80 -25.85 -11.67
N ARG A 128 17.77 -24.96 -11.45
CA ARG A 128 18.25 -24.09 -12.53
C ARG A 128 18.84 -24.90 -13.68
N ASP A 129 19.52 -26.00 -13.36
CA ASP A 129 20.18 -26.83 -14.36
C ASP A 129 19.25 -27.45 -15.39
N LYS A 130 18.00 -27.75 -15.03
CA LYS A 130 17.11 -28.50 -15.92
C LYS A 130 15.97 -27.65 -16.48
N LYS A 131 15.53 -28.04 -17.68
CA LYS A 131 14.42 -27.45 -18.38
C LYS A 131 13.38 -28.54 -18.64
N GLN A 132 12.12 -28.13 -18.82
CA GLN A 132 11.04 -29.07 -19.10
C GLN A 132 10.24 -28.59 -20.29
N LYS A 133 9.71 -29.54 -21.06
CA LYS A 133 8.84 -29.21 -22.19
C LYS A 133 7.43 -29.21 -21.65
N VAL A 134 6.72 -28.12 -21.89
CA VAL A 134 5.37 -27.91 -21.38
C VAL A 134 4.44 -27.67 -22.56
N TYR A 135 3.28 -28.32 -22.52
CA TYR A 135 2.23 -28.09 -23.50
C TYR A 135 1.09 -27.42 -22.74
N SER A 136 0.51 -26.38 -23.34
CA SER A 136 -0.58 -25.67 -22.71
C SER A 136 -1.45 -25.02 -23.76
N LEU A 137 -2.68 -24.69 -23.37
CA LEU A 137 -3.61 -24.00 -24.26
C LEU A 137 -3.67 -22.51 -23.92
N PHE A 138 -3.71 -21.69 -24.96
CA PHE A 138 -3.85 -20.25 -24.84
C PHE A 138 -4.96 -19.77 -25.75
N TYR A 139 -5.60 -18.68 -25.36
CA TYR A 139 -6.60 -18.06 -26.24
C TYR A 139 -5.87 -17.20 -27.26
N ARG A 140 -6.46 -17.11 -28.45
CA ARG A 140 -5.85 -16.32 -29.53
C ARG A 140 -5.57 -14.89 -29.09
N LEU A 141 -6.43 -14.30 -28.28
CA LEU A 141 -6.25 -12.91 -27.90
C LEU A 141 -5.02 -12.68 -27.03
N ASP A 142 -4.46 -13.74 -26.43
CA ASP A 142 -3.29 -13.64 -25.57
C ASP A 142 -1.98 -13.93 -26.28
N VAL A 143 -2.02 -14.41 -27.52
CA VAL A 143 -0.84 -14.88 -28.22
C VAL A 143 -0.72 -14.16 -29.55
N VAL A 144 0.46 -13.60 -29.84
CA VAL A 144 0.73 -12.85 -31.05
C VAL A 144 1.81 -13.56 -31.85
N GLN A 145 1.60 -13.66 -33.17
CA GLN A 145 2.55 -14.34 -34.04
C GLN A 145 3.72 -13.41 -34.36
N ILE A 146 4.95 -13.95 -34.27
CA ILE A 146 6.15 -13.21 -34.60
C ILE A 146 6.80 -13.68 -35.90
N ASN A 147 6.73 -14.98 -36.21
CA ASN A 147 7.35 -15.63 -37.37
C ASN A 147 8.83 -15.88 -37.08
N LYS A 159 3.45 -21.14 -36.61
CA LYS A 159 4.07 -21.35 -35.32
C LYS A 159 4.83 -20.08 -34.95
N GLU A 160 5.84 -20.17 -34.09
CA GLU A 160 6.66 -19.02 -33.69
C GLU A 160 5.79 -17.87 -33.16
N TYR A 161 5.23 -18.11 -31.99
CA TYR A 161 4.34 -17.18 -31.29
C TYR A 161 4.95 -16.75 -29.96
N ARG A 162 4.48 -15.61 -29.44
CA ARG A 162 4.85 -15.13 -28.12
C ARG A 162 3.62 -14.55 -27.42
N LEU A 163 3.73 -14.37 -26.11
CA LEU A 163 2.63 -13.74 -25.39
C LEU A 163 2.54 -12.27 -25.76
N ILE A 164 1.31 -11.75 -25.80
CA ILE A 164 1.07 -10.37 -26.20
C ILE A 164 1.78 -9.35 -25.30
N ASN A 165 1.96 -9.67 -24.02
CA ASN A 165 2.61 -8.72 -23.13
C ASN A 165 4.13 -8.68 -23.22
N CYS A 166 4.77 -9.59 -23.97
CA CYS A 166 6.22 -9.66 -23.94
C CYS A 166 6.95 -8.42 -24.44
N ASN A 167 6.34 -7.59 -25.29
CA ASN A 167 7.05 -6.39 -25.75
C ASN A 167 6.63 -5.11 -25.04
N THR A 168 5.73 -5.17 -24.06
CA THR A 168 5.33 -3.94 -23.36
C THR A 168 5.42 -4.01 -21.84
N SER A 169 5.29 -5.18 -21.24
CA SER A 169 5.30 -5.23 -19.78
C SER A 169 5.62 -6.63 -19.27
N ALA A 170 6.08 -6.67 -18.02
CA ALA A 170 6.20 -7.91 -17.27
C ALA A 170 4.81 -8.33 -16.83
N ILE A 171 4.59 -9.64 -16.67
CA ILE A 171 3.30 -10.16 -16.24
C ILE A 171 3.46 -10.96 -14.96
N THR A 172 2.54 -10.72 -14.02
CA THR A 172 2.51 -11.38 -12.71
C THR A 172 1.28 -12.27 -12.64
N GLN A 173 1.46 -13.49 -12.14
CA GLN A 173 0.34 -14.42 -11.98
C GLN A 173 -0.46 -14.05 -10.74
N ALA A 174 -1.78 -13.97 -10.88
CA ALA A 174 -2.63 -13.71 -9.74
C ALA A 174 -2.63 -14.94 -8.84
N CYS A 175 -2.69 -14.71 -7.53
CA CYS A 175 -2.74 -15.83 -6.60
C CYS A 175 -4.07 -16.57 -6.71
N PRO A 176 -4.09 -17.88 -7.01
CA PRO A 176 -5.37 -18.59 -7.16
C PRO A 176 -6.28 -18.55 -5.94
N LYS A 177 -5.75 -18.30 -4.76
CA LYS A 177 -6.53 -18.27 -3.53
C LYS A 177 -7.32 -16.99 -3.34
N VAL A 178 -7.08 -15.96 -4.13
CA VAL A 178 -7.68 -14.65 -3.92
C VAL A 178 -8.84 -14.50 -4.90
N SER A 179 -10.03 -14.23 -4.37
CA SER A 179 -11.25 -14.08 -5.15
C SER A 179 -11.45 -12.66 -5.66
N PHE A 180 -12.00 -12.56 -6.86
CA PHE A 180 -12.30 -11.27 -7.49
C PHE A 180 -13.75 -10.86 -7.31
N GLU A 181 -14.51 -11.56 -6.47
CA GLU A 181 -15.91 -11.23 -6.27
C GLU A 181 -16.03 -9.91 -5.50
N PRO A 182 -16.76 -8.91 -6.01
CA PRO A 182 -16.85 -7.63 -5.29
C PRO A 182 -17.60 -7.78 -3.99
N ILE A 183 -17.18 -7.03 -2.98
CA ILE A 183 -17.83 -6.96 -1.68
C ILE A 183 -18.18 -5.50 -1.43
N PRO A 184 -19.42 -5.17 -1.02
CA PRO A 184 -19.75 -3.76 -0.79
C PRO A 184 -18.80 -3.09 0.20
N ILE A 185 -18.39 -1.87 -0.15
CA ILE A 185 -17.49 -1.07 0.66
C ILE A 185 -18.24 0.19 1.07
N HIS A 186 -18.21 0.51 2.37
CA HIS A 186 -18.86 1.69 2.91
C HIS A 186 -17.78 2.75 3.14
N TYR A 187 -17.99 3.96 2.64
CA TYR A 187 -17.05 5.04 2.89
C TYR A 187 -17.55 5.93 4.01
N CYS A 188 -16.70 6.09 5.03
CA CYS A 188 -17.04 6.81 6.25
C CYS A 188 -16.16 8.04 6.38
N ALA A 189 -16.78 9.11 6.86
CA ALA A 189 -16.15 10.38 7.13
C ALA A 189 -15.41 10.35 8.47
N PRO A 190 -14.29 11.04 8.59
CA PRO A 190 -13.68 11.21 9.92
C PRO A 190 -14.50 12.19 10.73
N ALA A 191 -14.32 12.14 12.05
CA ALA A 191 -15.05 13.04 12.93
C ALA A 191 -14.76 14.49 12.52
N GLY A 192 -15.82 15.31 12.57
CA GLY A 192 -15.76 16.69 12.18
C GLY A 192 -16.31 16.94 10.79
N PHE A 193 -16.51 15.87 10.02
CA PHE A 193 -17.04 15.89 8.66
C PHE A 193 -18.33 15.10 8.62
N ALA A 194 -19.17 15.38 7.62
CA ALA A 194 -20.44 14.68 7.47
C ALA A 194 -20.70 14.45 5.98
N ILE A 195 -21.47 13.40 5.67
CA ILE A 195 -21.81 13.10 4.28
C ILE A 195 -23.28 13.43 4.07
N LEU A 196 -23.55 14.27 3.08
CA LEU A 196 -24.89 14.70 2.73
C LEU A 196 -25.39 13.87 1.56
N LYS A 197 -26.56 13.25 1.73
CA LYS A 197 -27.18 12.42 0.71
C LYS A 197 -28.33 13.21 0.11
N CYS A 198 -28.31 13.38 -1.22
CA CYS A 198 -29.34 14.18 -1.91
C CYS A 198 -30.74 13.67 -1.61
N LYS A 199 -30.94 12.36 -1.69
CA LYS A 199 -32.21 11.71 -1.39
C LYS A 199 -33.38 12.39 -2.13
N ASP A 200 -33.20 12.60 -3.43
CA ASP A 200 -34.21 13.31 -4.22
C ASP A 200 -34.39 12.66 -5.58
N LYS A 201 -35.61 12.22 -5.85
CA LYS A 201 -35.94 11.52 -7.08
C LYS A 201 -35.79 12.48 -8.27
N LYS A 202 -35.27 11.95 -9.37
CA LYS A 202 -34.99 12.68 -10.61
C LYS A 202 -33.83 13.67 -10.45
N PHE A 203 -32.99 13.49 -9.45
CA PHE A 203 -31.79 14.30 -9.35
C PHE A 203 -30.84 13.97 -10.50
N ASN A 204 -30.45 14.98 -11.26
CA ASN A 204 -29.67 14.78 -12.48
C ASN A 204 -28.16 14.86 -12.24
N GLY A 205 -27.71 14.92 -10.99
CA GLY A 205 -26.30 14.96 -10.66
C GLY A 205 -25.77 16.34 -10.33
N THR A 206 -26.50 17.40 -10.68
CA THR A 206 -26.10 18.77 -10.40
C THR A 206 -27.29 19.53 -9.83
N GLY A 207 -26.99 20.70 -9.26
CA GLY A 207 -28.01 21.59 -8.76
C GLY A 207 -28.48 21.31 -7.35
N PRO A 208 -29.48 22.08 -6.90
CA PRO A 208 -29.98 21.93 -5.53
C PRO A 208 -30.74 20.64 -5.29
N CYS A 209 -30.61 20.14 -4.06
CA CYS A 209 -31.39 19.02 -3.52
C CYS A 209 -32.14 19.53 -2.30
N PRO A 210 -33.47 19.61 -2.31
CA PRO A 210 -34.22 20.11 -1.15
C PRO A 210 -34.56 19.07 -0.09
N SER A 211 -34.14 17.82 -0.25
CA SER A 211 -34.51 16.71 0.63
C SER A 211 -33.27 16.02 1.21
N VAL A 212 -32.21 16.81 1.40
CA VAL A 212 -30.92 16.28 1.84
C VAL A 212 -31.00 15.72 3.25
N SER A 213 -30.38 14.56 3.45
CA SER A 213 -30.25 13.94 4.75
C SER A 213 -28.77 13.79 5.04
N THR A 214 -28.42 13.71 6.33
CA THR A 214 -27.03 13.56 6.75
C THR A 214 -26.75 12.16 7.28
N VAL A 215 -25.64 11.58 6.82
CA VAL A 215 -25.20 10.26 7.25
C VAL A 215 -23.73 10.32 7.68
N GLN A 216 -23.38 9.38 8.55
CA GLN A 216 -21.98 9.18 8.95
C GLN A 216 -21.21 8.47 7.85
N CYS A 217 -21.85 7.51 7.19
CA CYS A 217 -21.22 6.68 6.16
C CYS A 217 -22.21 6.47 5.03
N THR A 218 -21.66 6.17 3.86
CA THR A 218 -22.47 5.83 2.70
C THR A 218 -22.96 4.39 2.80
N HIS A 219 -23.91 4.03 1.93
CA HIS A 219 -24.31 2.65 1.84
C HIS A 219 -23.16 1.88 1.18
N GLY A 220 -23.27 0.56 1.11
CA GLY A 220 -22.18 -0.19 0.52
C GLY A 220 -22.22 -0.02 -0.99
N ILE A 221 -21.02 0.13 -1.55
CA ILE A 221 -20.82 0.23 -3.00
C ILE A 221 -19.97 -0.95 -3.42
N LYS A 222 -20.44 -1.70 -4.40
CA LYS A 222 -19.67 -2.85 -4.85
C LYS A 222 -18.64 -2.40 -5.88
N PRO A 223 -17.36 -2.77 -5.74
CA PRO A 223 -16.37 -2.35 -6.77
C PRO A 223 -16.48 -3.22 -8.01
N VAL A 224 -17.60 -3.09 -8.72
CA VAL A 224 -17.84 -3.88 -9.92
C VAL A 224 -17.15 -3.18 -11.07
N VAL A 225 -16.37 -3.93 -11.83
CA VAL A 225 -15.61 -3.38 -12.96
C VAL A 225 -16.28 -3.84 -14.24
N SER A 226 -16.65 -2.88 -15.08
CA SER A 226 -17.24 -3.19 -16.37
C SER A 226 -17.11 -1.97 -17.27
N THR A 227 -17.33 -2.19 -18.56
CA THR A 227 -17.41 -1.14 -19.56
C THR A 227 -18.76 -1.19 -20.25
N GLN A 228 -19.13 -0.07 -20.88
CA GLN A 228 -20.35 0.06 -21.67
C GLN A 228 -21.64 -0.07 -20.88
N LEU A 229 -21.83 -1.17 -20.17
CA LEU A 229 -23.00 -1.41 -19.34
C LEU A 229 -22.61 -1.53 -17.88
N LEU A 230 -23.28 -0.78 -17.02
CA LEU A 230 -23.03 -0.82 -15.59
C LEU A 230 -23.81 -1.97 -14.99
N LEU A 231 -23.12 -2.86 -14.27
CA LEU A 231 -23.74 -4.03 -13.69
C LEU A 231 -23.86 -3.88 -12.17
N ASN A 232 -24.92 -4.49 -11.62
CA ASN A 232 -25.14 -4.60 -10.18
C ASN A 232 -25.06 -3.24 -9.48
N GLY A 233 -25.60 -2.21 -10.12
CA GLY A 233 -25.63 -0.87 -9.56
C GLY A 233 -26.97 -0.52 -8.95
N SER A 234 -27.17 0.77 -8.71
CA SER A 234 -28.39 1.28 -8.12
C SER A 234 -29.39 1.58 -9.22
N LEU A 235 -30.67 1.46 -8.89
CA LEU A 235 -31.75 1.81 -9.82
C LEU A 235 -32.35 3.17 -9.47
N ALA A 236 -32.90 3.82 -10.49
CA ALA A 236 -33.61 5.09 -10.32
C ALA A 236 -35.09 4.76 -10.11
N GLU A 237 -35.57 4.98 -8.88
CA GLU A 237 -36.92 4.53 -8.53
C GLU A 237 -38.01 5.14 -9.40
N GLU A 238 -37.88 6.43 -9.77
CA GLU A 238 -38.97 7.08 -10.50
C GLU A 238 -38.91 6.85 -12.01
N GLU A 239 -37.75 7.05 -12.62
CA GLU A 239 -37.64 6.95 -14.07
C GLU A 239 -36.18 6.83 -14.47
N VAL A 240 -35.95 6.63 -15.76
CA VAL A 240 -34.59 6.62 -16.27
C VAL A 240 -34.04 8.03 -16.15
N ILE A 241 -32.83 8.16 -15.59
CA ILE A 241 -32.18 9.46 -15.40
C ILE A 241 -30.96 9.55 -16.30
N ILE A 242 -30.88 10.61 -17.10
CA ILE A 242 -29.76 10.87 -18.00
C ILE A 242 -28.93 11.98 -17.39
N ARG A 243 -27.66 11.69 -17.07
CA ARG A 243 -26.78 12.63 -16.40
C ARG A 243 -25.56 12.89 -17.29
N SER A 244 -25.18 14.16 -17.43
CA SER A 244 -23.99 14.51 -18.20
C SER A 244 -23.38 15.77 -17.62
N GLU A 245 -22.08 15.93 -17.84
CA GLU A 245 -21.42 17.15 -17.40
C GLU A 245 -21.90 18.34 -18.23
N ASN A 246 -21.99 18.15 -19.54
CA ASN A 246 -22.47 19.17 -20.47
C ASN A 246 -23.09 18.42 -21.65
N ILE A 247 -24.42 18.33 -21.66
CA ILE A 247 -25.09 17.50 -22.66
C ILE A 247 -24.84 18.03 -24.07
N THR A 248 -24.62 19.34 -24.20
CA THR A 248 -24.32 19.93 -25.50
C THR A 248 -22.96 19.45 -26.02
N ASN A 249 -21.99 19.25 -25.13
CA ASN A 249 -20.63 18.89 -25.55
C ASN A 249 -20.53 17.40 -25.81
N ASN A 250 -20.25 17.03 -27.05
CA ASN A 250 -20.19 15.64 -27.46
C ASN A 250 -18.90 14.95 -27.02
N ALA A 251 -17.97 15.66 -26.39
CA ALA A 251 -16.73 15.08 -25.89
C ALA A 251 -16.86 14.52 -24.48
N LYS A 252 -18.01 14.67 -23.84
CA LYS A 252 -18.27 14.19 -22.49
C LYS A 252 -19.14 12.96 -22.57
N ASN A 253 -19.01 12.07 -21.59
CA ASN A 253 -19.82 10.87 -21.57
C ASN A 253 -21.15 11.16 -20.90
N ILE A 254 -22.15 10.36 -21.28
CA ILE A 254 -23.49 10.41 -20.74
C ILE A 254 -23.73 9.15 -19.93
N LEU A 255 -24.11 9.31 -18.66
CA LEU A 255 -24.39 8.19 -17.77
C LEU A 255 -25.90 8.07 -17.66
N VAL A 256 -26.44 6.91 -18.03
CA VAL A 256 -27.88 6.68 -18.01
C VAL A 256 -28.17 5.64 -16.93
N GLN A 257 -28.99 6.03 -15.95
CA GLN A 257 -29.38 5.16 -14.85
C GLN A 257 -30.78 4.65 -15.18
N LEU A 258 -30.95 3.33 -15.21
CA LEU A 258 -32.22 2.76 -15.63
C LEU A 258 -33.22 2.70 -14.50
N ASN A 259 -34.49 2.70 -14.87
CA ASN A 259 -35.58 2.57 -13.91
C ASN A 259 -35.78 1.13 -13.46
N THR A 260 -35.55 0.17 -14.35
CA THR A 260 -35.71 -1.24 -14.08
C THR A 260 -34.42 -1.95 -14.47
N PRO A 261 -34.08 -3.07 -13.83
CA PRO A 261 -32.91 -3.82 -14.25
C PRO A 261 -33.21 -4.63 -15.50
N VAL A 262 -32.16 -4.91 -16.27
CA VAL A 262 -32.27 -5.87 -17.38
C VAL A 262 -31.39 -7.05 -16.99
N GLN A 263 -31.96 -8.24 -16.96
CA GLN A 263 -31.19 -9.40 -16.53
C GLN A 263 -30.33 -9.90 -17.67
N ILE A 264 -29.06 -10.16 -17.37
CA ILE A 264 -28.10 -10.69 -18.34
C ILE A 264 -27.53 -11.99 -17.78
N ASN A 265 -27.66 -13.08 -18.55
CA ASN A 265 -27.18 -14.40 -18.17
C ASN A 265 -25.97 -14.75 -19.02
N CYS A 266 -24.77 -14.79 -18.42
CA CYS A 266 -23.54 -15.03 -19.14
C CYS A 266 -22.96 -16.37 -18.72
N THR A 267 -22.31 -17.04 -19.66
CA THR A 267 -21.70 -18.31 -19.36
C THR A 267 -20.52 -18.63 -20.26
N ARG A 268 -19.66 -19.50 -19.72
CA ARG A 268 -18.54 -20.14 -20.40
C ARG A 268 -18.88 -21.62 -20.25
N PRO A 269 -19.66 -22.18 -21.18
CA PRO A 269 -20.24 -23.52 -20.97
C PRO A 269 -19.24 -24.67 -21.02
N SER A 270 -18.06 -24.52 -21.61
CA SER A 270 -17.14 -25.65 -21.67
C SER A 270 -16.61 -26.02 -20.28
N ASN A 271 -16.43 -27.33 -20.09
CA ASN A 271 -15.87 -27.89 -18.85
C ASN A 271 -14.36 -28.01 -19.00
N ASN A 272 -13.62 -27.06 -18.45
CA ASN A 272 -12.18 -27.00 -18.63
C ASN A 272 -11.46 -27.75 -17.51
N THR A 273 -10.27 -28.23 -17.84
CA THR A 273 -9.39 -28.91 -16.88
C THR A 273 -8.14 -28.05 -16.74
N VAL A 274 -7.79 -27.75 -15.49
CA VAL A 274 -6.63 -26.94 -15.13
C VAL A 274 -5.49 -27.83 -14.64
N LYS A 275 -4.30 -27.59 -15.19
CA LYS A 275 -3.08 -28.30 -14.84
C LYS A 275 -2.12 -27.26 -14.26
N SER A 276 -1.13 -27.72 -13.50
CA SER A 276 -0.11 -26.81 -12.98
C SER A 276 1.25 -27.49 -12.96
N ILE A 277 2.29 -26.66 -13.05
CA ILE A 277 3.68 -27.07 -12.98
C ILE A 277 4.44 -26.13 -12.05
N ARG A 278 5.55 -26.63 -11.52
CA ARG A 278 6.45 -25.81 -10.73
C ARG A 278 7.44 -25.16 -11.68
N ILE A 279 7.75 -23.88 -11.45
CA ILE A 279 8.64 -23.13 -12.33
C ILE A 279 9.84 -22.55 -11.59
N GLY A 280 10.06 -22.96 -10.35
CA GLY A 280 11.12 -22.39 -9.56
C GLY A 280 11.04 -22.82 -8.12
N PRO A 281 11.96 -22.33 -7.31
CA PRO A 281 11.98 -22.74 -5.90
C PRO A 281 10.82 -22.19 -5.10
N GLY A 282 9.78 -23.00 -4.91
CA GLY A 282 8.61 -22.57 -4.18
C GLY A 282 7.59 -21.79 -4.97
N GLN A 283 7.64 -21.86 -6.30
CA GLN A 283 6.73 -21.13 -7.17
C GLN A 283 6.10 -22.12 -8.14
N ALA A 284 4.84 -21.86 -8.49
CA ALA A 284 4.12 -22.74 -9.41
C ALA A 284 3.31 -21.91 -10.39
N PHE A 285 3.21 -22.45 -11.60
CA PHE A 285 2.48 -21.84 -12.70
C PHE A 285 1.25 -22.66 -13.04
N TYR A 286 0.12 -21.98 -13.17
CA TYR A 286 -1.16 -22.60 -13.50
C TYR A 286 -1.47 -22.23 -14.95
N TYR A 287 -1.99 -23.20 -15.69
CA TYR A 287 -2.30 -22.98 -17.10
C TYR A 287 -3.51 -23.78 -17.52
N PHE A 288 -4.10 -23.35 -18.61
CA PHE A 288 -5.28 -24.00 -19.16
C PHE A 288 -4.85 -25.34 -19.72
N GLY A 289 -5.33 -26.42 -19.12
CA GLY A 289 -4.86 -27.76 -19.44
C GLY A 289 -5.57 -28.39 -20.62
N ASP A 290 -6.87 -28.65 -20.48
CA ASP A 290 -7.60 -29.31 -21.56
C ASP A 290 -9.07 -28.92 -21.50
N VAL A 291 -9.84 -29.41 -22.46
CA VAL A 291 -11.26 -29.17 -22.58
C VAL A 291 -11.97 -30.51 -22.64
N LEU A 292 -12.95 -30.72 -21.77
CA LEU A 292 -13.74 -31.94 -21.76
C LEU A 292 -15.00 -31.66 -22.56
N GLY A 293 -15.48 -32.67 -23.29
CA GLY A 293 -16.66 -32.40 -24.09
C GLY A 293 -16.31 -31.54 -25.29
N HIS A 294 -17.28 -30.74 -25.72
CA HIS A 294 -17.13 -29.91 -26.90
C HIS A 294 -16.55 -28.54 -26.54
N VAL A 295 -15.91 -27.92 -27.53
CA VAL A 295 -15.43 -26.55 -27.43
C VAL A 295 -16.59 -25.64 -27.79
N ARG A 296 -16.97 -24.76 -26.85
CA ARG A 296 -18.12 -23.87 -27.02
C ARG A 296 -17.72 -22.45 -26.69
N MET A 297 -18.31 -21.50 -27.42
CA MET A 297 -18.01 -20.09 -27.23
C MET A 297 -18.77 -19.54 -26.03
N ALA A 298 -18.11 -18.68 -25.27
CA ALA A 298 -18.79 -18.00 -24.17
C ALA A 298 -19.84 -17.06 -24.75
N HIS A 299 -20.92 -16.85 -24.01
CA HIS A 299 -21.95 -15.96 -24.53
C HIS A 299 -22.83 -15.42 -23.41
N CYS A 300 -23.57 -14.36 -23.73
CA CYS A 300 -24.53 -13.75 -22.82
C CYS A 300 -25.92 -13.65 -23.45
N ASN A 301 -26.95 -13.96 -22.67
CA ASN A 301 -28.34 -13.94 -23.10
C ASN A 301 -29.05 -12.77 -22.41
N ILE A 302 -29.61 -11.87 -23.22
CA ILE A 302 -30.39 -10.71 -22.75
C ILE A 302 -31.80 -10.82 -23.32
N SER A 303 -32.81 -10.66 -22.45
CA SER A 303 -34.19 -10.73 -22.94
C SER A 303 -34.42 -9.63 -23.97
N LYS A 304 -34.93 -10.01 -25.13
CA LYS A 304 -35.09 -9.07 -26.23
C LYS A 304 -36.14 -7.99 -25.94
N ALA A 305 -37.31 -8.39 -25.44
CA ALA A 305 -38.38 -7.43 -25.19
C ALA A 305 -38.00 -6.45 -24.09
N THR A 306 -37.32 -6.94 -23.05
CA THR A 306 -36.95 -6.06 -21.94
C THR A 306 -35.98 -5.00 -22.43
N TRP A 307 -34.99 -5.41 -23.22
CA TRP A 307 -34.02 -4.47 -23.76
C TRP A 307 -34.70 -3.44 -24.65
N ASN A 308 -35.63 -3.88 -25.50
CA ASN A 308 -36.32 -2.93 -26.38
C ASN A 308 -37.12 -1.91 -25.57
N GLU A 309 -37.78 -2.35 -24.50
CA GLU A 309 -38.50 -1.42 -23.63
C GLU A 309 -37.54 -0.46 -22.97
N THR A 310 -36.40 -0.97 -22.52
CA THR A 310 -35.40 -0.13 -21.85
C THR A 310 -34.92 0.96 -22.80
N LEU A 311 -34.65 0.59 -24.05
CA LEU A 311 -34.22 1.59 -25.00
C LEU A 311 -35.34 2.58 -25.24
N GLY A 312 -36.59 2.13 -25.29
CA GLY A 312 -37.67 3.07 -25.51
C GLY A 312 -37.70 4.14 -24.44
N LYS A 313 -37.47 3.74 -23.18
CA LYS A 313 -37.43 4.71 -22.08
C LYS A 313 -36.25 5.68 -22.24
N VAL A 314 -35.09 5.14 -22.64
CA VAL A 314 -33.92 6.00 -22.81
C VAL A 314 -34.16 6.98 -23.93
N VAL A 315 -34.76 6.52 -25.02
CA VAL A 315 -35.04 7.37 -26.16
C VAL A 315 -35.99 8.50 -25.77
N LYS A 316 -37.05 8.19 -25.00
CA LYS A 316 -37.95 9.26 -24.58
C LYS A 316 -37.22 10.31 -23.76
N GLN A 317 -36.33 9.90 -22.86
CA GLN A 317 -35.64 10.90 -22.05
C GLN A 317 -34.64 11.69 -22.91
N LEU A 318 -34.02 11.02 -23.86
CA LEU A 318 -33.11 11.73 -24.76
C LEU A 318 -33.86 12.72 -25.62
N ARG A 319 -35.07 12.35 -26.09
CA ARG A 319 -35.84 13.29 -26.88
C ARG A 319 -36.20 14.51 -26.05
N LYS A 320 -36.49 14.30 -24.76
CA LYS A 320 -36.76 15.44 -23.88
C LYS A 320 -35.57 16.40 -23.85
N HIS A 321 -34.36 15.85 -23.86
CA HIS A 321 -33.18 16.73 -23.89
C HIS A 321 -32.83 17.30 -25.26
N PHE A 322 -33.05 16.55 -26.33
CA PHE A 322 -32.63 16.92 -27.68
C PHE A 322 -33.75 17.33 -28.63
N GLY A 323 -35.00 17.29 -28.21
CA GLY A 323 -36.11 17.68 -29.09
C GLY A 323 -37.03 16.53 -29.45
N ASN A 324 -38.33 16.81 -29.43
CA ASN A 324 -39.34 15.79 -29.69
C ASN A 324 -39.28 15.21 -31.09
N ASN A 325 -38.86 16.00 -32.09
CA ASN A 325 -38.83 15.54 -33.48
C ASN A 325 -37.44 15.09 -33.94
N THR A 326 -36.50 14.90 -33.03
CA THR A 326 -35.16 14.45 -33.40
C THR A 326 -35.13 12.93 -33.44
N ILE A 327 -34.58 12.38 -34.52
CA ILE A 327 -34.46 10.93 -34.67
C ILE A 327 -33.23 10.50 -33.89
N ILE A 328 -33.37 9.45 -33.07
CA ILE A 328 -32.25 8.95 -32.27
C ILE A 328 -31.79 7.61 -32.82
N ARG A 329 -30.52 7.54 -33.19
CA ARG A 329 -29.91 6.35 -33.76
C ARG A 329 -28.87 5.82 -32.80
N PHE A 330 -28.72 4.49 -32.75
CA PHE A 330 -27.70 3.84 -31.95
C PHE A 330 -26.74 3.11 -32.88
N ALA A 331 -25.48 3.01 -32.46
CA ALA A 331 -24.48 2.29 -33.23
C ALA A 331 -23.46 1.65 -32.30
N GLN A 332 -22.68 0.74 -32.87
CA GLN A 332 -21.64 0.00 -32.17
C GLN A 332 -20.44 0.91 -31.93
N SER A 333 -19.61 0.53 -30.96
CA SER A 333 -18.41 1.28 -30.66
C SER A 333 -17.54 1.37 -31.93
N SER A 334 -17.00 2.56 -32.17
CA SER A 334 -16.26 2.85 -33.39
C SER A 334 -14.94 2.11 -33.53
N GLY A 335 -14.31 1.66 -32.44
CA GLY A 335 -13.05 0.97 -32.57
C GLY A 335 -12.11 1.27 -31.42
N GLY A 336 -10.88 0.79 -31.58
CA GLY A 336 -9.85 0.90 -30.57
C GLY A 336 -9.67 -0.39 -29.81
N ASP A 337 -9.11 -0.26 -28.60
CA ASP A 337 -8.77 -1.44 -27.81
C ASP A 337 -10.02 -2.28 -27.53
N LEU A 338 -9.83 -3.60 -27.53
CA LEU A 338 -10.94 -4.51 -27.29
C LEU A 338 -11.67 -4.20 -26.00
N GLU A 339 -10.94 -3.79 -24.96
CA GLU A 339 -11.57 -3.53 -23.68
C GLU A 339 -12.59 -2.40 -23.75
N VAL A 340 -12.40 -1.45 -24.66
CA VAL A 340 -13.34 -0.35 -24.82
C VAL A 340 -14.36 -0.65 -25.91
N THR A 341 -13.92 -1.29 -26.99
CA THR A 341 -14.81 -1.61 -28.09
C THR A 341 -15.93 -2.53 -27.65
N THR A 342 -15.59 -3.53 -26.85
CA THR A 342 -16.52 -4.52 -26.34
C THR A 342 -16.87 -4.29 -24.87
N HIS A 343 -17.91 -5.01 -24.44
CA HIS A 343 -18.31 -5.05 -23.04
C HIS A 343 -17.29 -5.92 -22.31
N SER A 344 -17.01 -5.59 -21.05
CA SER A 344 -16.04 -6.35 -20.26
C SER A 344 -16.56 -6.61 -18.86
N PHE A 345 -16.39 -7.84 -18.38
CA PHE A 345 -16.82 -8.13 -17.01
C PHE A 345 -16.05 -9.33 -16.45
N ASN A 346 -16.09 -9.44 -15.11
CA ASN A 346 -15.46 -10.52 -14.37
C ASN A 346 -16.51 -11.42 -13.70
N CYS A 347 -16.60 -12.68 -14.14
CA CYS A 347 -17.53 -13.67 -13.58
C CYS A 347 -16.77 -14.88 -13.08
N GLY A 348 -16.74 -15.06 -11.77
CA GLY A 348 -16.07 -16.18 -11.15
C GLY A 348 -14.59 -16.02 -11.05
N GLY A 349 -14.06 -14.91 -11.55
CA GLY A 349 -12.66 -14.64 -11.65
C GLY A 349 -12.21 -14.73 -13.09
N GLU A 350 -13.10 -15.14 -14.01
CA GLU A 350 -12.78 -15.20 -15.42
C GLU A 350 -13.13 -13.86 -16.02
N PHE A 351 -12.37 -13.44 -17.04
CA PHE A 351 -12.56 -12.15 -17.69
C PHE A 351 -13.18 -12.34 -19.06
N PHE A 352 -14.39 -11.82 -19.25
CA PHE A 352 -15.15 -11.97 -20.48
C PHE A 352 -15.16 -10.64 -21.22
N TYR A 353 -15.01 -10.72 -22.55
CA TYR A 353 -15.18 -9.58 -23.44
C TYR A 353 -16.28 -9.95 -24.42
N CYS A 354 -17.33 -9.13 -24.51
CA CYS A 354 -18.51 -9.48 -25.31
C CYS A 354 -18.85 -8.42 -26.33
N ASN A 355 -19.26 -8.88 -27.51
CA ASN A 355 -19.62 -8.02 -28.62
C ASN A 355 -21.05 -7.51 -28.44
N THR A 356 -21.20 -6.20 -28.29
CA THR A 356 -22.48 -5.56 -28.03
C THR A 356 -23.12 -4.95 -29.27
N SER A 357 -22.62 -5.27 -30.46
CA SER A 357 -23.21 -4.70 -31.67
C SER A 357 -24.66 -5.12 -31.84
N GLY A 358 -25.07 -6.23 -31.24
CA GLY A 358 -26.46 -6.66 -31.33
C GLY A 358 -27.42 -5.92 -30.43
N LEU A 359 -26.90 -5.12 -29.49
CA LEU A 359 -27.70 -4.34 -28.57
C LEU A 359 -27.90 -2.91 -29.03
N PHE A 360 -26.90 -2.32 -29.68
CA PHE A 360 -26.90 -0.93 -30.05
C PHE A 360 -27.10 -0.68 -31.54
N ASN A 361 -27.50 -1.69 -32.32
CA ASN A 361 -27.75 -1.49 -33.75
C ASN A 361 -29.26 -1.27 -33.91
N SER A 362 -29.66 -0.02 -34.06
CA SER A 362 -31.08 0.32 -34.15
C SER A 362 -31.30 1.82 -34.37
N THR A 363 -32.55 2.21 -34.51
CA THR A 363 -32.92 3.59 -34.80
C THR A 363 -34.30 3.79 -34.19
N TRP A 364 -34.63 5.04 -33.88
CA TRP A 364 -35.90 5.40 -33.29
C TRP A 364 -36.41 6.69 -33.90
N ILE A 365 -37.63 6.64 -34.43
CA ILE A 365 -38.27 7.77 -35.09
C ILE A 365 -39.64 7.94 -34.44
N SER A 366 -39.91 9.17 -33.99
CA SER A 366 -41.17 9.61 -33.34
C SER A 366 -42.35 8.65 -33.30
N ASP A 380 -37.93 -15.20 -26.71
CA ASP A 380 -36.91 -14.84 -27.69
C ASP A 380 -35.80 -14.03 -27.03
N SER A 381 -34.61 -14.61 -26.96
CA SER A 381 -33.46 -13.99 -26.32
C SER A 381 -32.42 -13.57 -27.35
N LEU A 382 -31.70 -12.49 -27.03
CA LEU A 382 -30.60 -12.00 -27.84
C LEU A 382 -29.31 -12.58 -27.26
N ILE A 383 -28.49 -13.18 -28.11
CA ILE A 383 -27.26 -13.85 -27.70
C ILE A 383 -26.07 -13.03 -28.19
N LEU A 384 -25.20 -12.64 -27.26
CA LEU A 384 -24.00 -11.89 -27.53
C LEU A 384 -22.80 -12.82 -27.47
N PRO A 385 -21.99 -12.99 -28.51
CA PRO A 385 -20.80 -13.84 -28.39
C PRO A 385 -19.75 -13.16 -27.53
N CYS A 386 -18.98 -13.96 -26.80
CA CYS A 386 -17.92 -13.46 -25.94
C CYS A 386 -16.63 -14.22 -26.15
N TRP A 387 -15.52 -13.54 -25.92
CA TRP A 387 -14.17 -14.10 -25.95
C TRP A 387 -13.59 -14.04 -24.55
N ILE A 388 -12.71 -14.99 -24.24
CA ILE A 388 -12.03 -15.07 -22.97
C ILE A 388 -10.57 -14.67 -23.19
N LYS A 389 -10.06 -13.79 -22.32
CA LYS A 389 -8.69 -13.30 -22.40
C LYS A 389 -8.08 -13.48 -21.02
N GLN A 390 -6.88 -14.05 -20.97
CA GLN A 390 -6.18 -14.30 -19.71
C GLN A 390 -5.20 -13.20 -19.30
N ILE A 391 -4.73 -12.38 -20.23
CA ILE A 391 -3.80 -11.30 -19.92
C ILE A 391 -4.59 -10.01 -19.83
N ILE A 392 -4.66 -9.44 -18.63
CA ILE A 392 -5.51 -8.31 -18.31
C ILE A 392 -4.63 -7.08 -18.05
N ASN A 393 -4.98 -5.95 -18.65
CA ASN A 393 -4.27 -4.68 -18.46
C ASN A 393 -5.34 -3.69 -17.99
N MET A 394 -5.50 -3.58 -16.67
CA MET A 394 -6.58 -2.78 -16.09
C MET A 394 -6.24 -1.29 -15.98
N TRP A 395 -7.29 -0.48 -16.02
CA TRP A 395 -7.25 0.97 -15.81
C TRP A 395 -6.30 1.70 -16.76
N GLN A 396 -6.18 1.22 -17.99
CA GLN A 396 -5.37 1.89 -19.02
C GLN A 396 -3.89 2.00 -18.66
N ARG A 397 -3.39 1.25 -17.69
CA ARG A 397 -1.99 1.37 -17.29
C ARG A 397 -1.09 0.48 -18.15
N ILE A 398 -0.09 1.09 -18.77
CA ILE A 398 0.88 0.39 -19.59
C ILE A 398 2.13 0.21 -18.74
N GLY A 399 2.64 -1.02 -18.71
CA GLY A 399 3.80 -1.37 -17.90
C GLY A 399 3.52 -2.42 -16.85
N GLN A 400 2.25 -2.71 -16.59
CA GLN A 400 1.84 -3.76 -15.67
C GLN A 400 0.87 -4.68 -16.40
N ALA A 401 0.91 -5.96 -16.03
CA ALA A 401 -0.03 -6.92 -16.58
C ALA A 401 -0.23 -8.02 -15.57
N MET A 402 -1.43 -8.62 -15.60
CA MET A 402 -1.78 -9.74 -14.74
C MET A 402 -2.16 -10.93 -15.61
N TYR A 403 -1.74 -12.11 -15.18
CA TYR A 403 -2.15 -13.36 -15.80
C TYR A 403 -3.29 -13.92 -14.95
N ALA A 404 -4.46 -14.08 -15.55
CA ALA A 404 -5.60 -14.60 -14.84
C ALA A 404 -5.58 -16.11 -14.93
N PRO A 405 -5.46 -16.85 -13.83
CA PRO A 405 -5.38 -18.31 -13.94
C PRO A 405 -6.71 -18.87 -14.43
N PRO A 406 -6.70 -20.03 -15.09
CA PRO A 406 -7.97 -20.62 -15.51
C PRO A 406 -8.74 -21.18 -14.33
N ILE A 407 -10.03 -21.33 -14.56
CA ILE A 407 -10.96 -21.92 -13.60
C ILE A 407 -11.50 -23.20 -14.21
N GLN A 408 -11.44 -24.28 -13.44
CA GLN A 408 -11.93 -25.55 -13.93
C GLN A 408 -13.45 -25.60 -13.80
N GLY A 409 -14.07 -26.44 -14.62
CA GLY A 409 -15.51 -26.57 -14.59
C GLY A 409 -16.17 -25.64 -15.58
N VAL A 410 -17.40 -25.25 -15.30
CA VAL A 410 -18.24 -24.46 -16.19
C VAL A 410 -18.61 -23.20 -15.43
N ILE A 411 -18.54 -22.05 -16.11
CA ILE A 411 -18.81 -20.77 -15.45
C ILE A 411 -20.15 -20.24 -15.91
N ARG A 412 -21.01 -19.89 -14.95
CA ARG A 412 -22.29 -19.26 -15.25
C ARG A 412 -22.51 -18.16 -14.22
N CYS A 413 -23.00 -17.00 -14.69
CA CYS A 413 -23.28 -15.88 -13.82
C CYS A 413 -24.51 -15.15 -14.34
N VAL A 414 -25.28 -14.57 -13.43
CA VAL A 414 -26.45 -13.77 -13.76
C VAL A 414 -26.29 -12.41 -13.10
N SER A 415 -26.36 -11.34 -13.88
CA SER A 415 -26.18 -9.99 -13.37
C SER A 415 -27.35 -9.10 -13.78
N ASN A 416 -27.46 -7.97 -13.08
CA ASN A 416 -28.43 -6.93 -13.40
C ASN A 416 -27.73 -5.81 -14.14
N ILE A 417 -28.25 -5.45 -15.30
CA ILE A 417 -27.79 -4.28 -16.03
C ILE A 417 -28.60 -3.11 -15.47
N THR A 418 -27.91 -2.14 -14.86
CA THR A 418 -28.55 -1.02 -14.20
C THR A 418 -28.29 0.32 -14.88
N GLY A 419 -27.33 0.40 -15.81
CA GLY A 419 -27.11 1.66 -16.49
C GLY A 419 -26.18 1.50 -17.66
N LEU A 420 -26.12 2.56 -18.47
CA LEU A 420 -25.32 2.61 -19.68
C LEU A 420 -24.39 3.81 -19.69
N ILE A 421 -23.26 3.66 -20.36
CA ILE A 421 -22.34 4.75 -20.65
C ILE A 421 -22.44 4.98 -22.14
N LEU A 422 -22.98 6.13 -22.55
CA LEU A 422 -23.16 6.44 -23.96
C LEU A 422 -22.34 7.66 -24.31
N THR A 423 -21.86 7.69 -25.56
CA THR A 423 -21.14 8.82 -26.11
C THR A 423 -21.95 9.30 -27.31
N ARG A 424 -22.26 10.60 -27.33
CA ARG A 424 -22.97 11.16 -28.47
C ARG A 424 -21.98 11.47 -29.59
N ASP A 425 -22.36 11.12 -30.81
CA ASP A 425 -21.52 11.36 -31.98
C ASP A 425 -21.20 12.84 -32.15
N THR A 432 -32.04 17.48 -36.41
CA THR A 432 -32.08 16.42 -37.41
C THR A 432 -32.04 15.05 -36.74
N THR A 433 -30.83 14.56 -36.46
CA THR A 433 -30.68 13.26 -35.83
C THR A 433 -29.38 13.25 -35.03
N GLU A 434 -29.36 12.43 -33.97
CA GLU A 434 -28.20 12.23 -33.13
C GLU A 434 -27.89 10.74 -33.06
N THR A 435 -26.60 10.42 -33.03
CA THR A 435 -26.13 9.04 -32.94
C THR A 435 -25.40 8.84 -31.62
N PHE A 436 -25.77 7.78 -30.91
CA PHE A 436 -25.17 7.43 -29.62
C PHE A 436 -24.47 6.08 -29.76
N ARG A 437 -23.31 5.95 -29.14
CA ARG A 437 -22.54 4.72 -29.15
C ARG A 437 -22.14 4.31 -27.73
N PRO A 438 -21.94 3.02 -27.46
CA PRO A 438 -21.44 2.62 -26.15
C PRO A 438 -19.99 3.02 -26.00
N GLY A 439 -19.56 3.19 -24.75
CA GLY A 439 -18.18 3.51 -24.50
C GLY A 439 -17.75 3.19 -23.09
N GLY A 440 -16.59 3.70 -22.73
CA GLY A 440 -16.01 3.42 -21.43
C GLY A 440 -14.49 3.53 -21.50
N GLY A 441 -13.84 2.90 -20.53
CA GLY A 441 -12.39 2.90 -20.41
C GLY A 441 -11.85 3.73 -19.28
N ASP A 442 -12.65 4.61 -18.69
CA ASP A 442 -12.26 5.43 -17.55
C ASP A 442 -13.17 4.97 -16.43
N MET A 443 -12.63 4.17 -15.51
CA MET A 443 -13.45 3.56 -14.47
C MET A 443 -14.11 4.55 -13.53
N ARG A 444 -13.63 5.80 -13.47
CA ARG A 444 -14.24 6.75 -12.56
C ARG A 444 -15.69 7.02 -12.93
N ASP A 445 -16.06 6.76 -14.18
CA ASP A 445 -17.43 7.00 -14.60
C ASP A 445 -18.36 6.02 -13.93
N ASN A 446 -17.88 4.81 -13.63
CA ASN A 446 -18.81 3.86 -13.03
C ASN A 446 -19.00 4.24 -11.58
N TRP A 447 -17.92 4.68 -10.94
CA TRP A 447 -17.97 5.00 -9.54
C TRP A 447 -18.75 6.28 -9.30
N ARG A 448 -18.63 7.22 -10.23
CA ARG A 448 -19.40 8.45 -10.12
C ARG A 448 -20.89 8.12 -10.18
N SER A 449 -21.26 7.12 -11.02
CA SER A 449 -22.66 6.73 -11.15
C SER A 449 -23.23 6.34 -9.80
N GLU A 450 -22.43 5.72 -8.94
CA GLU A 450 -22.90 5.38 -7.60
C GLU A 450 -22.71 6.50 -6.59
N LEU A 451 -21.62 7.27 -6.71
CA LEU A 451 -21.31 8.31 -5.73
C LEU A 451 -22.07 9.63 -5.88
N TYR A 452 -22.69 9.91 -7.03
CA TYR A 452 -23.35 11.19 -7.25
C TYR A 452 -24.29 11.63 -6.14
N LYS A 453 -24.96 10.69 -5.46
CA LYS A 453 -25.90 11.09 -4.41
C LYS A 453 -25.22 11.64 -3.16
N TYR A 454 -23.92 11.40 -2.97
CA TYR A 454 -23.23 11.82 -1.75
C TYR A 454 -22.28 12.98 -1.97
N LYS A 455 -22.21 13.86 -0.99
CA LYS A 455 -21.30 15.00 -0.92
C LYS A 455 -20.65 14.98 0.46
N VAL A 456 -19.38 15.40 0.54
CA VAL A 456 -18.67 15.48 1.82
C VAL A 456 -18.52 16.94 2.20
N VAL A 457 -18.91 17.27 3.44
CA VAL A 457 -18.78 18.64 3.93
C VAL A 457 -18.05 18.59 5.27
N LYS A 458 -17.45 19.74 5.61
CA LYS A 458 -16.77 19.94 6.88
C LYS A 458 -17.67 20.75 7.81
N ILE A 459 -17.68 20.36 9.07
CA ILE A 459 -18.44 21.07 10.10
C ILE A 459 -17.58 22.22 10.60
N GLU A 460 -18.18 23.41 10.71
CA GLU A 460 -17.51 24.61 11.19
C GLU A 460 -18.28 25.12 12.42
N PRO A 461 -18.15 24.43 13.57
CA PRO A 461 -19.02 24.62 14.73
C PRO A 461 -18.62 25.84 15.57
N LEU A 462 -18.48 26.98 14.90
CA LEU A 462 -18.07 28.19 15.61
C LEU A 462 -18.53 29.40 14.84
N GLY A 463 -19.24 30.29 15.52
CA GLY A 463 -19.71 31.49 14.85
C GLY A 463 -20.11 32.51 15.89
N VAL A 464 -20.53 33.68 15.39
CA VAL A 464 -20.89 34.80 16.22
C VAL A 464 -22.26 35.34 15.82
N ALA A 465 -22.90 36.05 16.74
CA ALA A 465 -24.17 36.68 16.42
C ALA A 465 -24.42 37.84 17.37
N PRO A 466 -25.21 38.85 16.98
CA PRO A 466 -25.55 39.92 17.91
C PRO A 466 -26.56 39.49 18.94
N THR A 467 -26.47 40.07 20.13
CA THR A 467 -27.51 39.92 21.15
C THR A 467 -27.39 41.10 22.11
N ARG A 468 -28.07 41.01 23.24
CA ARG A 468 -28.09 42.08 24.25
C ARG A 468 -27.53 41.57 25.58
N CYS A 469 -26.22 41.69 25.74
CA CYS A 469 -25.51 41.22 26.93
C CYS A 469 -24.23 42.05 27.03
N LYS A 470 -23.59 42.04 28.22
CA LYS A 470 -22.37 42.83 28.39
C LYS A 470 -21.25 42.10 29.13
N ARG A 471 -21.14 40.78 28.99
CA ARG A 471 -20.07 39.98 29.60
C ARG A 471 -20.06 39.91 31.12
N ARG A 472 -20.11 41.06 31.80
CA ARG A 472 -20.02 41.18 33.26
C ARG A 472 -18.61 40.82 33.72
N LEU B 9 -32.94 17.74 16.98
CA LEU B 9 -33.51 16.42 16.70
C LEU B 9 -32.43 15.35 16.51
N GLY B 10 -31.16 15.75 16.64
CA GLY B 10 -30.03 14.88 16.41
C GLY B 10 -28.91 15.70 15.82
N PHE B 11 -27.84 15.02 15.41
CA PHE B 11 -26.70 15.73 14.85
C PHE B 11 -27.15 16.52 13.62
N LEU B 12 -26.92 17.82 13.66
CA LEU B 12 -27.32 18.76 12.60
C LEU B 12 -28.82 18.76 12.38
N GLY B 13 -29.62 18.25 13.32
CA GLY B 13 -31.07 18.25 13.14
C GLY B 13 -31.64 19.64 13.00
N ALA B 14 -31.01 20.62 13.66
CA ALA B 14 -31.43 22.01 13.65
C ALA B 14 -30.86 22.82 12.49
N ALA B 15 -30.17 22.16 11.55
CA ALA B 15 -29.52 22.90 10.46
C ALA B 15 -30.49 23.78 9.69
N GLY B 16 -31.74 23.34 9.54
CA GLY B 16 -32.74 24.14 8.86
C GLY B 16 -33.60 24.95 9.81
N SER B 17 -33.31 24.91 11.11
CA SER B 17 -34.07 25.61 12.12
C SER B 17 -33.58 27.04 12.24
N THR B 18 -34.35 27.86 12.95
CA THR B 18 -33.94 29.24 13.11
C THR B 18 -32.75 29.30 14.06
N MET B 19 -32.06 30.43 14.03
CA MET B 19 -30.87 30.59 14.85
C MET B 19 -31.16 30.40 16.33
N GLY B 20 -32.29 30.92 16.81
CA GLY B 20 -32.62 30.75 18.22
C GLY B 20 -32.85 29.30 18.60
N ALA B 21 -33.72 28.61 17.86
CA ALA B 21 -34.05 27.24 18.22
C ALA B 21 -32.82 26.33 18.18
N ALA B 22 -31.93 26.57 17.21
CA ALA B 22 -30.78 25.69 17.08
C ALA B 22 -29.81 25.87 18.23
N SER B 23 -29.96 26.95 19.01
CA SER B 23 -29.03 27.18 20.09
C SER B 23 -29.18 26.10 21.14
N MET B 24 -30.33 25.41 21.18
CA MET B 24 -30.50 24.39 22.21
C MET B 24 -29.97 23.03 21.77
N THR B 25 -29.41 22.91 20.56
CA THR B 25 -28.86 21.64 20.08
C THR B 25 -27.35 21.65 20.01
N LEU B 26 -26.69 22.67 20.56
CA LEU B 26 -25.24 22.77 20.44
C LEU B 26 -24.53 21.56 21.05
N THR B 27 -25.12 21.02 22.12
CA THR B 27 -24.51 19.87 22.79
C THR B 27 -24.38 18.66 21.89
N VAL B 28 -25.38 18.37 21.04
CA VAL B 28 -25.26 17.14 20.26
C VAL B 28 -24.10 17.27 19.29
N GLN B 29 -23.92 18.47 18.74
CA GLN B 29 -22.83 18.64 17.79
C GLN B 29 -21.51 18.52 18.53
N ALA B 30 -21.45 19.06 19.75
CA ALA B 30 -20.22 19.00 20.52
C ALA B 30 -19.76 17.55 20.70
N ARG B 31 -20.72 16.64 20.89
CA ARG B 31 -20.33 15.24 21.07
C ARG B 31 -19.72 14.67 19.79
N ASN B 32 -20.32 14.97 18.64
CA ASN B 32 -19.88 14.40 17.36
C ASN B 32 -18.56 14.96 16.84
N LEU B 33 -18.16 16.17 17.22
CA LEU B 33 -16.95 16.76 16.66
C LEU B 33 -15.69 15.94 16.93
N LEU B 34 -15.61 15.25 18.05
CA LEU B 34 -14.44 14.45 18.36
C LEU B 34 -14.68 12.99 17.95
N GLY B 61 -5.25 2.25 6.19
CA GLY B 61 -4.03 2.09 6.95
C GLY B 61 -3.44 3.40 7.43
N ILE B 62 -2.47 3.90 6.65
CA ILE B 62 -1.81 5.16 6.99
C ILE B 62 -2.78 6.34 6.87
N LYS B 63 -3.72 6.27 5.94
CA LYS B 63 -4.64 7.39 5.77
C LYS B 63 -5.63 7.48 6.93
N GLN B 64 -5.93 6.37 7.61
CA GLN B 64 -6.82 6.48 8.76
C GLN B 64 -6.12 7.21 9.89
N LEU B 65 -4.81 6.96 10.03
CA LEU B 65 -4.03 7.66 11.03
C LEU B 65 -3.98 9.14 10.68
N GLN B 66 -3.81 9.46 9.39
CA GLN B 66 -3.76 10.84 8.97
C GLN B 66 -5.09 11.54 9.25
N ALA B 67 -6.21 10.83 9.01
CA ALA B 67 -7.52 11.40 9.27
C ALA B 67 -7.71 11.68 10.75
N ARG B 68 -7.24 10.76 11.61
CA ARG B 68 -7.38 10.98 13.04
C ARG B 68 -6.57 12.19 13.47
N VAL B 69 -5.36 12.33 12.92
CA VAL B 69 -4.52 13.46 13.29
C VAL B 69 -5.18 14.76 12.85
N LEU B 70 -5.75 14.79 11.65
CA LEU B 70 -6.38 16.02 11.19
C LEU B 70 -7.60 16.37 12.05
N ALA B 71 -8.41 15.37 12.39
CA ALA B 71 -9.59 15.64 13.21
C ALA B 71 -9.19 16.23 14.55
N VAL B 72 -8.11 15.69 15.14
CA VAL B 72 -7.64 16.21 16.42
C VAL B 72 -7.11 17.63 16.25
N GLU B 73 -6.34 17.87 15.20
CA GLU B 73 -5.79 19.20 14.97
C GLU B 73 -6.90 20.23 14.85
N HIS B 74 -7.97 19.92 14.10
CA HIS B 74 -9.04 20.90 13.95
C HIS B 74 -9.77 21.12 15.27
N TYR B 75 -10.00 20.04 16.01
CA TYR B 75 -10.68 20.16 17.29
C TYR B 75 -9.89 21.08 18.23
N LEU B 76 -8.59 20.83 18.34
CA LEU B 76 -7.79 21.64 19.24
C LEU B 76 -7.65 23.07 18.75
N ARG B 77 -7.61 23.30 17.43
CA ARG B 77 -7.54 24.68 16.97
C ARG B 77 -8.79 25.44 17.38
N ASP B 78 -9.95 24.79 17.30
CA ASP B 78 -11.17 25.49 17.70
C ASP B 78 -11.18 25.75 19.20
N GLN B 79 -10.70 24.77 19.99
CA GLN B 79 -10.69 25.00 21.43
C GLN B 79 -9.70 26.09 21.80
N GLN B 80 -8.53 26.14 21.15
CA GLN B 80 -7.57 27.18 21.45
C GLN B 80 -8.14 28.53 21.11
N LEU B 81 -8.84 28.63 19.97
CA LEU B 81 -9.37 29.91 19.54
C LEU B 81 -10.40 30.39 20.55
N LEU B 82 -11.26 29.49 21.02
CA LEU B 82 -12.23 29.89 22.06
C LEU B 82 -11.52 30.29 23.34
N GLY B 83 -10.46 29.56 23.71
CA GLY B 83 -9.73 29.87 24.93
C GLY B 83 -9.09 31.24 24.91
N ILE B 84 -8.53 31.62 23.76
CA ILE B 84 -7.88 32.93 23.64
C ILE B 84 -8.89 34.03 23.91
N TRP B 85 -10.14 33.85 23.47
CA TRP B 85 -11.18 34.84 23.67
C TRP B 85 -11.72 34.87 25.09
N GLY B 86 -11.30 33.94 25.95
CA GLY B 86 -11.80 33.84 27.31
C GLY B 86 -13.02 32.97 27.48
N CYS B 87 -13.39 32.20 26.47
CA CYS B 87 -14.57 31.34 26.48
C CYS B 87 -14.09 29.89 26.58
N SER B 88 -13.96 29.37 27.80
CA SER B 88 -13.42 28.02 27.96
C SER B 88 -14.56 27.02 28.08
N GLY B 89 -15.03 26.73 29.29
CA GLY B 89 -16.10 25.76 29.44
C GLY B 89 -17.46 26.33 29.14
N LYS B 90 -17.66 26.83 27.93
CA LYS B 90 -18.92 27.48 27.54
C LYS B 90 -19.33 27.07 26.14
N LEU B 91 -20.63 26.90 25.95
CA LEU B 91 -21.20 26.71 24.62
C LEU B 91 -21.75 28.03 24.09
N ILE B 92 -22.26 28.86 24.99
CA ILE B 92 -22.76 30.19 24.70
C ILE B 92 -21.89 31.11 25.55
N CYS B 93 -21.20 32.05 24.90
CA CYS B 93 -20.28 32.93 25.60
C CYS B 93 -20.46 34.36 25.15
N CYS B 94 -20.77 35.25 26.10
CA CYS B 94 -21.00 36.66 25.83
C CYS B 94 -19.75 37.45 26.13
N THR B 95 -19.33 38.28 25.17
CA THR B 95 -18.21 39.19 25.32
C THR B 95 -18.71 40.63 25.37
N ASN B 96 -17.76 41.52 25.62
CA ASN B 96 -18.03 42.96 25.73
C ASN B 96 -17.69 43.72 24.46
N VAL B 97 -17.39 43.04 23.36
CA VAL B 97 -17.14 43.71 22.09
C VAL B 97 -18.46 44.14 21.47
N PRO B 98 -18.67 45.43 21.16
CA PRO B 98 -19.95 45.87 20.59
C PRO B 98 -20.11 45.40 19.16
N TRP B 99 -21.36 45.27 18.72
CA TRP B 99 -21.65 44.94 17.33
C TRP B 99 -21.64 46.22 16.51
N ASN B 100 -20.89 46.21 15.42
CA ASN B 100 -20.83 47.31 14.48
C ASN B 100 -21.94 47.15 13.45
N SER B 101 -22.68 48.24 13.19
CA SER B 101 -23.78 48.18 12.24
C SER B 101 -23.31 47.92 10.81
N SER B 102 -22.03 48.10 10.53
CA SER B 102 -21.46 47.82 9.22
C SER B 102 -21.43 46.34 8.91
N TRP B 103 -21.55 45.48 9.93
CA TRP B 103 -21.49 44.03 9.74
C TRP B 103 -22.87 43.46 9.41
N SER B 104 -23.37 43.89 8.24
CA SER B 104 -24.64 43.45 7.68
C SER B 104 -25.80 43.52 8.69
N ASN B 105 -25.93 44.66 9.37
CA ASN B 105 -27.03 44.80 10.32
C ASN B 105 -28.36 44.72 9.60
N ARG B 106 -29.27 43.88 10.11
CA ARG B 106 -30.61 43.75 9.57
C ARG B 106 -31.63 43.53 10.71
N ASN B 107 -31.68 44.48 11.65
CA ASN B 107 -32.53 44.39 12.83
C ASN B 107 -32.03 43.22 13.68
N LEU B 108 -32.66 42.93 14.82
CA LEU B 108 -32.30 41.80 15.67
C LEU B 108 -33.31 40.67 15.62
N SER B 109 -34.60 40.97 15.55
CA SER B 109 -35.59 39.90 15.63
C SER B 109 -35.56 39.03 14.37
N GLU B 110 -35.21 39.62 13.24
CA GLU B 110 -35.13 38.86 11.99
C GLU B 110 -34.02 37.84 12.05
N ILE B 111 -32.89 38.20 12.66
CA ILE B 111 -31.73 37.33 12.69
C ILE B 111 -32.03 36.06 13.49
N TRP B 112 -32.64 36.21 14.67
CA TRP B 112 -32.90 35.06 15.51
C TRP B 112 -34.18 34.30 15.17
N ASP B 113 -35.23 34.98 14.69
CA ASP B 113 -36.50 34.31 14.45
C ASP B 113 -36.74 33.87 13.01
N ASN B 114 -36.16 34.54 12.01
CA ASN B 114 -36.38 34.18 10.61
C ASN B 114 -35.19 33.49 9.95
N MET B 115 -33.98 33.95 10.21
CA MET B 115 -32.80 33.39 9.57
C MET B 115 -32.31 32.11 10.23
N THR B 116 -31.66 31.28 9.43
CA THR B 116 -31.01 30.06 9.87
C THR B 116 -29.51 30.33 9.97
N TRP B 117 -28.78 29.41 10.60
CA TRP B 117 -27.36 29.66 10.77
C TRP B 117 -26.58 29.62 9.46
N LEU B 118 -27.03 28.86 8.47
CA LEU B 118 -26.27 28.82 7.22
C LEU B 118 -26.34 30.17 6.52
N GLN B 119 -27.53 30.78 6.53
CA GLN B 119 -27.71 32.06 5.87
C GLN B 119 -26.95 33.15 6.59
N TRP B 120 -27.02 33.13 7.92
CA TRP B 120 -26.34 34.14 8.71
C TRP B 120 -24.83 34.03 8.53
N ASP B 121 -24.30 32.81 8.59
CA ASP B 121 -22.86 32.65 8.45
C ASP B 121 -22.41 33.13 7.09
N LYS B 122 -23.18 32.86 6.04
CA LYS B 122 -22.81 33.35 4.72
C LYS B 122 -22.82 34.87 4.68
N GLU B 123 -23.86 35.49 5.25
CA GLU B 123 -24.01 36.95 5.16
C GLU B 123 -22.86 37.72 5.80
N ILE B 124 -22.33 37.25 6.93
CA ILE B 124 -21.25 37.98 7.61
C ILE B 124 -19.91 37.26 7.50
N SER B 125 -19.73 36.40 6.49
CA SER B 125 -18.46 35.70 6.35
C SER B 125 -17.30 36.67 6.17
N ASN B 126 -17.53 37.75 5.43
CA ASN B 126 -16.44 38.66 5.09
C ASN B 126 -15.94 39.49 6.26
N TYR B 127 -16.61 39.44 7.42
CA TYR B 127 -16.19 40.20 8.58
C TYR B 127 -15.71 39.28 9.70
N THR B 128 -15.64 37.97 9.42
CA THR B 128 -15.31 37.01 10.48
C THR B 128 -13.94 37.28 11.09
N GLN B 129 -12.96 37.55 10.24
CA GLN B 129 -11.60 37.72 10.77
C GLN B 129 -11.52 39.00 11.57
N ILE B 130 -12.29 40.01 11.18
CA ILE B 130 -12.24 41.28 11.89
C ILE B 130 -12.74 41.06 13.30
N ILE B 131 -13.84 40.33 13.41
CA ILE B 131 -14.44 40.10 14.72
C ILE B 131 -13.46 39.32 15.57
N TYR B 132 -12.82 38.30 14.98
CA TYR B 132 -11.91 37.48 15.78
C TYR B 132 -10.78 38.32 16.34
N GLY B 133 -10.24 39.25 15.55
CA GLY B 133 -9.15 40.05 16.06
C GLY B 133 -9.58 40.89 17.25
N LEU B 134 -10.78 41.45 17.18
CA LEU B 134 -11.25 42.27 18.28
C LEU B 134 -11.43 41.43 19.53
N LEU B 135 -11.89 40.20 19.35
CA LEU B 135 -12.14 39.36 20.51
C LEU B 135 -10.83 39.06 21.23
N GLU B 136 -9.77 38.83 20.47
CA GLU B 136 -8.52 38.49 21.11
C GLU B 136 -8.00 39.67 21.91
N GLU B 137 -8.15 40.86 21.34
CA GLU B 137 -7.60 42.04 22.01
C GLU B 137 -8.37 42.30 23.28
N SER B 138 -9.69 42.14 23.21
CA SER B 138 -10.49 42.44 24.39
C SER B 138 -10.13 41.51 25.54
N GLN B 139 -9.94 40.22 25.24
CA GLN B 139 -9.65 39.31 26.34
C GLN B 139 -8.33 39.63 26.98
N ASN B 140 -7.33 40.02 26.18
CA ASN B 140 -6.04 40.30 26.80
C ASN B 140 -6.14 41.53 27.68
N GLN B 141 -6.91 42.53 27.24
CA GLN B 141 -7.03 43.72 28.05
C GLN B 141 -7.74 43.40 29.35
N GLN B 142 -8.75 42.53 29.27
CA GLN B 142 -9.48 42.19 30.48
C GLN B 142 -8.59 41.48 31.48
N GLU B 143 -7.72 40.59 30.99
CA GLU B 143 -6.87 39.88 31.95
C GLU B 143 -5.91 40.85 32.63
N LYS B 144 -5.40 41.83 31.89
CA LYS B 144 -4.49 42.78 32.52
C LYS B 144 -5.25 43.56 33.58
N ASN B 145 -6.48 43.96 33.27
CA ASN B 145 -7.25 44.73 34.23
C ASN B 145 -7.52 43.90 35.47
N GLU B 146 -7.78 42.60 35.27
CA GLU B 146 -8.05 41.76 36.42
C GLU B 146 -6.81 41.66 37.29
N GLN B 147 -5.64 41.54 36.67
CA GLN B 147 -4.43 41.43 37.48
C GLN B 147 -4.25 42.69 38.30
N ASP B 148 -4.54 43.85 37.70
CA ASP B 148 -4.34 45.08 38.45
C ASP B 148 -5.37 45.18 39.56
N LEU B 149 -6.60 44.76 39.27
CA LEU B 149 -7.61 44.82 40.31
C LEU B 149 -7.27 43.82 41.39
N LEU B 150 -6.73 42.67 40.99
CA LEU B 150 -6.32 41.69 41.98
C LEU B 150 -5.13 42.20 42.76
N ALA B 151 -4.21 42.91 42.09
CA ALA B 151 -3.03 43.44 42.75
C ALA B 151 -3.36 44.39 43.89
N LEU B 152 -4.43 45.17 43.77
CA LEU B 152 -4.78 46.10 44.84
C LEU B 152 -5.11 45.33 46.11
N ASP B 153 -4.48 45.73 47.21
CA ASP B 153 -4.67 45.07 48.51
C ASP B 153 -5.62 45.88 49.39
N ASN C 3 -30.94 15.45 48.89
CA ASN C 3 -29.90 15.20 49.87
C ASN C 3 -28.58 14.82 49.19
N LEU C 4 -28.67 13.99 48.16
CA LEU C 4 -27.52 13.49 47.43
C LEU C 4 -27.54 14.01 45.99
N TRP C 5 -26.36 14.36 45.48
CA TRP C 5 -26.20 14.80 44.09
C TRP C 5 -24.99 14.13 43.45
N VAL C 6 -25.00 14.11 42.12
CA VAL C 6 -23.93 13.53 41.33
C VAL C 6 -22.70 14.42 41.40
N THR C 7 -21.54 13.82 41.72
CA THR C 7 -20.25 14.49 41.64
C THR C 7 -19.33 13.70 40.72
N VAL C 8 -18.67 14.42 39.81
CA VAL C 8 -17.77 13.84 38.82
C VAL C 8 -16.33 14.01 39.30
N TYR C 9 -15.59 12.91 39.34
CA TYR C 9 -14.21 12.87 39.81
C TYR C 9 -13.28 12.47 38.67
N TYR C 10 -12.33 13.33 38.32
CA TYR C 10 -11.38 13.05 37.24
C TYR C 10 -10.03 12.71 37.85
N GLY C 11 -9.43 11.62 37.36
CA GLY C 11 -8.17 11.12 37.87
C GLY C 11 -8.34 9.93 38.79
N VAL C 12 -9.52 9.32 38.77
CA VAL C 12 -9.85 8.17 39.62
C VAL C 12 -9.00 6.95 39.26
N PRO C 13 -8.33 6.29 40.25
CA PRO C 13 -7.43 5.15 39.99
C PRO C 13 -8.15 3.83 39.69
N VAL C 14 -8.88 3.78 38.57
CA VAL C 14 -9.57 2.56 38.15
C VAL C 14 -9.17 2.21 36.73
N TRP C 15 -9.38 0.95 36.37
CA TRP C 15 -9.01 0.46 35.06
C TRP C 15 -9.89 -0.70 34.61
N LYS C 16 -9.83 -0.97 33.31
CA LYS C 16 -10.51 -2.09 32.68
C LYS C 16 -9.49 -2.85 31.85
N ASP C 17 -9.73 -4.14 31.67
CA ASP C 17 -8.83 -4.94 30.83
C ASP C 17 -8.83 -4.40 29.41
N ALA C 18 -7.66 -4.35 28.78
CA ALA C 18 -7.58 -3.84 27.42
C ALA C 18 -6.44 -4.49 26.66
N GLU C 19 -6.57 -4.48 25.34
CA GLU C 19 -5.58 -4.98 24.38
C GLU C 19 -5.10 -3.80 23.56
N THR C 20 -3.83 -3.40 23.73
CA THR C 20 -3.30 -2.25 23.03
C THR C 20 -1.90 -2.54 22.48
N THR C 21 -1.33 -1.52 21.83
CA THR C 21 0.00 -1.57 21.25
C THR C 21 1.03 -1.17 22.30
N LEU C 22 2.03 -2.02 22.49
CA LEU C 22 3.12 -1.77 23.44
C LEU C 22 4.40 -1.36 22.72
N PHE C 23 5.22 -0.60 23.43
CA PHE C 23 6.50 -0.11 22.92
C PHE C 23 7.62 -1.05 23.32
N CYS C 24 8.65 -1.12 22.49
CA CYS C 24 9.85 -1.88 22.80
C CYS C 24 10.91 -0.94 23.32
N ALA C 25 11.76 -1.45 24.20
CA ALA C 25 12.92 -0.69 24.68
C ALA C 25 14.08 -1.64 24.92
N SER C 26 15.29 -1.12 24.70
CA SER C 26 16.52 -1.86 24.95
C SER C 26 17.55 -0.93 25.58
N ASP C 27 18.11 -1.36 26.70
CA ASP C 27 19.07 -0.54 27.43
C ASP C 27 20.44 -0.59 26.76
N HIS C 36 25.75 -5.51 14.52
CA HIS C 36 24.30 -5.41 14.59
C HIS C 36 23.67 -6.71 15.06
N ASN C 37 22.49 -6.59 15.64
CA ASN C 37 21.69 -7.71 16.11
C ASN C 37 20.49 -7.92 15.18
N VAL C 38 19.98 -9.15 15.17
CA VAL C 38 18.74 -9.43 14.45
C VAL C 38 17.62 -8.60 15.03
N TRP C 39 17.60 -8.45 16.35
CA TRP C 39 16.55 -7.69 17.02
C TRP C 39 17.01 -6.24 17.05
N ALA C 40 16.11 -5.34 16.70
CA ALA C 40 16.46 -3.93 16.58
C ALA C 40 16.95 -3.34 17.89
N THR C 41 17.95 -2.48 17.78
CA THR C 41 18.47 -1.69 18.90
C THR C 41 18.25 -0.20 18.69
N HIS C 42 18.06 0.25 17.45
CA HIS C 42 17.86 1.65 17.15
C HIS C 42 16.39 2.04 17.20
N ALA C 43 15.49 1.06 17.16
CA ALA C 43 14.05 1.25 17.20
C ALA C 43 13.49 1.12 18.60
N CYS C 44 14.27 0.61 19.54
CA CYS C 44 13.80 0.27 20.89
C CYS C 44 14.69 0.98 21.91
N VAL C 45 14.68 2.30 21.82
CA VAL C 45 15.56 3.17 22.61
C VAL C 45 14.93 3.76 23.86
N PRO C 46 13.57 3.76 24.08
CA PRO C 46 13.13 4.44 25.33
C PRO C 46 13.37 3.60 26.58
N THR C 47 14.64 3.45 26.93
CA THR C 47 15.04 2.68 28.10
C THR C 47 14.78 3.49 29.37
N ASP C 48 14.97 2.84 30.51
CA ASP C 48 14.75 3.46 31.82
C ASP C 48 15.81 2.92 32.78
N PRO C 49 16.88 3.68 33.04
CA PRO C 49 17.93 3.18 33.96
C PRO C 49 17.45 2.91 35.37
N ASN C 50 16.31 3.46 35.79
CA ASN C 50 15.80 3.31 37.16
C ASN C 50 14.32 2.98 37.14
N PRO C 51 13.96 1.78 36.67
CA PRO C 51 12.52 1.45 36.54
C PRO C 51 11.88 1.41 37.92
N GLN C 52 10.66 1.92 37.99
CA GLN C 52 9.90 1.96 39.24
C GLN C 52 8.68 1.03 39.16
N GLU C 53 8.21 0.65 40.34
CA GLU C 53 6.97 -0.10 40.47
C GLU C 53 6.25 0.43 41.69
N ILE C 54 4.93 0.46 41.62
CA ILE C 54 4.08 0.90 42.73
C ILE C 54 3.28 -0.29 43.21
N HIS C 55 3.55 -0.74 44.43
CA HIS C 55 2.81 -1.88 44.97
C HIS C 55 1.38 -1.41 45.22
N LEU C 56 0.40 -2.23 44.83
CA LEU C 56 -1.00 -1.90 45.07
C LEU C 56 -1.50 -2.70 46.26
N GLU C 57 -1.54 -2.06 47.42
CA GLU C 57 -1.95 -2.77 48.63
C GLU C 57 -3.46 -2.98 48.57
N ASN C 58 -3.91 -4.13 49.08
CA ASN C 58 -5.34 -4.46 49.12
C ASN C 58 -5.96 -4.57 47.73
N VAL C 59 -5.17 -4.77 46.68
CA VAL C 59 -5.68 -4.93 45.32
C VAL C 59 -5.40 -6.36 44.85
N THR C 60 -6.47 -7.06 44.48
CA THR C 60 -6.41 -8.41 43.94
C THR C 60 -7.02 -8.37 42.55
N GLU C 61 -6.28 -8.86 41.55
CA GLU C 61 -6.76 -8.85 40.16
C GLU C 61 -6.77 -10.26 39.61
N GLU C 62 -7.65 -10.53 38.65
CA GLU C 62 -7.68 -11.83 38.01
C GLU C 62 -6.83 -11.80 36.75
N PHE C 63 -5.88 -12.72 36.66
CA PHE C 63 -4.95 -12.86 35.55
C PHE C 63 -5.28 -14.13 34.78
N ASN C 64 -4.99 -14.10 33.48
CA ASN C 64 -5.16 -15.28 32.64
C ASN C 64 -4.05 -15.23 31.58
N MET C 65 -3.01 -16.05 31.77
CA MET C 65 -1.89 -16.00 30.85
C MET C 65 -2.25 -16.56 29.49
N TRP C 66 -3.21 -17.49 29.43
CA TRP C 66 -3.57 -18.13 28.18
C TRP C 66 -4.28 -17.17 27.24
N LYS C 67 -4.95 -16.16 27.81
CA LYS C 67 -5.67 -15.14 27.06
C LYS C 67 -4.90 -13.82 27.02
N ASN C 68 -3.63 -13.82 27.40
CA ASN C 68 -2.83 -12.61 27.53
C ASN C 68 -2.40 -12.15 26.14
N ASN C 69 -2.98 -11.03 25.69
CA ASN C 69 -2.73 -10.49 24.36
C ASN C 69 -1.27 -10.11 24.15
N MET C 70 -0.49 -9.92 25.22
CA MET C 70 0.89 -9.52 25.07
C MET C 70 1.71 -10.56 24.33
N VAL C 71 1.33 -11.84 24.44
CA VAL C 71 2.10 -12.89 23.80
C VAL C 71 1.97 -12.81 22.29
N GLU C 72 0.75 -12.60 21.79
CA GLU C 72 0.56 -12.54 20.35
C GLU C 72 1.27 -11.33 19.77
N GLN C 73 1.24 -10.21 20.49
CA GLN C 73 1.90 -9.01 19.98
C GLN C 73 3.40 -9.22 19.98
N MET C 74 3.94 -9.88 21.01
CA MET C 74 5.37 -10.15 21.02
C MET C 74 5.74 -11.05 19.86
N HIS C 75 4.89 -12.05 19.59
CA HIS C 75 5.14 -12.97 18.49
C HIS C 75 5.24 -12.20 17.18
N GLU C 76 4.29 -11.30 16.95
CA GLU C 76 4.31 -10.51 15.73
C GLU C 76 5.56 -9.63 15.67
N ASP C 77 5.96 -9.06 16.81
CA ASP C 77 7.15 -8.22 16.80
C ASP C 77 8.38 -9.02 16.44
N ILE C 78 8.49 -10.24 16.95
CA ILE C 78 9.67 -11.05 16.64
C ILE C 78 9.68 -11.42 15.17
N ILE C 79 8.51 -11.77 14.62
CA ILE C 79 8.47 -12.14 13.20
C ILE C 79 8.86 -10.94 12.36
N SER C 80 8.33 -9.76 12.68
CA SER C 80 8.65 -8.59 11.88
C SER C 80 10.13 -8.24 11.96
N LEU C 81 10.71 -8.32 13.17
CA LEU C 81 12.13 -7.99 13.27
C LEU C 81 12.97 -9.01 12.52
N TRP C 82 12.59 -10.29 12.60
CA TRP C 82 13.30 -11.34 11.90
C TRP C 82 13.33 -11.08 10.40
N ASP C 83 12.15 -10.78 9.84
CA ASP C 83 12.08 -10.57 8.40
C ASP C 83 12.80 -9.29 7.99
N GLN C 84 12.73 -8.24 8.81
CA GLN C 84 13.44 -7.02 8.44
C GLN C 84 14.93 -7.26 8.43
N SER C 85 15.42 -8.01 9.41
CA SER C 85 16.85 -8.31 9.50
C SER C 85 17.32 -9.18 8.34
N LEU C 86 16.57 -10.23 8.01
CA LEU C 86 16.99 -11.17 6.97
C LEU C 86 16.83 -10.61 5.56
N LYS C 87 15.74 -9.89 5.29
CA LYS C 87 15.42 -9.36 3.96
C LYS C 87 16.58 -8.71 3.20
N PRO C 88 17.26 -7.68 3.74
CA PRO C 88 18.32 -7.01 2.96
C PRO C 88 19.64 -7.77 2.94
N CYS C 89 19.62 -8.98 2.38
CA CYS C 89 20.79 -9.86 2.36
C CYS C 89 20.81 -10.60 1.02
N VAL C 90 21.89 -11.34 0.79
CA VAL C 90 22.09 -12.03 -0.48
C VAL C 90 21.06 -13.15 -0.62
N LYS C 91 20.40 -13.19 -1.78
CA LYS C 91 19.41 -14.22 -2.11
C LYS C 91 20.11 -15.28 -2.94
N LEU C 92 20.12 -16.53 -2.46
CA LEU C 92 20.89 -17.59 -3.10
C LEU C 92 20.10 -18.38 -4.14
N THR C 93 19.41 -17.68 -5.05
CA THR C 93 18.68 -18.39 -6.10
C THR C 93 19.61 -19.22 -6.97
N PRO C 94 20.77 -18.73 -7.42
CA PRO C 94 21.64 -19.56 -8.28
C PRO C 94 22.15 -20.82 -7.61
N LEU C 95 22.03 -20.97 -6.29
CA LEU C 95 22.55 -22.14 -5.60
C LEU C 95 21.66 -23.38 -5.75
N CYS C 96 20.40 -23.22 -6.14
CA CYS C 96 19.50 -24.37 -6.27
C CYS C 96 19.76 -25.08 -7.60
N VAL C 97 20.85 -25.84 -7.61
CA VAL C 97 21.36 -26.53 -8.79
C VAL C 97 21.56 -27.99 -8.42
N THR C 98 21.81 -28.82 -9.43
CA THR C 98 22.07 -30.24 -9.17
C THR C 98 23.47 -30.35 -8.59
N LEU C 99 23.60 -31.10 -7.50
CA LEU C 99 24.87 -31.33 -6.84
C LEU C 99 25.36 -32.75 -7.09
N GLN C 100 26.66 -32.90 -7.28
CA GLN C 100 27.30 -34.21 -7.41
C GLN C 100 28.09 -34.44 -6.13
N CYS C 101 27.50 -35.18 -5.20
CA CYS C 101 28.04 -35.31 -3.84
C CYS C 101 28.59 -36.71 -3.58
N THR C 102 29.66 -36.77 -2.80
CA THR C 102 30.19 -38.00 -2.23
C THR C 102 30.45 -37.75 -0.75
N ASN C 103 30.91 -38.78 -0.05
CA ASN C 103 31.16 -38.65 1.39
C ASN C 103 32.46 -37.90 1.65
N TYR C 104 32.39 -36.97 2.60
CA TYR C 104 33.55 -36.16 2.97
C TYR C 104 34.73 -36.99 3.44
N ALA C 105 34.48 -37.94 4.34
CA ALA C 105 35.56 -38.76 4.93
C ALA C 105 35.12 -40.21 5.05
N PRO C 106 35.18 -40.98 3.96
CA PRO C 106 34.68 -42.36 3.99
C PRO C 106 35.35 -43.25 5.02
N LYS C 107 36.54 -42.88 5.49
CA LYS C 107 37.26 -43.70 6.47
C LYS C 107 36.93 -43.32 7.91
N LEU C 108 36.08 -42.31 8.12
CA LEU C 108 35.67 -41.95 9.47
C LEU C 108 34.71 -43.02 9.95
N ARG C 109 34.91 -43.51 11.17
CA ARG C 109 34.08 -44.58 11.72
C ARG C 109 33.26 -44.13 12.92
N SER C 110 33.15 -42.83 13.15
CA SER C 110 32.36 -42.27 14.24
C SER C 110 30.90 -42.23 13.81
N MET C 111 30.03 -41.85 14.74
CA MET C 111 28.60 -41.73 14.41
C MET C 111 28.31 -40.55 13.47
N MET C 112 29.32 -39.73 13.15
CA MET C 112 29.25 -38.61 12.22
C MET C 112 29.60 -39.05 10.79
N ARG C 113 29.84 -40.35 10.56
CA ARG C 113 30.15 -40.85 9.23
C ARG C 113 28.97 -40.65 8.29
N GLY C 114 29.23 -40.08 7.12
CA GLY C 114 28.21 -39.91 6.11
C GLY C 114 27.39 -38.64 6.25
N GLU C 115 27.65 -37.84 7.28
CA GLU C 115 26.89 -36.63 7.53
C GLU C 115 27.37 -35.44 6.71
N ILE C 116 28.65 -35.39 6.32
CA ILE C 116 29.20 -34.27 5.56
C ILE C 116 29.54 -34.77 4.17
N LYS C 117 29.02 -34.08 3.16
CA LYS C 117 29.22 -34.41 1.74
C LYS C 117 30.12 -33.46 0.97
N ASN C 118 30.77 -33.99 -0.08
CA ASN C 118 31.72 -33.24 -0.90
C ASN C 118 31.01 -32.19 -1.75
N CYS C 119 29.93 -32.59 -2.44
CA CYS C 119 29.01 -31.76 -3.24
C CYS C 119 29.63 -30.78 -4.25
N SER C 120 30.42 -31.31 -5.18
CA SER C 120 30.96 -30.55 -6.31
C SER C 120 29.86 -30.00 -7.24
N PHE C 121 29.64 -28.67 -7.32
CA PHE C 121 28.62 -28.13 -8.23
C PHE C 121 29.12 -26.94 -9.06
N ASN C 122 28.31 -26.57 -10.08
CA ASN C 122 28.55 -25.44 -10.98
C ASN C 122 27.82 -24.16 -10.55
N MET C 123 28.55 -23.21 -9.98
CA MET C 123 28.01 -21.95 -9.49
C MET C 123 28.31 -20.83 -10.48
N THR C 124 27.47 -19.79 -10.46
CA THR C 124 27.66 -18.62 -11.31
C THR C 124 28.78 -17.73 -10.78
N THR C 125 29.21 -16.78 -11.61
CA THR C 125 30.29 -15.85 -11.27
C THR C 125 29.80 -14.42 -11.40
N GLU C 126 30.71 -13.47 -11.18
CA GLU C 126 30.37 -12.06 -11.26
C GLU C 126 29.78 -11.72 -12.62
N LEU C 127 30.28 -12.34 -13.69
CA LEU C 127 29.79 -12.06 -15.03
C LEU C 127 28.78 -13.14 -15.42
N ARG C 128 27.73 -12.72 -16.13
CA ARG C 128 26.72 -13.66 -16.59
C ARG C 128 27.32 -14.73 -17.50
N ASP C 129 28.28 -14.34 -18.34
CA ASP C 129 28.89 -15.24 -19.31
C ASP C 129 29.70 -16.38 -18.73
N LYS C 130 30.24 -16.25 -17.51
CA LYS C 130 31.15 -17.26 -16.98
C LYS C 130 30.59 -17.99 -15.76
N LYS C 131 30.94 -19.27 -15.67
CA LYS C 131 30.58 -20.16 -14.58
C LYS C 131 31.86 -20.68 -13.93
N GLN C 132 31.74 -21.17 -12.70
CA GLN C 132 32.86 -21.72 -11.95
C GLN C 132 32.46 -23.02 -11.28
N LYS C 133 33.43 -23.92 -11.14
CA LYS C 133 33.21 -25.18 -10.43
C LYS C 133 33.61 -24.92 -8.98
N VAL C 134 32.70 -25.25 -8.06
CA VAL C 134 32.87 -25.00 -6.63
C VAL C 134 32.71 -26.31 -5.88
N TYR C 135 33.58 -26.52 -4.90
CA TYR C 135 33.47 -27.65 -4.00
C TYR C 135 33.14 -27.07 -2.63
N SER C 136 32.08 -27.55 -2.01
CA SER C 136 31.68 -27.07 -0.70
C SER C 136 31.05 -28.20 0.08
N LEU C 137 31.14 -28.13 1.40
CA LEU C 137 30.58 -29.16 2.25
C LEU C 137 29.20 -28.79 2.73
N PHE C 138 28.31 -29.78 2.77
CA PHE C 138 26.96 -29.64 3.28
C PHE C 138 26.68 -30.78 4.26
N TYR C 139 25.79 -30.51 5.21
CA TYR C 139 25.37 -31.55 6.13
C TYR C 139 24.28 -32.39 5.49
N ARG C 140 24.23 -33.67 5.85
CA ARG C 140 23.23 -34.58 5.28
C ARG C 140 21.82 -34.04 5.42
N LEU C 141 21.52 -33.38 6.55
CA LEU C 141 20.16 -32.93 6.79
C LEU C 141 19.74 -31.78 5.88
N ASP C 142 20.68 -31.15 5.17
CA ASP C 142 20.37 -30.06 4.26
C ASP C 142 20.29 -30.49 2.81
N VAL C 143 20.66 -31.73 2.48
CA VAL C 143 20.78 -32.19 1.11
C VAL C 143 19.95 -33.46 0.94
N VAL C 144 19.13 -33.50 -0.11
CA VAL C 144 18.25 -34.63 -0.42
C VAL C 144 18.64 -35.23 -1.77
N GLN C 145 18.69 -36.57 -1.82
CA GLN C 145 19.02 -37.27 -3.05
C GLN C 145 17.80 -37.32 -3.96
N ILE C 146 18.01 -37.00 -5.24
CA ILE C 146 16.95 -37.05 -6.25
C ILE C 146 17.11 -38.24 -7.18
N ASN C 147 18.34 -38.60 -7.53
CA ASN C 147 18.71 -39.67 -8.48
C ASN C 147 18.56 -39.15 -9.90
N LYS C 159 25.10 -40.10 -6.46
CA LYS C 159 25.32 -38.66 -6.47
C LYS C 159 23.96 -38.00 -6.76
N GLU C 160 23.90 -36.98 -7.63
CA GLU C 160 22.66 -36.33 -8.03
C GLU C 160 21.80 -35.91 -6.83
N TYR C 161 22.28 -34.90 -6.11
CA TYR C 161 21.63 -34.35 -4.93
C TYR C 161 21.20 -32.91 -5.16
N ARG C 162 20.20 -32.47 -4.38
CA ARG C 162 19.76 -31.07 -4.38
C ARG C 162 19.59 -30.58 -2.95
N LEU C 163 19.52 -29.26 -2.78
CA LEU C 163 19.24 -28.73 -1.45
C LEU C 163 17.78 -28.97 -1.09
N ILE C 164 17.55 -29.22 0.20
CA ILE C 164 16.20 -29.55 0.67
C ILE C 164 15.18 -28.46 0.41
N ASN C 165 15.60 -27.19 0.39
CA ASN C 165 14.64 -26.11 0.17
C ASN C 165 14.20 -25.94 -1.28
N CYS C 166 14.84 -26.60 -2.24
CA CYS C 166 14.55 -26.33 -3.64
C CYS C 166 13.10 -26.58 -4.05
N ASN C 167 12.40 -27.54 -3.46
CA ASN C 167 11.03 -27.81 -3.89
C ASN C 167 9.99 -27.09 -3.04
N THR C 168 10.38 -26.21 -2.11
CA THR C 168 9.40 -25.48 -1.32
C THR C 168 9.61 -23.97 -1.32
N SER C 169 10.84 -23.49 -1.38
CA SER C 169 11.04 -22.05 -1.26
C SER C 169 12.42 -21.64 -1.76
N ALA C 170 12.52 -20.35 -2.08
CA ALA C 170 13.82 -19.73 -2.31
C ALA C 170 14.44 -19.47 -0.94
N ILE C 171 15.77 -19.59 -0.87
CA ILE C 171 16.49 -19.43 0.39
C ILE C 171 17.32 -18.15 0.35
N THR C 172 17.22 -17.37 1.43
CA THR C 172 17.93 -16.11 1.58
C THR C 172 19.10 -16.32 2.54
N GLN C 173 20.27 -15.84 2.15
CA GLN C 173 21.44 -15.95 3.01
C GLN C 173 21.38 -14.91 4.10
N ALA C 174 21.60 -15.31 5.34
CA ALA C 174 21.66 -14.35 6.43
C ALA C 174 22.92 -13.50 6.27
N CYS C 175 22.82 -12.22 6.59
CA CYS C 175 24.00 -11.38 6.52
C CYS C 175 25.00 -11.75 7.62
N PRO C 176 26.26 -12.09 7.30
CA PRO C 176 27.22 -12.47 8.35
C PRO C 176 27.46 -11.39 9.41
N LYS C 177 27.16 -10.14 9.11
CA LYS C 177 27.39 -9.03 10.02
C LYS C 177 26.35 -8.90 11.13
N VAL C 178 25.24 -9.63 11.06
CA VAL C 178 24.16 -9.47 12.02
C VAL C 178 24.20 -10.67 12.97
N SER C 179 24.35 -10.37 14.25
CA SER C 179 24.43 -11.36 15.31
C SER C 179 23.06 -11.94 15.64
N PHE C 180 23.05 -13.25 15.94
CA PHE C 180 21.84 -13.95 16.35
C PHE C 180 21.75 -14.10 17.87
N GLU C 181 22.60 -13.40 18.61
CA GLU C 181 22.55 -13.46 20.07
C GLU C 181 21.32 -12.70 20.58
N PRO C 182 20.44 -13.32 21.37
CA PRO C 182 19.26 -12.58 21.85
C PRO C 182 19.67 -11.51 22.85
N ILE C 183 18.90 -10.42 22.86
CA ILE C 183 19.10 -9.33 23.80
C ILE C 183 17.80 -9.11 24.58
N PRO C 184 17.83 -8.59 25.80
CA PRO C 184 16.57 -8.31 26.49
C PRO C 184 15.79 -7.21 25.79
N ILE C 185 14.47 -7.40 25.71
CA ILE C 185 13.56 -6.39 25.19
C ILE C 185 12.54 -6.11 26.27
N HIS C 186 12.35 -4.84 26.59
CA HIS C 186 11.38 -4.42 27.59
C HIS C 186 10.12 -3.96 26.87
N TYR C 187 8.96 -4.35 27.36
CA TYR C 187 7.69 -3.87 26.84
C TYR C 187 7.11 -2.80 27.76
N CYS C 188 6.78 -1.65 27.17
CA CYS C 188 6.33 -0.48 27.89
C CYS C 188 4.95 -0.08 27.42
N ALA C 189 4.11 0.29 28.35
CA ALA C 189 2.77 0.73 28.01
C ALA C 189 2.80 2.16 27.48
N PRO C 190 1.92 2.51 26.54
CA PRO C 190 1.78 3.92 26.16
C PRO C 190 1.01 4.65 27.26
N ALA C 191 1.08 5.98 27.23
CA ALA C 191 0.35 6.75 28.24
C ALA C 191 -1.13 6.41 28.18
N GLY C 192 -1.73 6.31 29.36
CA GLY C 192 -3.12 5.98 29.52
C GLY C 192 -3.33 4.51 29.86
N PHE C 193 -2.29 3.70 29.74
CA PHE C 193 -2.28 2.26 30.01
C PHE C 193 -1.24 1.96 31.07
N ALA C 194 -1.39 0.82 31.74
CA ALA C 194 -0.45 0.40 32.77
C ALA C 194 -0.29 -1.11 32.70
N ILE C 195 0.88 -1.61 33.14
CA ILE C 195 1.15 -3.04 33.15
C ILE C 195 1.14 -3.50 34.61
N LEU C 196 0.30 -4.49 34.89
CA LEU C 196 0.16 -5.06 36.22
C LEU C 196 0.97 -6.34 36.30
N LYS C 197 1.92 -6.39 37.23
CA LYS C 197 2.75 -7.55 37.47
C LYS C 197 2.15 -8.32 38.64
N CYS C 198 1.92 -9.63 38.45
CA CYS C 198 1.30 -10.41 39.51
C CYS C 198 2.14 -10.40 40.78
N LYS C 199 3.45 -10.60 40.65
CA LYS C 199 4.38 -10.55 41.79
C LYS C 199 3.89 -11.44 42.94
N ASP C 200 3.47 -12.65 42.62
CA ASP C 200 2.90 -13.57 43.61
C ASP C 200 3.51 -14.95 43.47
N LYS C 201 4.20 -15.37 44.52
CA LYS C 201 4.92 -16.64 44.54
C LYS C 201 3.95 -17.81 44.39
N LYS C 202 4.31 -18.76 43.53
CA LYS C 202 3.52 -19.94 43.22
C LYS C 202 2.24 -19.64 42.46
N PHE C 203 2.17 -18.52 41.75
CA PHE C 203 1.03 -18.24 40.89
C PHE C 203 1.01 -19.24 39.75
N ASN C 204 -0.15 -19.85 39.48
CA ASN C 204 -0.26 -20.89 38.47
C ASN C 204 -0.60 -20.39 37.06
N GLY C 205 -0.63 -19.08 36.86
CA GLY C 205 -0.92 -18.49 35.56
C GLY C 205 -2.34 -18.04 35.35
N THR C 206 -3.28 -18.46 36.18
CA THR C 206 -4.68 -18.07 36.06
C THR C 206 -5.22 -17.69 37.44
N GLY C 207 -6.39 -17.06 37.44
CA GLY C 207 -7.06 -16.76 38.69
C GLY C 207 -6.59 -15.51 39.40
N PRO C 208 -7.14 -15.27 40.59
CA PRO C 208 -6.81 -14.05 41.34
C PRO C 208 -5.35 -14.03 41.80
N CYS C 209 -4.81 -12.82 41.81
CA CYS C 209 -3.44 -12.55 42.26
C CYS C 209 -3.51 -11.39 43.26
N PRO C 210 -3.28 -11.63 44.55
CA PRO C 210 -3.44 -10.58 45.57
C PRO C 210 -2.24 -9.67 45.77
N SER C 211 -1.16 -9.78 44.97
CA SER C 211 0.07 -9.03 45.18
C SER C 211 0.45 -8.17 43.98
N VAL C 212 -0.57 -7.66 43.28
CA VAL C 212 -0.36 -6.91 42.04
C VAL C 212 0.46 -5.66 42.30
N SER C 213 1.42 -5.40 41.40
CA SER C 213 2.28 -4.21 41.46
C SER C 213 2.32 -3.59 40.08
N THR C 214 2.05 -2.29 39.98
CA THR C 214 1.95 -1.62 38.69
C THR C 214 3.30 -1.08 38.23
N VAL C 215 3.63 -1.36 36.95
CA VAL C 215 4.84 -0.88 36.30
C VAL C 215 4.48 -0.22 34.99
N GLN C 216 5.40 0.63 34.51
CA GLN C 216 5.28 1.22 33.19
C GLN C 216 5.88 0.31 32.13
N CYS C 217 6.97 -0.39 32.48
CA CYS C 217 7.69 -1.27 31.57
C CYS C 217 7.92 -2.60 32.25
N THR C 218 7.92 -3.66 31.46
CA THR C 218 8.26 -4.98 31.95
C THR C 218 9.77 -5.11 32.10
N HIS C 219 10.20 -6.19 32.75
CA HIS C 219 11.62 -6.47 32.81
C HIS C 219 12.06 -6.90 31.42
N GLY C 220 13.35 -7.04 31.20
CA GLY C 220 13.78 -7.44 29.88
C GLY C 220 13.51 -8.92 29.70
N ILE C 221 13.07 -9.27 28.50
CA ILE C 221 12.85 -10.65 28.10
C ILE C 221 13.77 -10.95 26.93
N LYS C 222 14.54 -12.01 27.05
CA LYS C 222 15.41 -12.39 25.95
C LYS C 222 14.59 -13.22 24.97
N PRO C 223 14.52 -12.84 23.68
CA PRO C 223 13.69 -13.66 22.77
C PRO C 223 14.39 -14.95 22.37
N VAL C 224 14.61 -15.82 23.34
CA VAL C 224 15.29 -17.09 23.10
C VAL C 224 14.28 -18.04 22.51
N VAL C 225 14.64 -18.69 21.40
CA VAL C 225 13.77 -19.64 20.73
C VAL C 225 14.39 -21.02 20.84
N SER C 226 13.59 -21.96 21.34
CA SER C 226 14.03 -23.34 21.50
C SER C 226 12.79 -24.20 21.54
N THR C 227 12.98 -25.51 21.39
CA THR C 227 11.91 -26.48 21.53
C THR C 227 12.25 -27.46 22.64
N GLN C 228 11.19 -28.04 23.20
CA GLN C 228 11.23 -29.04 24.27
C GLN C 228 11.71 -28.51 25.61
N LEU C 229 12.88 -27.88 25.65
CA LEU C 229 13.43 -27.29 26.87
C LEU C 229 13.57 -25.79 26.74
N LEU C 230 13.07 -25.05 27.72
CA LEU C 230 13.18 -23.60 27.74
C LEU C 230 14.55 -23.22 28.28
N LEU C 231 15.26 -22.34 27.56
CA LEU C 231 16.59 -21.91 27.97
C LEU C 231 16.61 -20.44 28.36
N ASN C 232 17.49 -20.14 29.31
CA ASN C 232 17.80 -18.76 29.75
C ASN C 232 16.54 -17.99 30.13
N GLY C 233 15.60 -18.67 30.79
CA GLY C 233 14.38 -18.06 31.25
C GLY C 233 14.42 -17.69 32.73
N SER C 234 13.24 -17.40 33.27
CA SER C 234 13.09 -17.03 34.67
C SER C 234 12.96 -18.28 35.53
N LEU C 235 13.39 -18.17 36.78
CA LEU C 235 13.27 -19.25 37.75
C LEU C 235 12.03 -19.09 38.61
N ALA C 236 11.51 -20.22 39.09
CA ALA C 236 10.40 -20.25 40.03
C ALA C 236 10.98 -20.19 41.44
N GLU C 237 10.87 -19.04 42.09
CA GLU C 237 11.57 -18.82 43.36
C GLU C 237 11.25 -19.86 44.43
N GLU C 238 9.98 -20.28 44.57
CA GLU C 238 9.65 -21.20 45.66
C GLU C 238 9.71 -22.67 45.30
N GLU C 239 9.17 -23.07 44.15
CA GLU C 239 9.10 -24.49 43.79
C GLU C 239 8.84 -24.58 42.30
N VAL C 240 8.92 -25.80 41.77
CA VAL C 240 8.60 -26.02 40.37
C VAL C 240 7.11 -25.72 40.18
N ILE C 241 6.78 -24.94 39.16
CA ILE C 241 5.39 -24.55 38.89
C ILE C 241 4.95 -25.19 37.59
N ILE C 242 3.86 -25.95 37.64
CA ILE C 242 3.30 -26.65 36.48
C ILE C 242 2.05 -25.90 36.05
N ARG C 243 2.03 -25.39 34.82
CA ARG C 243 0.92 -24.59 34.31
C ARG C 243 0.40 -25.14 32.99
N SER C 244 -0.91 -25.12 32.82
CA SER C 244 -1.50 -25.50 31.54
C SER C 244 -2.85 -24.80 31.40
N GLU C 245 -3.30 -24.66 30.16
CA GLU C 245 -4.63 -24.09 29.93
C GLU C 245 -5.69 -24.97 30.56
N ASN C 246 -5.54 -26.29 30.42
CA ASN C 246 -6.49 -27.25 30.97
C ASN C 246 -5.71 -28.53 31.24
N ILE C 247 -5.42 -28.81 32.51
CA ILE C 247 -4.58 -29.95 32.85
C ILE C 247 -5.24 -31.27 32.47
N THR C 248 -6.56 -31.28 32.28
CA THR C 248 -7.27 -32.50 31.91
C THR C 248 -7.26 -32.76 30.41
N ASN C 249 -6.92 -31.77 29.58
CA ASN C 249 -6.99 -31.92 28.13
C ASN C 249 -5.63 -32.32 27.58
N ASN C 250 -5.58 -33.48 26.92
CA ASN C 250 -4.34 -33.99 26.36
C ASN C 250 -3.77 -33.10 25.27
N ALA C 251 -4.61 -32.29 24.63
CA ALA C 251 -4.20 -31.46 23.51
C ALA C 251 -3.53 -30.15 23.92
N LYS C 252 -3.45 -29.84 25.20
CA LYS C 252 -2.86 -28.60 25.67
C LYS C 252 -1.47 -28.87 26.26
N ASN C 253 -0.52 -28.01 25.89
CA ASN C 253 0.84 -28.16 26.38
C ASN C 253 0.93 -27.76 27.84
N ILE C 254 1.79 -28.46 28.56
CA ILE C 254 2.07 -28.19 29.97
C ILE C 254 3.44 -27.55 30.06
N LEU C 255 3.50 -26.35 30.64
CA LEU C 255 4.75 -25.61 30.79
C LEU C 255 5.20 -25.77 32.23
N VAL C 256 6.41 -26.29 32.42
CA VAL C 256 6.96 -26.53 33.75
C VAL C 256 8.11 -25.55 33.96
N GLN C 257 7.99 -24.71 34.98
CA GLN C 257 8.99 -23.72 35.32
C GLN C 257 9.80 -24.29 36.48
N LEU C 258 11.11 -24.39 36.30
CA LEU C 258 11.97 -25.03 37.29
C LEU C 258 12.33 -24.09 38.43
N ASN C 259 12.59 -24.70 39.59
CA ASN C 259 13.01 -23.94 40.75
C ASN C 259 14.47 -23.50 40.63
N THR C 260 15.32 -24.37 40.09
CA THR C 260 16.74 -24.09 39.90
C THR C 260 17.11 -24.37 38.45
N PRO C 261 18.12 -23.71 37.91
CA PRO C 261 18.53 -24.01 36.54
C PRO C 261 19.32 -25.30 36.47
N VAL C 262 19.30 -25.93 35.30
CA VAL C 262 20.17 -27.05 34.99
C VAL C 262 21.16 -26.57 33.94
N GLN C 263 22.45 -26.64 34.24
CA GLN C 263 23.43 -26.12 33.29
C GLN C 263 23.61 -27.13 32.18
N ILE C 264 23.60 -26.66 30.93
CA ILE C 264 23.83 -27.49 29.75
C ILE C 264 25.00 -26.92 28.97
N ASN C 265 26.00 -27.76 28.70
CA ASN C 265 27.20 -27.37 27.96
C ASN C 265 27.16 -28.02 26.58
N CYS C 266 26.96 -27.23 25.52
CA CYS C 266 26.85 -27.71 24.16
C CYS C 266 28.07 -27.29 23.38
N THR C 267 28.53 -28.16 22.47
CA THR C 267 29.68 -27.82 21.67
C THR C 267 29.62 -28.47 20.29
N ARG C 268 30.35 -27.84 19.37
CA ARG C 268 30.63 -28.34 18.02
C ARG C 268 32.15 -28.49 18.02
N PRO C 269 32.67 -29.69 18.39
CA PRO C 269 34.10 -29.90 18.66
C PRO C 269 34.93 -30.11 17.39
N SER C 270 34.90 -29.12 16.48
CA SER C 270 35.72 -29.22 15.28
C SER C 270 36.11 -27.82 14.85
N ASN C 271 37.29 -27.70 14.27
CA ASN C 271 37.83 -26.44 13.78
C ASN C 271 37.55 -26.34 12.28
N ASN C 272 36.51 -25.59 11.91
CA ASN C 272 36.07 -25.51 10.53
C ASN C 272 36.68 -24.29 9.85
N THR C 273 36.92 -24.43 8.55
CA THR C 273 37.42 -23.34 7.72
C THR C 273 36.29 -22.96 6.78
N VAL C 274 35.98 -21.67 6.75
CA VAL C 274 34.93 -21.10 5.92
C VAL C 274 35.56 -20.36 4.74
N LYS C 275 35.06 -20.65 3.55
CA LYS C 275 35.50 -20.06 2.31
C LYS C 275 34.38 -19.19 1.77
N SER C 276 34.73 -18.26 0.87
CA SER C 276 33.74 -17.37 0.29
C SER C 276 34.03 -17.15 -1.18
N ILE C 277 32.98 -17.23 -2.00
CA ILE C 277 33.05 -16.98 -3.43
C ILE C 277 31.97 -16.00 -3.84
N ARG C 278 32.27 -15.20 -4.86
CA ARG C 278 31.28 -14.28 -5.39
C ARG C 278 30.34 -15.02 -6.36
N ILE C 279 29.06 -14.70 -6.27
CA ILE C 279 28.04 -15.30 -7.14
C ILE C 279 27.39 -14.28 -8.06
N GLY C 280 27.59 -12.98 -7.82
CA GLY C 280 27.08 -11.94 -8.67
C GLY C 280 27.54 -10.59 -8.16
N PRO C 281 27.27 -9.53 -8.92
CA PRO C 281 27.73 -8.20 -8.50
C PRO C 281 27.22 -7.82 -7.12
N GLY C 282 28.15 -7.47 -6.23
CA GLY C 282 27.76 -7.03 -4.90
C GLY C 282 27.32 -8.13 -3.96
N GLN C 283 27.37 -9.39 -4.39
CA GLN C 283 26.86 -10.51 -3.62
C GLN C 283 27.91 -11.60 -3.53
N ALA C 284 28.08 -12.16 -2.34
CA ALA C 284 29.03 -13.25 -2.13
C ALA C 284 28.36 -14.35 -1.34
N PHE C 285 28.70 -15.58 -1.69
CA PHE C 285 28.19 -16.77 -1.05
C PHE C 285 29.22 -17.35 -0.09
N TYR C 286 28.79 -17.62 1.14
CA TYR C 286 29.63 -18.20 2.17
C TYR C 286 29.27 -19.67 2.31
N TYR C 287 30.28 -20.51 2.47
CA TYR C 287 30.05 -21.95 2.57
C TYR C 287 31.08 -22.60 3.45
N PHE C 288 30.76 -23.84 3.84
CA PHE C 288 31.62 -24.64 4.71
C PHE C 288 32.74 -25.18 3.82
N GLY C 289 33.96 -24.74 4.10
CA GLY C 289 35.10 -25.07 3.27
C GLY C 289 35.75 -26.38 3.60
N ASP C 290 36.32 -26.50 4.80
CA ASP C 290 37.03 -27.72 5.16
C ASP C 290 37.02 -27.89 6.68
N VAL C 291 37.60 -29.00 7.13
CA VAL C 291 37.74 -29.32 8.55
C VAL C 291 39.21 -29.53 8.85
N LEU C 292 39.70 -28.84 9.89
CA LEU C 292 41.08 -28.94 10.35
C LEU C 292 41.07 -29.94 11.50
N GLY C 293 41.84 -31.00 11.39
CA GLY C 293 41.82 -32.03 12.40
C GLY C 293 40.70 -33.02 12.14
N HIS C 294 40.35 -33.79 13.16
CA HIS C 294 39.36 -34.85 13.00
C HIS C 294 37.94 -34.31 13.08
N VAL C 295 37.04 -35.03 12.41
CA VAL C 295 35.61 -34.76 12.45
C VAL C 295 35.01 -35.46 13.66
N ARG C 296 34.24 -34.72 14.46
CA ARG C 296 33.60 -35.27 15.64
C ARG C 296 32.15 -34.82 15.70
N MET C 297 31.34 -35.59 16.42
CA MET C 297 29.93 -35.29 16.58
C MET C 297 29.67 -34.19 17.62
N ALA C 298 28.82 -33.24 17.25
CA ALA C 298 28.44 -32.18 18.16
C ALA C 298 27.61 -32.78 19.30
N HIS C 299 27.70 -32.19 20.48
CA HIS C 299 26.98 -32.80 21.59
C HIS C 299 26.74 -31.80 22.72
N CYS C 300 25.82 -32.19 23.61
CA CYS C 300 25.53 -31.42 24.82
C CYS C 300 25.67 -32.29 26.07
N ASN C 301 26.29 -31.72 27.11
CA ASN C 301 26.53 -32.38 28.39
C ASN C 301 25.59 -31.83 29.45
N ILE C 302 24.82 -32.72 30.07
CA ILE C 302 23.91 -32.41 31.17
C ILE C 302 24.31 -33.31 32.34
N SER C 303 24.50 -32.72 33.52
CA SER C 303 24.89 -33.55 34.66
C SER C 303 23.77 -34.52 35.01
N LYS C 304 24.10 -35.79 35.22
CA LYS C 304 23.07 -36.79 35.50
C LYS C 304 22.35 -36.54 36.83
N ALA C 305 23.11 -36.20 37.87
CA ALA C 305 22.48 -36.02 39.18
C ALA C 305 21.54 -34.82 39.20
N THR C 306 21.96 -33.73 38.54
CA THR C 306 21.14 -32.53 38.54
C THR C 306 19.83 -32.79 37.82
N TRP C 307 19.91 -33.44 36.65
CA TRP C 307 18.71 -33.75 35.89
C TRP C 307 17.80 -34.69 36.67
N ASN C 308 18.35 -35.72 37.29
CA ASN C 308 17.52 -36.66 38.04
C ASN C 308 16.80 -35.96 39.20
N GLU C 309 17.50 -35.06 39.90
CA GLU C 309 16.86 -34.32 40.98
C GLU C 309 15.77 -33.41 40.44
N THR C 310 16.05 -32.71 39.34
CA THR C 310 15.09 -31.78 38.77
C THR C 310 13.85 -32.54 38.31
N LEU C 311 14.06 -33.67 37.65
CA LEU C 311 12.92 -34.43 37.14
C LEU C 311 12.11 -34.98 38.30
N GLY C 312 12.76 -35.42 39.37
CA GLY C 312 12.02 -35.91 40.52
C GLY C 312 11.13 -34.82 41.10
N LYS C 313 11.64 -33.59 41.15
CA LYS C 313 10.84 -32.47 41.64
C LYS C 313 9.64 -32.23 40.73
N VAL C 314 9.85 -32.35 39.42
CA VAL C 314 8.76 -32.16 38.46
C VAL C 314 7.70 -33.24 38.68
N VAL C 315 8.15 -34.47 38.89
CA VAL C 315 7.23 -35.57 39.10
C VAL C 315 6.39 -35.34 40.36
N LYS C 316 7.03 -34.92 41.45
CA LYS C 316 6.27 -34.67 42.68
C LYS C 316 5.18 -33.62 42.44
N GLN C 317 5.54 -32.53 41.75
CA GLN C 317 4.53 -31.50 41.53
C GLN C 317 3.45 -31.98 40.59
N LEU C 318 3.80 -32.82 39.61
CA LEU C 318 2.81 -33.30 38.67
C LEU C 318 1.86 -34.27 39.37
N ARG C 319 2.42 -35.10 40.28
CA ARG C 319 1.60 -36.01 41.07
C ARG C 319 0.57 -35.22 41.86
N LYS C 320 0.91 -34.01 42.29
CA LYS C 320 -0.08 -33.23 43.02
C LYS C 320 -1.35 -32.98 42.21
N HIS C 321 -1.26 -33.04 40.87
CA HIS C 321 -2.42 -32.84 40.01
C HIS C 321 -3.02 -34.15 39.54
N PHE C 322 -2.24 -35.24 39.53
CA PHE C 322 -2.72 -36.54 39.07
C PHE C 322 -3.00 -37.54 40.17
N GLY C 323 -2.41 -37.35 41.36
CA GLY C 323 -2.59 -38.25 42.49
C GLY C 323 -1.33 -38.93 42.98
N ASN C 324 -1.30 -39.14 44.30
CA ASN C 324 -0.16 -39.73 44.98
C ASN C 324 0.09 -41.19 44.62
N ASN C 325 -0.93 -41.90 44.14
CA ASN C 325 -0.82 -43.31 43.81
C ASN C 325 -0.64 -43.63 42.32
N THR C 326 -0.34 -42.64 41.47
CA THR C 326 -0.14 -42.92 40.06
C THR C 326 1.35 -42.98 39.72
N ILE C 327 1.64 -43.56 38.55
CA ILE C 327 2.99 -43.69 38.02
C ILE C 327 3.13 -42.67 36.90
N ILE C 328 4.23 -41.91 36.90
CA ILE C 328 4.49 -40.93 35.85
C ILE C 328 5.63 -41.46 34.98
N ARG C 329 5.33 -41.72 33.72
CA ARG C 329 6.27 -42.25 32.74
C ARG C 329 6.61 -41.17 31.73
N PHE C 330 7.88 -41.09 31.36
CA PHE C 330 8.32 -40.15 30.33
C PHE C 330 8.83 -40.94 29.13
N ALA C 331 8.64 -40.36 27.95
CA ALA C 331 9.11 -40.97 26.72
C ALA C 331 9.56 -39.89 25.75
N GLN C 332 10.34 -40.31 24.76
CA GLN C 332 10.81 -39.40 23.73
C GLN C 332 9.65 -39.05 22.79
N SER C 333 9.78 -37.91 22.10
CA SER C 333 8.77 -37.47 21.15
C SER C 333 8.44 -38.58 20.15
N SER C 334 7.15 -38.74 19.87
CA SER C 334 6.66 -39.83 19.04
C SER C 334 6.93 -39.64 17.56
N GLY C 335 7.13 -38.42 17.08
CA GLY C 335 7.34 -38.21 15.66
C GLY C 335 6.96 -36.81 15.25
N GLY C 336 7.15 -36.56 13.96
CA GLY C 336 6.93 -35.26 13.35
C GLY C 336 8.23 -34.70 12.81
N ASP C 337 8.17 -33.43 12.42
CA ASP C 337 9.34 -32.79 11.83
C ASP C 337 10.50 -32.75 12.84
N LEU C 338 11.72 -32.82 12.31
CA LEU C 338 12.92 -32.82 13.15
C LEU C 338 12.91 -31.69 14.17
N GLU C 339 12.40 -30.52 13.77
CA GLU C 339 12.36 -29.36 14.67
C GLU C 339 11.63 -29.66 15.98
N VAL C 340 10.53 -30.42 15.91
CA VAL C 340 9.76 -30.72 17.11
C VAL C 340 10.23 -31.99 17.81
N THR C 341 10.69 -32.99 17.06
CA THR C 341 11.06 -34.25 17.71
C THR C 341 12.37 -34.15 18.46
N THR C 342 13.23 -33.22 18.08
CA THR C 342 14.49 -32.97 18.76
C THR C 342 14.47 -31.61 19.44
N HIS C 343 15.41 -31.42 20.35
CA HIS C 343 15.64 -30.14 20.97
C HIS C 343 16.30 -29.27 19.91
N SER C 344 15.97 -27.98 19.88
CA SER C 344 16.54 -27.08 18.88
C SER C 344 17.02 -25.79 19.51
N PHE C 345 18.23 -25.35 19.13
CA PHE C 345 18.71 -24.07 19.65
C PHE C 345 19.73 -23.45 18.71
N ASN C 346 19.94 -22.14 18.90
CA ASN C 346 20.89 -21.33 18.15
C ASN C 346 22.05 -20.92 19.05
N CYS C 347 23.24 -21.47 18.79
CA CYS C 347 24.45 -21.18 19.57
C CYS C 347 25.54 -20.62 18.65
N GLY C 348 25.81 -19.33 18.83
CA GLY C 348 26.83 -18.64 18.08
C GLY C 348 26.38 -18.22 16.71
N GLY C 349 25.18 -18.62 16.32
CA GLY C 349 24.64 -18.42 15.00
C GLY C 349 24.41 -19.71 14.27
N GLU C 350 24.85 -20.86 14.82
CA GLU C 350 24.58 -22.15 14.19
C GLU C 350 23.43 -22.85 14.89
N PHE C 351 22.69 -23.65 14.11
CA PHE C 351 21.49 -24.32 14.58
C PHE C 351 21.76 -25.78 14.90
N PHE C 352 21.54 -26.14 16.16
CA PHE C 352 21.75 -27.46 16.72
C PHE C 352 20.41 -28.14 16.91
N TYR C 353 20.33 -29.41 16.49
CA TYR C 353 19.18 -30.28 16.70
C TYR C 353 19.68 -31.50 17.49
N CYS C 354 19.24 -31.64 18.74
CA CYS C 354 19.77 -32.64 19.66
C CYS C 354 18.73 -33.67 20.06
N ASN C 355 19.16 -34.93 20.14
CA ASN C 355 18.31 -36.05 20.52
C ASN C 355 18.20 -36.13 22.04
N THR C 356 17.01 -35.86 22.56
CA THR C 356 16.74 -35.79 24.00
C THR C 356 16.18 -37.09 24.57
N SER C 357 16.23 -38.19 23.81
CA SER C 357 15.69 -39.45 24.33
C SER C 357 16.43 -39.90 25.59
N GLY C 358 17.68 -39.48 25.77
CA GLY C 358 18.42 -39.84 26.96
C GLY C 358 17.97 -39.14 28.23
N LEU C 359 17.17 -38.07 28.11
CA LEU C 359 16.68 -37.34 29.26
C LEU C 359 15.29 -37.79 29.71
N PHE C 360 14.45 -38.21 28.77
CA PHE C 360 13.06 -38.55 29.02
C PHE C 360 12.81 -40.05 28.98
N ASN C 361 13.85 -40.88 29.03
CA ASN C 361 13.71 -42.34 29.07
C ASN C 361 13.73 -42.80 30.52
N SER C 362 12.58 -42.73 31.18
CA SER C 362 12.49 -43.07 32.59
C SER C 362 11.03 -43.15 33.02
N THR C 363 10.86 -43.66 34.25
CA THR C 363 9.54 -43.92 34.81
C THR C 363 9.68 -43.74 36.32
N TRP C 364 8.76 -43.03 36.92
CA TRP C 364 8.74 -42.75 38.35
C TRP C 364 7.52 -43.40 38.99
N ILE C 365 7.76 -44.20 40.03
CA ILE C 365 6.75 -44.96 40.74
C ILE C 365 6.84 -44.55 42.21
N SER C 366 5.70 -44.17 42.79
CA SER C 366 5.60 -43.77 44.18
C SER C 366 6.31 -44.73 45.14
N ASP C 380 29.72 -37.86 36.61
CA ASP C 380 29.31 -38.59 35.41
C ASP C 380 28.27 -37.78 34.65
N SER C 381 28.60 -37.39 33.43
CA SER C 381 27.75 -36.56 32.58
C SER C 381 26.98 -37.40 31.57
N LEU C 382 25.76 -36.94 31.26
CA LEU C 382 24.95 -37.50 30.20
C LEU C 382 25.22 -36.66 28.96
N ILE C 383 25.53 -37.32 27.84
CA ILE C 383 25.86 -36.64 26.60
C ILE C 383 24.79 -36.95 25.57
N LEU C 384 24.20 -35.88 25.00
CA LEU C 384 23.17 -35.93 23.97
C LEU C 384 23.80 -35.65 22.61
N PRO C 385 23.65 -36.52 21.59
CA PRO C 385 24.21 -36.19 20.29
C PRO C 385 23.40 -35.08 19.62
N CYS C 386 24.09 -34.25 18.84
CA CYS C 386 23.47 -33.15 18.13
C CYS C 386 23.92 -33.11 16.68
N TRP C 387 23.01 -32.69 15.82
CA TRP C 387 23.23 -32.49 14.40
C TRP C 387 23.18 -30.99 14.14
N ILE C 388 23.97 -30.53 13.18
CA ILE C 388 24.04 -29.12 12.81
C ILE C 388 23.45 -28.99 11.42
N LYS C 389 22.58 -28.00 11.22
CA LYS C 389 22.07 -27.79 9.86
C LYS C 389 22.02 -26.30 9.54
N GLN C 390 22.23 -26.00 8.26
CA GLN C 390 22.28 -24.64 7.74
C GLN C 390 21.01 -24.13 7.07
N ILE C 391 20.10 -25.00 6.64
CA ILE C 391 18.87 -24.56 5.98
C ILE C 391 17.76 -24.61 7.02
N ILE C 392 17.29 -23.43 7.40
CA ILE C 392 16.36 -23.24 8.50
C ILE C 392 15.01 -22.79 7.96
N ASN C 393 13.95 -23.45 8.41
CA ASN C 393 12.58 -23.12 8.06
C ASN C 393 11.95 -22.76 9.39
N MET C 394 12.15 -21.52 9.80
CA MET C 394 11.81 -21.05 11.13
C MET C 394 10.38 -20.56 11.19
N TRP C 395 9.80 -20.61 12.39
CA TRP C 395 8.45 -20.11 12.70
C TRP C 395 7.37 -20.95 12.03
N GLN C 396 7.71 -22.16 11.59
CA GLN C 396 6.78 -23.10 10.95
C GLN C 396 6.11 -22.48 9.72
N ARG C 397 6.80 -21.58 9.02
CA ARG C 397 6.27 -20.96 7.81
C ARG C 397 6.79 -21.69 6.59
N ILE C 398 5.88 -22.19 5.75
CA ILE C 398 6.26 -22.86 4.52
C ILE C 398 6.27 -21.80 3.43
N GLY C 399 7.36 -21.73 2.67
CA GLY C 399 7.52 -20.74 1.61
C GLY C 399 8.72 -19.83 1.81
N GLN C 400 9.34 -19.81 2.99
CA GLN C 400 10.54 -19.05 3.27
C GLN C 400 11.60 -19.96 3.87
N ALA C 401 12.86 -19.62 3.64
CA ALA C 401 13.96 -20.35 4.23
C ALA C 401 15.15 -19.41 4.40
N MET C 402 15.96 -19.68 5.41
CA MET C 402 17.19 -18.95 5.67
C MET C 402 18.38 -19.90 5.60
N TYR C 403 19.48 -19.41 5.02
CA TYR C 403 20.74 -20.15 4.99
C TYR C 403 21.64 -19.56 6.06
N ALA C 404 22.07 -20.40 7.01
CA ALA C 404 22.93 -19.97 8.09
C ALA C 404 24.38 -20.22 7.70
N PRO C 405 25.22 -19.19 7.51
CA PRO C 405 26.59 -19.44 7.07
C PRO C 405 27.38 -20.11 8.18
N PRO C 406 28.41 -20.88 7.84
CA PRO C 406 29.21 -21.52 8.89
C PRO C 406 30.10 -20.52 9.63
N ILE C 407 30.48 -20.93 10.84
CA ILE C 407 31.36 -20.17 11.73
C ILE C 407 32.71 -20.86 11.82
N GLN C 408 33.78 -20.07 11.63
CA GLN C 408 35.13 -20.60 11.75
C GLN C 408 35.43 -20.99 13.19
N GLY C 409 36.23 -22.04 13.36
CA GLY C 409 36.65 -22.45 14.69
C GLY C 409 35.78 -23.53 15.31
N VAL C 410 35.81 -23.53 16.64
CA VAL C 410 35.18 -24.56 17.48
C VAL C 410 34.13 -23.81 18.28
N ILE C 411 32.94 -24.40 18.39
CA ILE C 411 31.84 -23.71 19.08
C ILE C 411 31.61 -24.32 20.45
N ARG C 412 31.56 -23.47 21.47
CA ARG C 412 31.21 -23.84 22.84
C ARG C 412 30.14 -22.87 23.31
N CYS C 413 29.07 -23.40 23.87
CA CYS C 413 27.92 -22.61 24.29
C CYS C 413 27.40 -23.19 25.60
N VAL C 414 27.23 -22.36 26.62
CA VAL C 414 26.77 -22.80 27.93
C VAL C 414 25.48 -22.04 28.25
N SER C 415 24.43 -22.77 28.62
CA SER C 415 23.15 -22.12 28.90
C SER C 415 22.47 -22.78 30.10
N ASN C 416 21.45 -22.10 30.59
CA ASN C 416 20.63 -22.56 31.70
C ASN C 416 19.32 -23.13 31.19
N ILE C 417 19.02 -24.37 31.54
CA ILE C 417 17.70 -24.94 31.27
C ILE C 417 16.82 -24.50 32.43
N THR C 418 15.75 -23.77 32.10
CA THR C 418 14.86 -23.19 33.10
C THR C 418 13.45 -23.77 33.05
N GLY C 419 13.10 -24.56 32.05
CA GLY C 419 11.77 -25.13 32.01
C GLY C 419 11.60 -26.13 30.90
N LEU C 420 10.51 -26.89 31.02
CA LEU C 420 10.14 -27.94 30.09
C LEU C 420 8.78 -27.69 29.46
N ILE C 421 8.62 -28.17 28.23
CA ILE C 421 7.31 -28.22 27.56
C ILE C 421 6.95 -29.69 27.43
N LEU C 422 5.88 -30.10 28.11
CA LEU C 422 5.42 -31.48 28.11
C LEU C 422 4.08 -31.61 27.42
N THR C 423 3.87 -32.75 26.77
CA THR C 423 2.60 -33.12 26.16
C THR C 423 2.17 -34.43 26.80
N ARG C 424 0.92 -34.51 27.25
CA ARG C 424 0.45 -35.73 27.87
C ARG C 424 -0.15 -36.63 26.81
N ASP C 425 0.09 -37.93 26.94
CA ASP C 425 -0.46 -38.91 26.01
C ASP C 425 -1.94 -39.08 26.29
N THR C 432 -3.72 -46.11 35.07
CA THR C 432 -2.94 -46.05 36.30
C THR C 432 -1.59 -45.37 36.09
N THR C 433 -1.11 -45.36 34.85
CA THR C 433 0.16 -44.75 34.48
C THR C 433 -0.07 -43.76 33.36
N GLU C 434 0.45 -42.55 33.53
CA GLU C 434 0.38 -41.49 32.54
C GLU C 434 1.71 -41.42 31.81
N THR C 435 1.66 -41.12 30.51
CA THR C 435 2.86 -40.94 29.71
C THR C 435 2.93 -39.52 29.20
N PHE C 436 4.08 -38.88 29.43
CA PHE C 436 4.37 -37.52 29.01
C PHE C 436 5.54 -37.56 28.05
N ARG C 437 5.50 -36.71 27.03
CA ARG C 437 6.59 -36.62 26.05
C ARG C 437 6.99 -35.17 25.83
N PRO C 438 8.25 -34.92 25.45
CA PRO C 438 8.62 -33.57 25.02
C PRO C 438 7.80 -33.14 23.80
N GLY C 439 7.54 -31.84 23.75
CA GLY C 439 6.82 -31.27 22.63
C GLY C 439 7.18 -29.82 22.52
N GLY C 440 6.43 -29.08 21.70
CA GLY C 440 6.73 -27.69 21.49
C GLY C 440 6.73 -27.37 20.03
N GLY C 441 7.43 -26.29 19.71
CA GLY C 441 7.54 -25.76 18.37
C GLY C 441 6.76 -24.48 18.18
N ASP C 442 5.79 -24.22 19.05
CA ASP C 442 5.02 -22.99 18.98
C ASP C 442 5.71 -21.99 19.89
N MET C 443 6.37 -21.00 19.29
CA MET C 443 7.16 -20.05 20.05
C MET C 443 6.30 -19.20 20.99
N ARG C 444 4.99 -19.17 20.73
CA ARG C 444 4.11 -18.41 21.60
C ARG C 444 4.15 -18.98 22.99
N ASP C 445 4.30 -20.30 23.14
CA ASP C 445 4.29 -20.87 24.49
C ASP C 445 5.56 -20.46 25.23
N ASN C 446 6.67 -20.33 24.49
CA ASN C 446 7.92 -19.92 25.12
C ASN C 446 7.75 -18.52 25.66
N TRP C 447 7.05 -17.67 24.92
CA TRP C 447 6.83 -16.31 25.38
C TRP C 447 5.71 -16.25 26.43
N ARG C 448 4.77 -17.20 26.41
CA ARG C 448 3.75 -17.26 27.45
C ARG C 448 4.41 -17.48 28.78
N SER C 449 5.47 -18.30 28.81
CA SER C 449 6.15 -18.56 30.06
C SER C 449 6.73 -17.28 30.64
N GLU C 450 7.49 -16.53 29.85
CA GLU C 450 8.10 -15.33 30.41
C GLU C 450 7.07 -14.26 30.74
N LEU C 451 5.98 -14.16 29.96
CA LEU C 451 4.94 -13.16 30.13
C LEU C 451 3.75 -13.55 31.02
N TYR C 452 3.74 -14.71 31.69
CA TYR C 452 2.53 -15.05 32.45
C TYR C 452 2.23 -14.05 33.56
N LYS C 453 3.26 -13.42 34.11
CA LYS C 453 3.10 -12.49 35.23
C LYS C 453 2.55 -11.12 34.87
N TYR C 454 2.49 -10.73 33.59
CA TYR C 454 2.07 -9.38 33.21
C TYR C 454 0.70 -9.35 32.56
N LYS C 455 -0.04 -8.28 32.86
CA LYS C 455 -1.34 -7.97 32.27
C LYS C 455 -1.35 -6.50 31.88
N VAL C 456 -2.00 -6.14 30.78
CA VAL C 456 -2.10 -4.75 30.33
C VAL C 456 -3.51 -4.26 30.59
N VAL C 457 -3.65 -3.09 31.24
CA VAL C 457 -4.95 -2.51 31.51
C VAL C 457 -5.00 -1.06 31.04
N LYS C 458 -6.22 -0.58 30.80
CA LYS C 458 -6.53 0.78 30.39
C LYS C 458 -7.15 1.55 31.55
N ILE C 459 -6.77 2.82 31.70
CA ILE C 459 -7.27 3.67 32.77
C ILE C 459 -8.53 4.37 32.27
N GLU C 460 -9.58 4.40 33.11
CA GLU C 460 -10.86 5.04 32.79
C GLU C 460 -11.16 6.04 33.89
N PRO C 461 -10.49 7.22 33.89
CA PRO C 461 -10.49 8.17 35.01
C PRO C 461 -11.72 9.08 35.09
N LEU C 462 -12.91 8.49 35.03
CA LEU C 462 -14.16 9.25 35.25
C LEU C 462 -15.05 8.57 36.28
N GLY C 463 -14.97 9.05 37.52
CA GLY C 463 -15.71 8.49 38.62
C GLY C 463 -16.98 9.30 38.81
N VAL C 464 -18.01 8.64 39.31
CA VAL C 464 -19.29 9.26 39.64
C VAL C 464 -19.65 8.82 41.05
N ALA C 465 -20.01 9.78 41.92
CA ALA C 465 -20.39 9.38 43.27
C ALA C 465 -21.37 10.36 43.91
N PRO C 466 -22.21 9.88 44.84
CA PRO C 466 -23.11 10.79 45.56
C PRO C 466 -22.34 11.68 46.54
N THR C 467 -22.73 12.96 46.60
CA THR C 467 -22.14 13.88 47.56
C THR C 467 -23.24 14.78 48.12
N ARG C 468 -22.91 15.44 49.24
CA ARG C 468 -23.80 16.41 49.87
C ARG C 468 -23.48 17.82 49.39
N CYS C 469 -23.67 18.07 48.10
CA CYS C 469 -23.49 19.41 47.55
C CYS C 469 -24.36 19.53 46.32
N LYS C 470 -24.65 20.79 45.91
CA LYS C 470 -25.43 21.01 44.70
C LYS C 470 -24.86 22.11 43.82
N ARG C 471 -23.56 22.41 43.93
CA ARG C 471 -22.88 23.41 43.13
C ARG C 471 -23.33 24.85 43.42
N ARG C 472 -24.63 25.10 43.32
CA ARG C 472 -25.31 26.40 43.54
C ARG C 472 -26.66 26.37 42.84
N GLY D 10 3.07 8.25 43.46
CA GLY D 10 2.78 6.84 43.26
C GLY D 10 1.56 6.63 42.39
N PHE D 11 1.80 6.33 41.11
CA PHE D 11 0.70 6.14 40.18
C PHE D 11 -0.14 4.93 40.56
N LEU D 12 -1.44 5.16 40.73
CA LEU D 12 -2.40 4.16 41.22
C LEU D 12 -2.10 3.68 42.63
N GLY D 13 -1.27 4.42 43.39
CA GLY D 13 -0.96 4.01 44.75
C GLY D 13 -2.20 3.93 45.63
N ALA D 14 -3.18 4.79 45.37
CA ALA D 14 -4.42 4.85 46.12
C ALA D 14 -5.47 3.86 45.63
N ALA D 15 -5.14 3.02 44.65
CA ALA D 15 -6.12 2.11 44.06
C ALA D 15 -6.78 1.22 45.10
N GLY D 16 -6.05 0.80 46.13
CA GLY D 16 -6.64 -0.03 47.16
C GLY D 16 -7.17 0.72 48.36
N SER D 17 -7.14 2.06 48.31
CA SER D 17 -7.56 2.92 49.40
C SER D 17 -9.06 3.20 49.28
N THR D 18 -9.62 3.78 50.32
CA THR D 18 -11.03 4.11 50.26
C THR D 18 -11.19 5.28 49.28
N MET D 19 -12.43 5.50 48.82
CA MET D 19 -12.61 6.57 47.84
C MET D 19 -12.26 7.93 48.43
N GLY D 20 -12.54 8.14 49.71
CA GLY D 20 -12.19 9.41 50.32
C GLY D 20 -10.70 9.66 50.28
N ALA D 21 -9.92 8.69 50.77
CA ALA D 21 -8.46 8.82 50.80
C ALA D 21 -7.90 8.96 49.39
N ALA D 22 -8.48 8.24 48.43
CA ALA D 22 -8.01 8.28 47.05
C ALA D 22 -8.32 9.61 46.39
N SER D 23 -9.41 10.27 46.80
CA SER D 23 -9.77 11.55 46.20
C SER D 23 -8.65 12.57 46.34
N MET D 24 -7.97 12.57 47.47
CA MET D 24 -6.88 13.51 47.70
C MET D 24 -5.68 13.28 46.79
N THR D 25 -5.60 12.14 46.09
CA THR D 25 -4.45 11.79 45.25
C THR D 25 -4.76 11.83 43.75
N LEU D 26 -5.90 12.38 43.34
CA LEU D 26 -6.29 12.34 41.93
C LEU D 26 -5.26 12.97 40.99
N THR D 27 -4.48 13.93 41.51
CA THR D 27 -3.49 14.61 40.67
C THR D 27 -2.46 13.65 40.06
N VAL D 28 -2.06 12.60 40.79
CA VAL D 28 -0.99 11.75 40.25
C VAL D 28 -1.48 11.05 38.99
N GLN D 29 -2.76 10.69 38.96
CA GLN D 29 -3.26 10.06 37.75
C GLN D 29 -3.48 11.13 36.69
N ALA D 30 -3.94 12.32 37.11
CA ALA D 30 -4.18 13.39 36.14
C ALA D 30 -2.90 13.69 35.37
N ARG D 31 -1.76 13.65 36.07
CA ARG D 31 -0.47 13.86 35.40
C ARG D 31 -0.11 12.69 34.51
N ASN D 32 -0.28 11.45 35.01
CA ASN D 32 0.15 10.28 34.26
C ASN D 32 -0.71 9.94 33.05
N LEU D 33 -1.98 10.37 33.00
CA LEU D 33 -2.84 10.03 31.85
C LEU D 33 -2.28 10.51 30.52
N LEU D 34 -1.61 11.66 30.51
CA LEU D 34 -1.05 12.19 29.25
C LEU D 34 0.41 11.75 29.11
N GLY D 61 7.92 1.90 14.10
CA GLY D 61 7.63 3.31 13.91
C GLY D 61 6.13 3.59 13.89
N ILE D 62 5.40 2.82 13.08
CA ILE D 62 3.96 3.02 12.96
C ILE D 62 3.26 2.71 14.28
N LYS D 63 3.78 1.75 15.05
CA LYS D 63 3.18 1.40 16.32
C LYS D 63 3.18 2.57 17.29
N GLN D 64 4.28 3.33 17.33
CA GLN D 64 4.33 4.44 18.28
C GLN D 64 3.40 5.56 17.84
N LEU D 65 3.30 5.80 16.53
CA LEU D 65 2.40 6.87 16.08
C LEU D 65 0.96 6.49 16.37
N GLN D 66 0.59 5.23 16.18
CA GLN D 66 -0.78 4.84 16.48
C GLN D 66 -1.04 4.95 17.98
N ALA D 67 -0.07 4.54 18.80
CA ALA D 67 -0.26 4.63 20.24
C ALA D 67 -0.40 6.07 20.70
N ARG D 68 0.39 6.98 20.11
CA ARG D 68 0.29 8.38 20.51
C ARG D 68 -1.04 8.97 20.10
N VAL D 69 -1.50 8.65 18.89
CA VAL D 69 -2.77 9.21 18.43
C VAL D 69 -3.92 8.68 19.28
N LEU D 70 -3.92 7.38 19.57
CA LEU D 70 -5.02 6.85 20.36
C LEU D 70 -4.98 7.39 21.79
N ALA D 71 -3.78 7.54 22.38
CA ALA D 71 -3.71 8.10 23.73
C ALA D 71 -4.26 9.51 23.76
N VAL D 72 -3.96 10.29 22.72
CA VAL D 72 -4.47 11.65 22.63
C VAL D 72 -5.98 11.63 22.46
N GLU D 73 -6.51 10.75 21.61
CA GLU D 73 -7.95 10.72 21.44
C GLU D 73 -8.66 10.34 22.75
N HIS D 74 -8.11 9.40 23.51
CA HIS D 74 -8.78 9.02 24.75
C HIS D 74 -8.76 10.18 25.74
N TYR D 75 -7.61 10.86 25.82
CA TYR D 75 -7.48 12.01 26.70
C TYR D 75 -8.51 13.06 26.33
N LEU D 76 -8.60 13.39 25.03
CA LEU D 76 -9.52 14.41 24.60
C LEU D 76 -10.97 13.99 24.80
N ARG D 77 -11.29 12.69 24.69
CA ARG D 77 -12.68 12.31 24.92
C ARG D 77 -13.05 12.58 26.38
N ASP D 78 -12.12 12.29 27.29
CA ASP D 78 -12.45 12.54 28.70
C ASP D 78 -12.53 14.05 28.96
N GLN D 79 -11.63 14.82 28.34
CA GLN D 79 -11.65 16.26 28.55
C GLN D 79 -12.91 16.86 27.94
N GLN D 80 -13.34 16.33 26.79
CA GLN D 80 -14.55 16.82 26.14
C GLN D 80 -15.76 16.57 27.02
N LEU D 81 -15.81 15.38 27.65
CA LEU D 81 -16.95 15.10 28.51
C LEU D 81 -16.95 16.06 29.70
N LEU D 82 -15.77 16.34 30.27
CA LEU D 82 -15.75 17.27 31.39
C LEU D 82 -16.14 18.67 30.92
N GLY D 83 -15.73 19.03 29.71
CA GLY D 83 -16.07 20.33 29.14
C GLY D 83 -17.56 20.54 28.98
N ILE D 84 -18.23 19.57 28.35
CA ILE D 84 -19.66 19.70 28.08
C ILE D 84 -20.42 19.81 29.40
N TRP D 85 -20.00 19.06 30.41
CA TRP D 85 -20.67 19.07 31.70
C TRP D 85 -20.38 20.33 32.52
N GLY D 86 -19.51 21.21 32.05
CA GLY D 86 -19.14 22.39 32.81
C GLY D 86 -18.11 22.13 33.88
N CYS D 87 -17.30 21.08 33.72
CA CYS D 87 -16.30 20.66 34.69
C CYS D 87 -14.89 20.75 34.12
N SER D 88 -14.70 21.58 33.08
CA SER D 88 -13.45 21.61 32.33
C SER D 88 -12.22 21.92 33.18
N GLY D 89 -12.36 22.71 34.24
CA GLY D 89 -11.22 23.11 35.04
C GLY D 89 -11.06 22.52 36.42
N LYS D 90 -11.80 21.47 36.78
CA LYS D 90 -11.76 20.92 38.13
C LYS D 90 -11.49 19.42 38.08
N LEU D 91 -10.81 18.93 39.11
CA LEU D 91 -10.67 17.49 39.29
C LEU D 91 -11.90 16.91 39.97
N ILE D 92 -12.50 17.68 40.89
CA ILE D 92 -13.72 17.30 41.59
C ILE D 92 -14.74 18.38 41.25
N CYS D 93 -15.81 17.99 40.57
CA CYS D 93 -16.83 18.92 40.09
C CYS D 93 -18.19 18.56 40.65
N CYS D 94 -18.79 19.48 41.41
CA CYS D 94 -20.11 19.28 41.99
C CYS D 94 -21.11 19.87 41.02
N THR D 95 -22.18 19.11 40.72
CA THR D 95 -23.23 19.58 39.82
C THR D 95 -24.62 19.47 40.45
N ASN D 96 -25.61 19.88 39.64
CA ASN D 96 -27.01 19.99 40.00
C ASN D 96 -27.84 18.72 39.79
N VAL D 97 -27.26 17.63 39.28
CA VAL D 97 -28.06 16.43 39.04
C VAL D 97 -28.31 15.66 40.33
N PRO D 98 -29.57 15.38 40.72
CA PRO D 98 -29.81 14.64 41.97
C PRO D 98 -29.42 13.17 41.83
N TRP D 99 -29.10 12.55 42.98
CA TRP D 99 -28.79 11.13 43.01
C TRP D 99 -30.07 10.34 43.20
N ASN D 100 -30.20 9.24 42.46
CA ASN D 100 -31.33 8.34 42.51
C ASN D 100 -31.10 7.20 43.52
N SER D 101 -32.19 6.60 43.97
CA SER D 101 -32.08 5.46 44.88
C SER D 101 -31.80 4.17 44.12
N SER D 102 -32.19 4.12 42.84
CA SER D 102 -31.95 2.95 42.00
C SER D 102 -30.48 2.78 41.64
N TRP D 103 -29.69 3.84 41.76
CA TRP D 103 -28.27 3.81 41.39
C TRP D 103 -27.41 3.34 42.57
N SER D 104 -27.64 2.08 42.95
CA SER D 104 -26.88 1.39 44.00
C SER D 104 -26.70 2.23 45.27
N ASN D 105 -27.82 2.69 45.83
CA ASN D 105 -27.74 3.50 47.03
C ASN D 105 -27.32 2.62 48.20
N ARG D 106 -26.14 2.89 48.75
CA ARG D 106 -25.57 2.10 49.84
C ARG D 106 -25.26 2.93 51.09
N ASN D 107 -25.71 4.20 51.14
CA ASN D 107 -25.44 5.18 52.19
C ASN D 107 -24.07 5.80 51.92
N LEU D 108 -23.86 7.04 52.36
CA LEU D 108 -22.55 7.68 52.13
C LEU D 108 -21.44 7.07 52.98
N SER D 109 -21.74 6.58 54.19
CA SER D 109 -20.66 6.09 55.03
C SER D 109 -20.07 4.81 54.44
N GLU D 110 -20.91 3.95 53.87
CA GLU D 110 -20.41 2.73 53.28
C GLU D 110 -19.66 3.02 51.98
N ILE D 111 -20.21 3.93 51.18
CA ILE D 111 -19.63 4.24 49.88
C ILE D 111 -18.27 4.91 50.04
N TRP D 112 -18.17 5.90 50.93
CA TRP D 112 -16.90 6.62 51.06
C TRP D 112 -15.88 5.99 52.00
N ASP D 113 -16.29 5.31 53.08
CA ASP D 113 -15.32 4.74 54.01
C ASP D 113 -15.03 3.27 53.81
N ASN D 114 -16.01 2.48 53.34
CA ASN D 114 -15.86 1.03 53.24
C ASN D 114 -15.67 0.52 51.81
N MET D 115 -15.51 1.40 50.82
CA MET D 115 -15.36 0.98 49.42
C MET D 115 -14.19 1.65 48.73
N THR D 116 -13.60 0.92 47.80
CA THR D 116 -12.56 1.42 46.91
C THR D 116 -13.23 1.89 45.62
N TRP D 117 -12.46 2.62 44.79
CA TRP D 117 -13.05 3.09 43.55
C TRP D 117 -13.35 1.96 42.58
N LEU D 118 -12.59 0.87 42.61
CA LEU D 118 -12.87 -0.24 41.70
C LEU D 118 -14.21 -0.88 42.03
N GLN D 119 -14.49 -1.04 43.32
CA GLN D 119 -15.75 -1.67 43.72
C GLN D 119 -16.92 -0.76 43.40
N TRP D 120 -16.76 0.54 43.65
CA TRP D 120 -17.84 1.46 43.37
C TRP D 120 -18.11 1.51 41.88
N ASP D 121 -17.05 1.55 41.07
CA ASP D 121 -17.21 1.57 39.62
C ASP D 121 -17.97 0.35 39.16
N LYS D 122 -17.68 -0.82 39.75
CA LYS D 122 -18.42 -2.01 39.38
C LYS D 122 -19.89 -1.90 39.77
N GLU D 123 -20.19 -1.41 40.98
CA GLU D 123 -21.57 -1.36 41.44
C GLU D 123 -22.48 -0.46 40.61
N ILE D 124 -21.97 0.64 40.03
CA ILE D 124 -22.82 1.53 39.22
C ILE D 124 -22.41 1.56 37.76
N SER D 125 -21.72 0.51 37.28
CA SER D 125 -21.28 0.51 35.89
C SER D 125 -22.47 0.64 34.92
N ASN D 126 -23.57 -0.05 35.23
CA ASN D 126 -24.67 -0.12 34.29
C ASN D 126 -25.47 1.17 34.17
N TYR D 127 -25.18 2.18 34.98
CA TYR D 127 -25.90 3.43 34.93
C TYR D 127 -25.02 4.55 34.40
N THR D 128 -23.82 4.21 33.91
CA THR D 128 -22.85 5.23 33.51
C THR D 128 -23.42 6.15 32.44
N GLN D 129 -24.07 5.58 31.42
CA GLN D 129 -24.55 6.41 30.33
C GLN D 129 -25.72 7.26 30.75
N ILE D 130 -26.48 6.77 31.74
CA ILE D 130 -27.63 7.55 32.21
C ILE D 130 -27.11 8.82 32.84
N ILE D 131 -26.07 8.68 33.66
CA ILE D 131 -25.52 9.84 34.35
C ILE D 131 -25.05 10.86 33.33
N TYR D 132 -24.35 10.37 32.30
CA TYR D 132 -23.76 11.31 31.36
C TYR D 132 -24.83 12.10 30.64
N GLY D 133 -25.93 11.45 30.25
CA GLY D 133 -26.97 12.19 29.55
C GLY D 133 -27.56 13.28 30.41
N LEU D 134 -27.79 12.95 31.69
CA LEU D 134 -28.38 13.94 32.58
C LEU D 134 -27.45 15.12 32.77
N LEU D 135 -26.15 14.83 32.86
CA LEU D 135 -25.20 15.89 33.11
C LEU D 135 -25.20 16.87 31.96
N GLU D 136 -25.26 16.35 30.73
CA GLU D 136 -25.19 17.25 29.59
C GLU D 136 -26.43 18.12 29.54
N GLU D 137 -27.58 17.54 29.83
CA GLU D 137 -28.81 18.31 29.71
C GLU D 137 -28.82 19.43 30.74
N SER D 138 -28.34 19.14 31.95
CA SER D 138 -28.36 20.17 32.98
C SER D 138 -27.49 21.34 32.58
N GLN D 139 -26.28 21.06 32.07
CA GLN D 139 -25.40 22.17 31.75
C GLN D 139 -25.98 23.01 30.63
N ASN D 140 -26.64 22.37 29.66
CA ASN D 140 -27.18 23.17 28.56
C ASN D 140 -28.26 24.10 29.07
N GLN D 141 -29.12 23.60 29.95
CA GLN D 141 -30.17 24.46 30.46
C GLN D 141 -29.57 25.57 31.30
N GLN D 142 -28.52 25.26 32.05
CA GLN D 142 -27.92 26.28 32.89
C GLN D 142 -27.35 27.40 32.05
N GLU D 143 -26.71 27.05 30.93
CA GLU D 143 -26.13 28.12 30.14
C GLU D 143 -27.22 28.97 29.51
N LYS D 144 -28.33 28.34 29.08
CA LYS D 144 -29.40 29.14 28.52
C LYS D 144 -29.97 30.05 29.59
N ASN D 145 -30.09 29.53 30.81
CA ASN D 145 -30.66 30.34 31.87
C ASN D 145 -29.75 31.52 32.15
N GLU D 146 -28.43 31.30 32.11
CA GLU D 146 -27.53 32.42 32.34
C GLU D 146 -27.66 33.44 31.23
N GLN D 147 -27.88 32.97 30.00
CA GLN D 147 -28.02 33.91 28.90
C GLN D 147 -29.26 34.77 29.12
N ASP D 148 -30.33 34.18 29.68
CA ASP D 148 -31.50 34.99 29.97
C ASP D 148 -31.23 35.90 31.16
N LEU D 149 -30.49 35.40 32.16
CA LEU D 149 -30.18 36.21 33.32
C LEU D 149 -29.21 37.34 32.97
N LEU D 150 -28.27 37.07 32.08
CA LEU D 150 -27.34 38.11 31.63
C LEU D 150 -28.06 39.15 30.78
N ALA D 151 -28.93 38.71 29.87
CA ALA D 151 -29.68 39.62 29.01
C ALA D 151 -30.96 40.07 29.71
N ASN E 3 5.36 38.50 50.74
CA ASN E 3 5.16 39.78 50.09
C ASN E 3 4.90 39.61 48.60
N LEU E 4 5.75 38.81 47.95
CA LEU E 4 5.63 38.51 46.53
C LEU E 4 5.01 37.14 46.35
N TRP E 5 4.27 36.98 45.24
CA TRP E 5 3.56 35.76 44.93
C TRP E 5 3.93 35.26 43.54
N VAL E 6 3.80 33.96 43.36
CA VAL E 6 4.10 33.28 42.10
C VAL E 6 2.97 33.50 41.11
N THR E 7 3.30 33.95 39.89
CA THR E 7 2.34 34.06 38.80
C THR E 7 2.84 33.30 37.59
N VAL E 8 1.94 32.53 36.98
CA VAL E 8 2.23 31.69 35.82
C VAL E 8 1.77 32.44 34.57
N TYR E 9 2.68 32.58 33.60
CA TYR E 9 2.43 33.26 32.34
C TYR E 9 2.55 32.27 31.21
N TYR E 10 1.51 32.16 30.38
CA TYR E 10 1.51 31.25 29.24
C TYR E 10 1.59 32.11 27.99
N GLY E 11 2.47 31.74 27.07
CA GLY E 11 2.70 32.50 25.87
C GLY E 11 3.98 33.30 25.95
N VAL E 12 4.84 32.99 26.90
CA VAL E 12 6.11 33.70 27.13
C VAL E 12 7.06 33.51 25.95
N PRO E 13 7.59 34.60 25.34
CA PRO E 13 8.45 34.50 24.13
C PRO E 13 9.87 34.03 24.41
N VAL E 14 10.01 32.77 24.85
CA VAL E 14 11.32 32.17 25.11
C VAL E 14 11.43 30.85 24.36
N TRP E 15 12.66 30.39 24.19
CA TRP E 15 12.92 29.16 23.48
C TRP E 15 14.19 28.50 24.01
N LYS E 16 14.36 27.23 23.64
CA LYS E 16 15.53 26.44 23.96
C LYS E 16 16.01 25.73 22.71
N ASP E 17 17.32 25.47 22.65
CA ASP E 17 17.86 24.75 21.50
C ASP E 17 17.23 23.37 21.42
N ALA E 18 16.89 22.95 20.21
CA ALA E 18 16.25 21.65 20.03
C ALA E 18 16.52 21.11 18.63
N GLU E 19 16.41 19.79 18.51
CA GLU E 19 16.52 19.07 17.25
C GLU E 19 15.18 18.44 16.97
N THR E 20 14.57 18.79 15.83
CA THR E 20 13.27 18.26 15.46
C THR E 20 13.25 17.91 13.99
N THR E 21 12.11 17.42 13.52
CA THR E 21 11.89 17.07 12.12
C THR E 21 11.32 18.28 11.39
N LEU E 22 11.99 18.70 10.32
CA LEU E 22 11.55 19.81 9.49
C LEU E 22 10.84 19.24 8.27
N PHE E 23 9.92 20.01 7.69
CA PHE E 23 9.22 19.57 6.49
C PHE E 23 9.60 20.47 5.32
N CYS E 24 9.40 19.95 4.11
CA CYS E 24 9.74 20.67 2.89
C CYS E 24 8.57 21.44 2.30
N ALA E 25 8.93 22.47 1.54
CA ALA E 25 8.01 23.25 0.73
C ALA E 25 8.69 23.60 -0.58
N SER E 26 7.90 23.71 -1.64
CA SER E 26 8.42 24.10 -2.94
C SER E 26 7.27 24.66 -3.78
N ASP E 27 7.64 25.30 -4.88
CA ASP E 27 6.66 25.88 -5.80
C ASP E 27 6.28 24.88 -6.88
N HIS E 36 9.19 15.41 -14.45
CA HIS E 36 9.64 14.90 -13.17
C HIS E 36 11.04 15.35 -12.82
N ASN E 37 11.34 15.34 -11.53
CA ASN E 37 12.62 15.76 -10.99
C ASN E 37 12.96 14.88 -9.80
N VAL E 38 14.26 14.67 -9.57
CA VAL E 38 14.69 13.87 -8.43
C VAL E 38 14.18 14.54 -7.15
N TRP E 39 14.34 15.84 -7.05
CA TRP E 39 13.90 16.59 -5.87
C TRP E 39 12.49 17.08 -6.19
N ALA E 40 11.61 16.09 -6.27
CA ALA E 40 10.25 16.30 -6.74
C ALA E 40 9.48 17.30 -5.88
N THR E 41 8.64 18.08 -6.54
CA THR E 41 7.77 19.03 -5.87
C THR E 41 6.40 18.43 -5.60
N HIS E 42 6.19 17.17 -6.00
CA HIS E 42 4.93 16.48 -5.76
C HIS E 42 4.85 16.00 -4.32
N ALA E 43 6.01 15.69 -3.73
CA ALA E 43 6.07 15.21 -2.36
C ALA E 43 5.53 16.25 -1.37
N CYS E 44 5.74 17.53 -1.65
CA CYS E 44 5.28 18.57 -0.75
C CYS E 44 5.20 19.89 -1.49
N VAL E 45 4.11 20.61 -1.25
CA VAL E 45 3.93 21.97 -1.77
C VAL E 45 3.43 22.96 -0.71
N PRO E 46 3.77 22.83 0.61
CA PRO E 46 3.24 23.87 1.52
C PRO E 46 4.05 25.15 1.43
N THR E 47 3.98 25.80 0.27
CA THR E 47 4.75 27.00 0.02
C THR E 47 4.04 28.23 0.61
N ASP E 48 4.73 29.37 0.52
CA ASP E 48 4.23 30.63 1.07
C ASP E 48 4.71 31.75 0.15
N PRO E 49 3.84 32.29 -0.71
CA PRO E 49 4.27 33.38 -1.59
C PRO E 49 4.71 34.64 -0.88
N ASN E 50 4.35 34.84 0.40
CA ASN E 50 4.68 36.04 1.14
C ASN E 50 5.19 35.69 2.54
N PRO E 51 6.37 35.08 2.63
CA PRO E 51 6.88 34.67 3.94
C PRO E 51 7.25 35.92 4.73
N GLN E 52 7.13 35.83 6.05
CA GLN E 52 7.47 36.95 6.91
C GLN E 52 8.77 36.71 7.68
N GLU E 53 9.43 37.81 8.00
CA GLU E 53 10.63 37.84 8.82
C GLU E 53 10.37 38.81 9.96
N ILE E 54 10.45 38.33 11.20
CA ILE E 54 10.21 39.18 12.36
C ILE E 54 11.57 39.44 13.01
N HIS E 55 12.05 40.67 12.91
CA HIS E 55 13.35 40.98 13.47
C HIS E 55 13.26 40.98 14.98
N LEU E 56 14.25 40.37 15.65
CA LEU E 56 14.29 40.35 17.10
C LEU E 56 15.28 41.41 17.57
N GLU E 57 14.78 42.53 18.08
CA GLU E 57 15.66 43.59 18.52
C GLU E 57 16.23 43.22 19.87
N ASN E 58 17.48 43.63 20.13
CA ASN E 58 18.14 43.40 21.40
C ASN E 58 18.18 41.91 21.75
N VAL E 59 18.36 41.05 20.75
CA VAL E 59 18.48 39.60 20.94
C VAL E 59 19.78 39.12 20.31
N THR E 60 20.62 38.48 21.12
CA THR E 60 21.87 37.89 20.67
C THR E 60 21.82 36.41 20.98
N GLU E 61 22.05 35.57 19.95
CA GLU E 61 22.00 34.12 20.09
C GLU E 61 23.31 33.53 19.62
N GLU E 62 23.70 32.37 20.14
CA GLU E 62 24.90 31.71 19.66
C GLU E 62 24.54 30.65 18.63
N PHE E 63 25.37 30.58 17.59
CA PHE E 63 25.24 29.62 16.50
C PHE E 63 26.48 28.74 16.45
N ASN E 64 26.31 27.53 15.91
CA ASN E 64 27.45 26.65 15.67
C ASN E 64 27.13 25.81 14.44
N MET E 65 27.64 26.23 13.29
CA MET E 65 27.31 25.57 12.02
C MET E 65 27.81 24.14 11.95
N TRP E 66 28.75 23.75 12.82
CA TRP E 66 29.35 22.43 12.79
C TRP E 66 28.58 21.41 13.61
N LYS E 67 27.57 21.85 14.37
CA LYS E 67 26.77 21.01 15.24
C LYS E 67 25.29 21.14 14.91
N ASN E 68 24.98 21.72 13.74
CA ASN E 68 23.62 22.05 13.32
C ASN E 68 22.94 20.83 12.73
N ASN E 69 21.95 20.30 13.45
CA ASN E 69 21.27 19.07 13.06
C ASN E 69 20.56 19.21 11.71
N MET E 70 20.32 20.45 11.25
CA MET E 70 19.63 20.65 9.98
C MET E 70 20.44 20.07 8.83
N VAL E 71 21.76 20.08 8.95
CA VAL E 71 22.61 19.59 7.87
C VAL E 71 22.46 18.09 7.76
N GLU E 72 22.48 17.38 8.89
CA GLU E 72 22.35 15.93 8.85
C GLU E 72 20.96 15.54 8.37
N GLN E 73 19.94 16.30 8.78
CA GLN E 73 18.59 15.97 8.36
C GLN E 73 18.45 16.18 6.86
N MET E 74 19.04 17.26 6.33
CA MET E 74 18.99 17.48 4.90
C MET E 74 19.71 16.36 4.17
N HIS E 75 20.85 15.92 4.71
CA HIS E 75 21.61 14.85 4.07
C HIS E 75 20.74 13.62 3.92
N GLU E 76 20.07 13.23 4.99
CA GLU E 76 19.21 12.05 4.92
C GLU E 76 18.07 12.28 3.94
N ASP E 77 17.52 13.51 3.92
CA ASP E 77 16.42 13.78 3.00
C ASP E 77 16.86 13.63 1.55
N ILE E 78 18.07 14.08 1.24
CA ILE E 78 18.57 13.99 -0.13
C ILE E 78 18.81 12.52 -0.49
N ILE E 79 19.38 11.74 0.42
CA ILE E 79 19.62 10.33 0.11
C ILE E 79 18.30 9.62 -0.12
N SER E 80 17.32 9.90 0.75
CA SER E 80 16.02 9.24 0.62
C SER E 80 15.36 9.59 -0.70
N LEU E 81 15.37 10.87 -1.08
CA LEU E 81 14.74 11.26 -2.34
C LEU E 81 15.47 10.62 -3.51
N TRP E 82 16.79 10.55 -3.43
CA TRP E 82 17.58 9.92 -4.49
C TRP E 82 17.14 8.48 -4.69
N ASP E 83 17.06 7.72 -3.59
CA ASP E 83 16.69 6.32 -3.73
C ASP E 83 15.25 6.17 -4.20
N GLN E 84 14.35 7.04 -3.73
CA GLN E 84 12.96 6.94 -4.18
C GLN E 84 12.88 7.14 -5.68
N SER E 85 13.67 8.07 -6.20
CA SER E 85 13.70 8.31 -7.63
C SER E 85 14.26 7.11 -8.40
N LEU E 86 15.34 6.52 -7.89
CA LEU E 86 15.98 5.42 -8.62
C LEU E 86 15.22 4.10 -8.54
N LYS E 87 14.48 3.82 -7.45
CA LYS E 87 13.77 2.54 -7.31
C LYS E 87 12.91 2.16 -8.51
N PRO E 88 11.95 2.98 -8.96
CA PRO E 88 11.10 2.57 -10.09
C PRO E 88 11.75 2.77 -11.46
N CYS E 89 12.88 2.10 -11.69
CA CYS E 89 13.61 2.27 -12.95
C CYS E 89 14.14 0.91 -13.41
N VAL E 90 14.69 0.90 -14.62
CA VAL E 90 15.19 -0.31 -15.27
C VAL E 90 16.48 -0.79 -14.62
N LYS E 91 16.53 -2.08 -14.29
CA LYS E 91 17.72 -2.71 -13.73
C LYS E 91 18.59 -3.15 -14.91
N LEU E 92 19.91 -3.02 -14.78
CA LEU E 92 20.83 -3.43 -15.84
C LEU E 92 21.67 -4.66 -15.50
N THR E 93 21.19 -5.56 -14.66
CA THR E 93 22.00 -6.73 -14.32
C THR E 93 22.38 -7.58 -15.55
N PRO E 94 21.55 -7.71 -16.60
CA PRO E 94 22.01 -8.48 -17.78
C PRO E 94 23.21 -7.88 -18.50
N LEU E 95 23.55 -6.61 -18.23
CA LEU E 95 24.67 -5.96 -18.90
C LEU E 95 26.04 -6.33 -18.34
N CYS E 96 26.11 -6.94 -17.17
CA CYS E 96 27.40 -7.28 -16.57
C CYS E 96 27.93 -8.56 -17.23
N VAL E 97 28.48 -8.37 -18.43
CA VAL E 97 28.95 -9.44 -19.29
C VAL E 97 30.37 -9.12 -19.72
N THR E 98 31.03 -10.11 -20.33
CA THR E 98 32.35 -9.86 -20.88
C THR E 98 32.17 -9.05 -22.16
N LEU E 99 32.93 -7.97 -22.28
CA LEU E 99 32.86 -7.09 -23.43
C LEU E 99 34.08 -7.29 -24.32
N GLN E 100 33.86 -7.29 -25.64
CA GLN E 100 34.95 -7.30 -26.60
C GLN E 100 35.12 -5.86 -27.06
N CYS E 101 36.12 -5.16 -26.51
CA CYS E 101 36.26 -3.73 -26.75
C CYS E 101 37.50 -3.44 -27.59
N THR E 102 37.37 -2.48 -28.50
CA THR E 102 38.46 -1.93 -29.30
C THR E 102 38.41 -0.40 -29.23
N ASN E 103 39.40 0.25 -29.85
CA ASN E 103 39.46 1.71 -29.83
C ASN E 103 38.46 2.30 -30.84
N TYR E 104 37.66 3.26 -30.39
CA TYR E 104 36.65 3.86 -31.26
C TYR E 104 37.23 4.53 -32.49
N ALA E 105 38.22 5.40 -32.32
CA ALA E 105 38.80 6.16 -33.43
C ALA E 105 40.32 6.22 -33.32
N PRO E 106 41.03 5.20 -33.82
CA PRO E 106 42.50 5.21 -33.71
C PRO E 106 43.15 6.44 -34.31
N LYS E 107 42.52 7.08 -35.30
CA LYS E 107 43.10 8.24 -35.97
C LYS E 107 42.78 9.54 -35.20
N LEU E 108 43.26 9.59 -33.96
CA LEU E 108 43.13 10.76 -33.11
C LEU E 108 44.47 11.05 -32.48
N ARG E 109 44.89 12.32 -32.48
CA ARG E 109 46.16 12.72 -31.90
C ARG E 109 45.98 13.57 -30.66
N SER E 110 44.75 13.94 -30.32
CA SER E 110 44.46 14.77 -29.16
C SER E 110 44.46 13.89 -27.92
N MET E 111 44.30 14.52 -26.75
CA MET E 111 44.25 13.75 -25.51
C MET E 111 43.01 12.85 -25.45
N MET E 112 42.04 13.02 -26.36
CA MET E 112 40.87 12.16 -26.44
C MET E 112 41.16 10.75 -26.91
N ARG E 113 42.25 10.52 -27.64
CA ARG E 113 42.49 9.19 -28.19
C ARG E 113 42.58 8.18 -27.07
N GLY E 114 41.84 7.08 -27.23
CA GLY E 114 41.82 6.01 -26.27
C GLY E 114 40.80 6.18 -25.17
N GLU E 115 40.11 7.32 -25.12
CA GLU E 115 39.15 7.59 -24.05
C GLU E 115 37.81 6.88 -24.25
N ILE E 116 37.40 6.61 -25.49
CA ILE E 116 36.13 5.93 -25.77
C ILE E 116 36.41 4.70 -26.60
N LYS E 117 35.71 3.61 -26.25
CA LYS E 117 35.87 2.30 -26.86
C LYS E 117 34.59 1.71 -27.45
N ASN E 118 34.81 0.92 -28.49
CA ASN E 118 33.82 0.13 -29.24
C ASN E 118 33.66 -1.23 -28.59
N CYS E 119 32.62 -1.43 -27.80
CA CYS E 119 32.43 -2.66 -27.04
C CYS E 119 31.28 -3.46 -27.63
N SER E 120 31.57 -4.71 -27.97
CA SER E 120 30.63 -5.66 -28.56
C SER E 120 30.26 -6.71 -27.52
N PHE E 121 28.95 -6.93 -27.34
CA PHE E 121 28.51 -7.91 -26.36
C PHE E 121 27.16 -8.51 -26.75
N ASN E 122 26.87 -9.67 -26.15
CA ASN E 122 25.63 -10.42 -26.36
C ASN E 122 24.62 -10.08 -25.25
N MET E 123 23.60 -9.30 -25.60
CA MET E 123 22.59 -8.85 -24.65
C MET E 123 21.32 -9.66 -24.81
N THR E 124 20.61 -9.82 -23.68
CA THR E 124 19.32 -10.49 -23.66
C THR E 124 18.27 -9.71 -24.45
N THR E 125 17.49 -10.45 -25.24
CA THR E 125 16.36 -9.94 -26.00
C THR E 125 15.07 -10.03 -25.18
N GLU E 126 13.97 -9.51 -25.74
CA GLU E 126 12.70 -9.59 -25.04
C GLU E 126 12.36 -11.03 -24.68
N LEU E 127 12.59 -11.96 -25.61
CA LEU E 127 12.33 -13.36 -25.37
C LEU E 127 13.56 -13.98 -24.70
N ARG E 128 13.33 -14.88 -23.74
CA ARG E 128 14.44 -15.50 -23.03
C ARG E 128 15.21 -16.51 -23.88
N ASP E 129 14.72 -16.87 -25.06
CA ASP E 129 15.43 -17.87 -25.86
C ASP E 129 16.55 -17.31 -26.71
N LYS E 130 16.48 -16.02 -27.09
CA LYS E 130 17.41 -15.46 -28.06
C LYS E 130 18.26 -14.36 -27.46
N LYS E 131 19.41 -14.13 -28.09
CA LYS E 131 20.35 -13.09 -27.73
C LYS E 131 20.54 -12.18 -28.94
N GLN E 132 20.91 -10.92 -28.69
CA GLN E 132 21.21 -9.96 -29.73
C GLN E 132 22.64 -9.47 -29.58
N LYS E 133 23.34 -9.29 -30.70
CA LYS E 133 24.70 -8.79 -30.66
C LYS E 133 24.61 -7.28 -30.77
N VAL E 134 25.13 -6.59 -29.76
CA VAL E 134 25.01 -5.14 -29.62
C VAL E 134 26.40 -4.52 -29.57
N TYR E 135 26.60 -3.48 -30.37
CA TYR E 135 27.80 -2.68 -30.31
C TYR E 135 27.40 -1.38 -29.61
N SER E 136 28.23 -0.94 -28.67
CA SER E 136 27.98 0.32 -27.99
C SER E 136 29.31 0.99 -27.69
N LEU E 137 29.26 2.30 -27.49
CA LEU E 137 30.43 3.11 -27.23
C LEU E 137 30.48 3.52 -25.76
N PHE E 138 31.56 3.17 -25.06
CA PHE E 138 31.72 3.48 -23.64
C PHE E 138 32.98 4.29 -23.40
N TYR E 139 32.93 5.10 -22.34
CA TYR E 139 34.11 5.85 -21.91
C TYR E 139 35.03 4.91 -21.16
N ARG E 140 36.35 5.09 -21.29
CA ARG E 140 37.25 4.15 -20.65
C ARG E 140 37.17 4.18 -19.13
N LEU E 141 36.67 5.27 -18.55
CA LEU E 141 36.61 5.34 -17.09
C LEU E 141 35.55 4.43 -16.52
N ASP E 142 34.64 3.92 -17.36
CA ASP E 142 33.58 3.01 -16.94
C ASP E 142 33.90 1.55 -17.22
N VAL E 143 35.02 1.26 -17.90
CA VAL E 143 35.33 -0.08 -18.37
C VAL E 143 36.73 -0.45 -17.91
N VAL E 144 36.88 -1.64 -17.33
CA VAL E 144 38.15 -2.15 -16.81
C VAL E 144 38.54 -3.42 -17.54
N GLN E 145 39.82 -3.53 -17.88
CA GLN E 145 40.35 -4.70 -18.59
C GLN E 145 40.52 -5.86 -17.62
N ILE E 146 40.05 -7.04 -18.00
CA ILE E 146 40.20 -8.25 -17.21
C ILE E 146 41.25 -9.20 -17.80
N ASN E 147 41.30 -9.29 -19.13
CA ASN E 147 42.16 -10.20 -19.91
C ASN E 147 41.56 -11.60 -19.88
N LYS E 159 41.74 -7.57 -25.46
CA LYS E 159 40.35 -7.13 -25.39
C LYS E 159 39.80 -7.61 -24.03
N GLU E 160 38.62 -8.24 -24.00
CA GLU E 160 38.05 -8.78 -22.75
C GLU E 160 37.99 -7.77 -21.61
N TYR E 161 36.98 -6.91 -21.64
CA TYR E 161 36.73 -5.89 -20.64
C TYR E 161 35.39 -6.12 -19.95
N ARG E 162 35.22 -5.54 -18.76
CA ARG E 162 33.95 -5.56 -18.04
C ARG E 162 33.64 -4.17 -17.49
N LEU E 163 32.38 -3.96 -17.13
CA LEU E 163 32.03 -2.69 -16.51
C LEU E 163 32.68 -2.60 -15.13
N ILE E 164 33.10 -1.39 -14.76
CA ILE E 164 33.81 -1.18 -13.51
C ILE E 164 33.02 -1.63 -12.28
N ASN E 165 31.69 -1.54 -12.34
CA ASN E 165 30.87 -1.91 -11.19
C ASN E 165 30.60 -3.41 -11.02
N CYS E 166 31.03 -4.27 -11.94
CA CYS E 166 30.61 -5.67 -11.85
C CYS E 166 31.06 -6.41 -10.60
N ASN E 167 32.16 -6.02 -9.94
CA ASN E 167 32.51 -6.73 -8.71
C ASN E 167 31.83 -6.10 -7.50
N THR E 168 31.88 -4.77 -7.41
CA THR E 168 31.34 -4.08 -6.24
C THR E 168 29.82 -4.09 -6.17
N SER E 169 29.12 -3.79 -7.28
CA SER E 169 27.67 -3.66 -7.15
C SER E 169 26.92 -3.88 -8.45
N ALA E 170 25.63 -4.22 -8.30
CA ALA E 170 24.69 -4.23 -9.39
C ALA E 170 24.35 -2.77 -9.69
N ILE E 171 24.16 -2.45 -10.98
CA ILE E 171 23.89 -1.08 -11.41
C ILE E 171 22.46 -0.94 -11.94
N THR E 172 21.81 0.14 -11.54
CA THR E 172 20.44 0.49 -11.92
C THR E 172 20.48 1.69 -12.87
N GLN E 173 19.72 1.59 -13.96
CA GLN E 173 19.64 2.68 -14.92
C GLN E 173 18.71 3.77 -14.42
N ALA E 174 19.17 5.01 -14.50
CA ALA E 174 18.32 6.13 -14.10
C ALA E 174 17.17 6.25 -15.08
N CYS E 175 16.00 6.61 -14.58
CA CYS E 175 14.86 6.80 -15.47
C CYS E 175 15.11 7.99 -16.41
N PRO E 176 15.01 7.81 -17.74
CA PRO E 176 15.26 8.93 -18.66
C PRO E 176 14.34 10.13 -18.49
N LYS E 177 13.19 9.95 -17.84
CA LYS E 177 12.19 11.00 -17.69
C LYS E 177 12.32 11.82 -16.42
N VAL E 178 13.30 11.56 -15.57
CA VAL E 178 13.43 12.27 -14.29
C VAL E 178 14.66 13.16 -14.40
N SER E 179 14.43 14.47 -14.27
CA SER E 179 15.47 15.48 -14.34
C SER E 179 16.38 15.47 -13.11
N PHE E 180 17.64 15.82 -13.33
CA PHE E 180 18.62 15.98 -12.26
C PHE E 180 18.89 17.46 -11.97
N GLU E 181 18.05 18.35 -12.48
CA GLU E 181 18.24 19.79 -12.26
C GLU E 181 17.83 20.16 -10.83
N PRO E 182 18.71 20.79 -10.04
CA PRO E 182 18.30 21.20 -8.69
C PRO E 182 17.13 22.17 -8.71
N ILE E 183 16.19 21.96 -7.79
CA ILE E 183 15.03 22.82 -7.60
C ILE E 183 15.11 23.32 -6.16
N PRO E 184 15.00 24.63 -5.89
CA PRO E 184 15.09 25.11 -4.50
C PRO E 184 14.08 24.43 -3.59
N ILE E 185 14.57 24.03 -2.42
CA ILE E 185 13.79 23.37 -1.38
C ILE E 185 13.76 24.31 -0.19
N HIS E 186 12.56 24.60 0.32
CA HIS E 186 12.42 25.44 1.49
C HIS E 186 12.18 24.53 2.69
N TYR E 187 12.96 24.71 3.75
CA TYR E 187 12.72 23.97 4.98
C TYR E 187 11.87 24.81 5.91
N CYS E 188 10.85 24.18 6.50
CA CYS E 188 9.90 24.83 7.38
C CYS E 188 9.84 24.06 8.68
N ALA E 189 9.83 24.78 9.78
CA ALA E 189 9.71 24.17 11.08
C ALA E 189 8.25 23.80 11.36
N PRO E 190 8.01 22.72 12.11
CA PRO E 190 6.64 22.41 12.52
C PRO E 190 6.18 23.39 13.59
N ALA E 191 4.86 23.43 13.80
CA ALA E 191 4.32 24.31 14.82
C ALA E 191 4.94 24.00 16.17
N GLY E 192 5.24 25.06 16.92
CA GLY E 192 5.88 24.95 18.22
C GLY E 192 7.37 25.21 18.15
N PHE E 193 7.93 25.27 16.94
CA PHE E 193 9.33 25.50 16.66
C PHE E 193 9.46 26.72 15.74
N ALA E 194 10.65 27.32 15.75
CA ALA E 194 10.93 28.46 14.90
C ALA E 194 12.37 28.38 14.43
N ILE E 195 12.67 29.03 13.31
CA ILE E 195 14.02 29.02 12.76
C ILE E 195 14.60 30.42 12.91
N LEU E 196 15.78 30.49 13.51
CA LEU E 196 16.50 31.73 13.74
C LEU E 196 17.55 31.90 12.65
N LYS E 197 17.48 33.01 11.92
CA LYS E 197 18.41 33.35 10.86
C LYS E 197 19.36 34.40 11.41
N CYS E 198 20.67 34.13 11.32
CA CYS E 198 21.66 35.03 11.90
C CYS E 198 21.56 36.43 11.30
N LYS E 199 21.48 36.53 9.97
CA LYS E 199 21.32 37.81 9.27
C LYS E 199 22.38 38.82 9.72
N ASP E 200 23.63 38.37 9.78
CA ASP E 200 24.74 39.20 10.27
C ASP E 200 25.94 39.10 9.34
N LYS E 201 26.28 40.25 8.75
CA LYS E 201 27.36 40.32 7.78
C LYS E 201 28.69 39.89 8.39
N LYS E 202 29.44 39.07 7.66
CA LYS E 202 30.75 38.57 8.07
C LYS E 202 30.69 37.61 9.25
N PHE E 203 29.54 37.00 9.51
CA PHE E 203 29.47 35.98 10.55
C PHE E 203 30.24 34.75 10.09
N ASN E 204 31.11 34.23 10.96
CA ASN E 204 32.00 33.13 10.61
C ASN E 204 31.39 31.75 10.84
N GLY E 205 30.11 31.67 11.17
CA GLY E 205 29.41 30.42 11.38
C GLY E 205 29.34 29.93 12.80
N THR E 206 30.10 30.51 13.72
CA THR E 206 30.11 30.11 15.12
C THR E 206 30.00 31.35 15.98
N GLY E 207 29.65 31.15 17.24
CA GLY E 207 29.64 32.23 18.20
C GLY E 207 28.38 33.10 18.17
N PRO E 208 28.41 34.19 18.93
CA PRO E 208 27.23 35.06 19.05
C PRO E 208 26.89 35.79 17.76
N CYS E 209 25.60 35.99 17.57
CA CYS E 209 25.04 36.72 16.43
C CYS E 209 24.01 37.71 16.98
N PRO E 210 24.27 39.01 16.92
CA PRO E 210 23.36 40.01 17.51
C PRO E 210 22.22 40.51 16.62
N SER E 211 22.05 39.97 15.41
CA SER E 211 21.07 40.47 14.43
C SER E 211 20.09 39.39 14.02
N VAL E 212 19.81 38.47 14.95
CA VAL E 212 18.99 37.30 14.69
C VAL E 212 17.55 37.72 14.40
N SER E 213 16.97 37.13 13.35
CA SER E 213 15.57 37.32 12.98
C SER E 213 14.91 35.95 13.02
N THR E 214 13.59 35.93 13.20
CA THR E 214 12.84 34.68 13.24
C THR E 214 12.01 34.48 11.97
N VAL E 215 12.09 33.28 11.40
CA VAL E 215 11.31 32.88 10.24
C VAL E 215 10.67 31.54 10.56
N GLN E 216 9.61 31.21 9.80
CA GLN E 216 9.01 29.90 9.88
C GLN E 216 9.62 28.96 8.85
N CYS E 217 10.00 29.50 7.70
CA CYS E 217 10.60 28.74 6.60
C CYS E 217 11.90 29.40 6.20
N THR E 218 12.86 28.59 5.77
CA THR E 218 14.12 29.08 5.26
C THR E 218 13.97 29.50 3.80
N HIS E 219 14.99 30.19 3.28
CA HIS E 219 14.96 30.49 1.86
C HIS E 219 15.18 29.17 1.12
N GLY E 220 15.01 29.17 -0.20
CA GLY E 220 15.20 27.93 -0.91
C GLY E 220 16.68 27.63 -1.02
N ILE E 221 17.02 26.36 -0.85
CA ILE E 221 18.37 25.84 -0.99
C ILE E 221 18.37 24.91 -2.19
N LYS E 222 19.34 25.07 -3.08
CA LYS E 222 19.40 24.18 -4.22
C LYS E 222 20.29 22.98 -3.88
N PRO E 223 19.82 21.74 -4.06
CA PRO E 223 20.71 20.60 -3.75
C PRO E 223 21.72 20.37 -4.86
N VAL E 224 22.64 21.32 -4.99
CA VAL E 224 23.67 21.23 -6.02
C VAL E 224 24.75 20.30 -5.49
N VAL E 225 25.13 19.31 -6.30
CA VAL E 225 26.12 18.31 -5.91
C VAL E 225 27.40 18.61 -6.66
N SER E 226 28.47 18.81 -5.90
CA SER E 226 29.78 19.08 -6.49
C SER E 226 30.84 18.80 -5.45
N THR E 227 32.08 18.72 -5.91
CA THR E 227 33.25 18.64 -5.03
C THR E 227 34.24 19.72 -5.42
N GLN E 228 35.09 20.08 -4.45
CA GLN E 228 36.14 21.09 -4.57
C GLN E 228 35.63 22.52 -4.71
N LEU E 229 34.74 22.78 -5.66
CA LEU E 229 34.16 24.11 -5.85
C LEU E 229 32.65 24.05 -5.64
N LEU E 230 32.14 24.97 -4.83
CA LEU E 230 30.71 25.06 -4.57
C LEU E 230 30.08 25.94 -5.65
N LEU E 231 29.08 25.40 -6.34
CA LEU E 231 28.41 26.11 -7.43
C LEU E 231 27.02 26.55 -7.01
N ASN E 232 26.59 27.67 -7.58
CA ASN E 232 25.22 28.19 -7.45
C ASN E 232 24.78 28.31 -5.99
N GLY E 233 25.70 28.74 -5.14
CA GLY E 233 25.41 28.96 -3.73
C GLY E 233 25.18 30.43 -3.41
N SER E 234 25.29 30.75 -2.12
CA SER E 234 25.12 32.12 -1.66
C SER E 234 26.46 32.83 -1.68
N LEU E 235 26.42 34.14 -1.90
CA LEU E 235 27.63 34.97 -1.85
C LEU E 235 27.76 35.69 -0.51
N ALA E 236 29.00 36.00 -0.16
CA ALA E 236 29.28 36.77 1.05
C ALA E 236 28.72 38.17 0.89
N GLU E 237 28.25 38.75 2.00
CA GLU E 237 27.65 40.08 1.90
C GLU E 237 28.68 41.16 1.57
N GLU E 238 29.85 41.13 2.22
CA GLU E 238 30.86 42.19 2.04
C GLU E 238 32.21 41.69 1.56
N GLU E 239 32.70 40.57 2.09
CA GLU E 239 34.05 40.12 1.79
C GLU E 239 34.12 38.62 1.96
N VAL E 240 35.17 38.01 1.41
CA VAL E 240 35.35 36.57 1.50
C VAL E 240 35.36 36.14 2.95
N ILE E 241 34.58 35.11 3.29
CA ILE E 241 34.47 34.60 4.65
C ILE E 241 35.08 33.20 4.70
N ILE E 242 36.03 33.00 5.61
CA ILE E 242 36.69 31.71 5.78
C ILE E 242 36.11 31.07 7.04
N ARG E 243 35.46 29.91 6.89
CA ARG E 243 34.81 29.23 8.01
C ARG E 243 35.47 27.87 8.21
N SER E 244 35.75 27.53 9.46
CA SER E 244 36.31 26.23 9.77
C SER E 244 35.92 25.85 11.20
N GLU E 245 35.75 24.54 11.42
CA GLU E 245 35.53 24.08 12.79
C GLU E 245 36.75 24.38 13.65
N ASN E 246 37.95 24.23 13.08
CA ASN E 246 39.21 24.45 13.79
C ASN E 246 40.28 24.82 12.77
N ILE E 247 40.84 26.01 12.90
CA ILE E 247 41.90 26.44 11.98
C ILE E 247 43.19 25.69 12.28
N THR E 248 43.54 25.57 13.55
CA THR E 248 44.79 24.91 13.94
C THR E 248 44.80 23.44 13.50
N ASN E 249 43.67 22.75 13.63
CA ASN E 249 43.59 21.34 13.28
C ASN E 249 43.42 21.22 11.77
N ASN E 250 44.48 20.80 11.08
CA ASN E 250 44.46 20.79 9.62
C ASN E 250 43.62 19.65 9.04
N ALA E 251 43.06 18.77 9.87
CA ALA E 251 42.24 17.68 9.38
C ALA E 251 40.82 18.13 9.02
N LYS E 252 40.43 19.33 9.42
CA LYS E 252 39.10 19.85 9.13
C LYS E 252 39.11 20.54 7.77
N ASN E 253 37.96 20.52 7.10
CA ASN E 253 37.84 21.24 5.85
C ASN E 253 37.59 22.72 6.14
N ILE E 254 38.11 23.55 5.25
CA ILE E 254 37.93 25.00 5.30
C ILE E 254 36.96 25.38 4.19
N LEU E 255 35.86 26.02 4.56
CA LEU E 255 34.83 26.42 3.61
C LEU E 255 34.99 27.92 3.39
N VAL E 256 35.27 28.32 2.15
CA VAL E 256 35.53 29.71 1.81
C VAL E 256 34.34 30.21 0.99
N GLN E 257 33.65 31.23 1.50
CA GLN E 257 32.51 31.83 0.82
C GLN E 257 33.02 33.07 0.11
N LEU E 258 32.78 33.14 -1.20
CA LEU E 258 33.29 34.23 -2.02
C LEU E 258 32.34 35.43 -1.98
N ASN E 259 32.92 36.62 -2.15
CA ASN E 259 32.12 37.84 -2.20
C ASN E 259 31.48 38.05 -3.56
N THR E 260 32.15 37.64 -4.63
CA THR E 260 31.64 37.76 -5.99
C THR E 260 31.65 36.39 -6.65
N PRO E 261 30.75 36.12 -7.59
CA PRO E 261 30.78 34.82 -8.27
C PRO E 261 31.88 34.81 -9.30
N VAL E 262 32.39 33.62 -9.60
CA VAL E 262 33.29 33.43 -10.74
C VAL E 262 32.51 32.61 -11.76
N GLN E 263 32.35 33.15 -12.97
CA GLN E 263 31.55 32.45 -13.97
C GLN E 263 32.40 31.36 -14.61
N ILE E 264 31.82 30.17 -14.72
CA ILE E 264 32.47 29.02 -15.35
C ILE E 264 31.56 28.50 -16.45
N ASN E 265 32.14 28.31 -17.64
CA ASN E 265 31.42 27.81 -18.82
C ASN E 265 31.90 26.40 -19.14
N CYS E 266 31.07 25.39 -18.89
CA CYS E 266 31.44 23.99 -19.09
C CYS E 266 30.68 23.43 -20.28
N THR E 267 31.41 22.84 -21.22
CA THR E 267 30.84 22.31 -22.45
C THR E 267 31.40 20.93 -22.77
N ARG E 268 30.56 20.13 -23.45
CA ARG E 268 30.97 18.86 -24.05
C ARG E 268 30.78 19.08 -25.55
N PRO E 269 31.81 19.56 -26.26
CA PRO E 269 31.64 20.02 -27.65
C PRO E 269 31.58 18.90 -28.69
N SER E 270 30.58 18.02 -28.56
CA SER E 270 30.40 16.98 -29.55
C SER E 270 28.91 16.66 -29.67
N ASN E 271 28.50 16.29 -30.88
CA ASN E 271 27.10 15.95 -31.18
C ASN E 271 26.90 14.45 -31.07
N ASN E 272 26.52 13.99 -29.87
CA ASN E 272 26.40 12.57 -29.58
C ASN E 272 25.02 12.06 -29.99
N THR E 273 24.99 10.87 -30.60
CA THR E 273 23.76 10.23 -31.01
C THR E 273 23.52 9.06 -30.07
N VAL E 274 22.32 9.03 -29.50
CA VAL E 274 21.87 8.02 -28.54
C VAL E 274 21.00 6.98 -29.24
N LYS E 275 21.30 5.71 -28.98
CA LYS E 275 20.57 4.58 -29.52
C LYS E 275 20.05 3.80 -28.31
N SER E 276 19.03 2.96 -28.54
CA SER E 276 18.51 2.13 -27.45
C SER E 276 18.09 0.75 -27.94
N ILE E 277 18.11 -0.19 -27.00
CA ILE E 277 17.66 -1.56 -27.20
C ILE E 277 16.73 -1.94 -26.05
N ARG E 278 15.93 -2.97 -26.28
CA ARG E 278 15.02 -3.50 -25.28
C ARG E 278 15.62 -4.76 -24.67
N ILE E 279 15.58 -4.87 -23.34
CA ILE E 279 16.14 -6.01 -22.62
C ILE E 279 15.01 -6.59 -21.78
N GLY E 280 14.39 -7.66 -22.26
CA GLY E 280 13.28 -8.22 -21.52
C GLY E 280 11.99 -7.46 -21.72
N PRO E 281 10.88 -8.01 -21.22
CA PRO E 281 9.58 -7.35 -21.38
C PRO E 281 9.46 -6.07 -20.57
N GLY E 282 9.02 -5.01 -21.24
CA GLY E 282 8.73 -3.74 -20.58
C GLY E 282 9.93 -2.99 -20.05
N GLN E 283 11.10 -3.19 -20.65
CA GLN E 283 12.33 -2.56 -20.22
C GLN E 283 13.06 -2.06 -21.45
N ALA E 284 13.79 -0.95 -21.30
CA ALA E 284 14.61 -0.45 -22.40
C ALA E 284 15.91 0.09 -21.87
N PHE E 285 16.98 -0.19 -22.61
CA PHE E 285 18.34 0.24 -22.29
C PHE E 285 18.80 1.30 -23.25
N TYR E 286 19.32 2.39 -22.70
CA TYR E 286 19.83 3.51 -23.47
C TYR E 286 21.35 3.48 -23.37
N TYR E 287 22.03 3.70 -24.50
CA TYR E 287 23.47 3.67 -24.51
C TYR E 287 23.99 4.69 -25.49
N PHE E 288 25.23 5.09 -25.28
CA PHE E 288 25.88 6.05 -26.15
C PHE E 288 26.13 5.37 -27.49
N GLY E 289 25.52 5.90 -28.54
CA GLY E 289 25.57 5.27 -29.84
C GLY E 289 26.78 5.66 -30.66
N ASP E 290 26.81 6.91 -31.11
CA ASP E 290 27.90 7.36 -31.98
C ASP E 290 28.11 8.85 -31.78
N VAL E 291 29.11 9.40 -32.48
CA VAL E 291 29.42 10.82 -32.45
C VAL E 291 29.40 11.33 -33.88
N LEU E 292 28.64 12.40 -34.12
CA LEU E 292 28.57 12.99 -35.44
C LEU E 292 29.62 14.09 -35.51
N GLY E 293 30.26 14.22 -36.67
CA GLY E 293 31.30 15.24 -36.79
C GLY E 293 32.56 14.80 -36.06
N HIS E 294 33.32 15.76 -35.58
CA HIS E 294 34.57 15.47 -34.90
C HIS E 294 34.31 15.16 -33.43
N VAL E 295 35.21 14.38 -32.84
CA VAL E 295 35.15 14.06 -31.42
C VAL E 295 36.05 15.05 -30.70
N ARG E 296 35.51 15.76 -29.71
CA ARG E 296 36.27 16.77 -28.98
C ARG E 296 36.14 16.54 -27.48
N MET E 297 37.14 17.01 -26.74
CA MET E 297 37.18 16.84 -25.29
C MET E 297 36.33 17.85 -24.54
N ALA E 298 35.64 17.37 -23.51
CA ALA E 298 34.84 18.23 -22.65
C ALA E 298 35.78 19.13 -21.85
N HIS E 299 35.36 20.37 -21.59
CA HIS E 299 36.21 21.27 -20.85
C HIS E 299 35.40 22.41 -20.24
N CYS E 300 36.02 23.10 -19.29
CA CYS E 300 35.44 24.28 -18.64
C CYS E 300 36.36 25.49 -18.78
N ASN E 301 35.76 26.65 -19.05
CA ASN E 301 36.46 27.92 -19.21
C ASN E 301 36.22 28.81 -18.00
N ILE E 302 37.31 29.22 -17.34
CA ILE E 302 37.30 30.15 -16.21
C ILE E 302 38.15 31.35 -16.60
N SER E 303 37.61 32.57 -16.47
CA SER E 303 38.40 33.74 -16.82
C SER E 303 39.63 33.84 -15.91
N LYS E 304 40.79 34.11 -16.51
CA LYS E 304 42.03 34.14 -15.73
C LYS E 304 42.06 35.29 -14.71
N ALA E 305 41.63 36.49 -15.12
CA ALA E 305 41.74 37.62 -14.20
C ALA E 305 40.77 37.49 -13.03
N THR E 306 39.55 37.02 -13.32
CA THR E 306 38.55 36.94 -12.25
C THR E 306 39.04 35.97 -11.19
N TRP E 307 39.54 34.82 -11.63
CA TRP E 307 40.06 33.82 -10.72
C TRP E 307 41.25 34.37 -9.92
N ASN E 308 42.17 35.05 -10.60
CA ASN E 308 43.36 35.55 -9.92
C ASN E 308 42.99 36.56 -8.84
N GLU E 309 42.01 37.42 -9.13
CA GLU E 309 41.57 38.40 -8.14
C GLU E 309 40.86 37.71 -6.98
N THR E 310 40.04 36.71 -7.29
CA THR E 310 39.30 35.99 -6.26
C THR E 310 40.27 35.26 -5.35
N LEU E 311 41.28 34.64 -5.94
CA LEU E 311 42.23 33.88 -5.14
C LEU E 311 43.04 34.83 -4.28
N GLY E 312 43.40 36.01 -4.82
CA GLY E 312 44.13 36.97 -4.00
C GLY E 312 43.32 37.40 -2.79
N LYS E 313 42.00 37.58 -2.97
CA LYS E 313 41.15 37.94 -1.84
C LYS E 313 41.13 36.82 -0.80
N VAL E 314 41.09 35.57 -1.28
CA VAL E 314 41.09 34.44 -0.37
C VAL E 314 42.39 34.42 0.40
N VAL E 315 43.50 34.68 -0.28
CA VAL E 315 44.81 34.67 0.37
C VAL E 315 44.88 35.73 1.45
N LYS E 316 44.38 36.94 1.17
CA LYS E 316 44.43 37.97 2.21
C LYS E 316 43.64 37.57 3.45
N GLN E 317 42.46 36.97 3.24
CA GLN E 317 41.68 36.59 4.41
C GLN E 317 42.33 35.42 5.13
N LEU E 318 42.98 34.53 4.37
CA LEU E 318 43.63 33.37 4.96
C LEU E 318 44.86 33.79 5.76
N ARG E 319 45.58 34.81 5.27
CA ARG E 319 46.71 35.36 6.00
C ARG E 319 46.26 35.96 7.32
N LYS E 320 45.07 36.56 7.35
CA LYS E 320 44.59 37.10 8.63
C LYS E 320 44.56 36.01 9.71
N HIS E 321 44.17 34.78 9.33
CA HIS E 321 44.18 33.67 10.27
C HIS E 321 45.57 33.09 10.51
N PHE E 322 46.42 33.01 9.48
CA PHE E 322 47.72 32.36 9.61
C PHE E 322 48.92 33.28 9.73
N GLY E 323 48.77 34.58 9.54
CA GLY E 323 49.89 35.50 9.70
C GLY E 323 50.41 36.14 8.42
N ASN E 324 50.74 37.42 8.54
CA ASN E 324 51.26 38.21 7.42
C ASN E 324 52.62 37.76 6.93
N ASN E 325 53.41 37.07 7.76
CA ASN E 325 54.77 36.66 7.41
C ASN E 325 54.92 35.23 6.91
N THR E 326 53.83 34.51 6.64
CA THR E 326 53.94 33.16 6.10
C THR E 326 53.48 33.14 4.65
N ILE E 327 53.97 32.16 3.91
CA ILE E 327 53.66 32.00 2.49
C ILE E 327 52.52 31.01 2.34
N ILE E 328 51.54 31.35 1.50
CA ILE E 328 50.39 30.50 1.20
C ILE E 328 50.59 29.93 -0.20
N ARG E 329 50.63 28.61 -0.29
CA ARG E 329 50.88 27.90 -1.53
C ARG E 329 49.68 27.01 -1.83
N PHE E 330 49.22 27.03 -3.07
CA PHE E 330 48.14 26.18 -3.53
C PHE E 330 48.70 25.05 -4.37
N ALA E 331 48.13 23.86 -4.21
CA ALA E 331 48.58 22.67 -4.93
C ALA E 331 47.38 21.80 -5.29
N GLN E 332 47.61 20.92 -6.27
CA GLN E 332 46.58 19.98 -6.71
C GLN E 332 46.39 18.88 -5.67
N SER E 333 45.22 18.25 -5.70
CA SER E 333 44.89 17.18 -4.76
C SER E 333 45.93 16.06 -4.84
N SER E 334 46.30 15.54 -3.66
CA SER E 334 47.36 14.55 -3.57
C SER E 334 46.99 13.17 -4.08
N GLY E 335 45.71 12.82 -4.14
CA GLY E 335 45.34 11.49 -4.59
C GLY E 335 44.02 11.03 -4.00
N GLY E 336 43.70 9.78 -4.28
CA GLY E 336 42.46 9.15 -3.87
C GLY E 336 41.47 9.04 -5.01
N ASP E 337 40.20 8.86 -4.64
CA ASP E 337 39.16 8.60 -5.62
C ASP E 337 38.99 9.78 -6.57
N LEU E 338 38.54 9.48 -7.79
CA LEU E 338 38.34 10.53 -8.79
C LEU E 338 37.36 11.58 -8.28
N GLU E 339 36.37 11.17 -7.49
CA GLU E 339 35.40 12.10 -6.94
C GLU E 339 36.01 13.15 -6.02
N VAL E 340 37.20 12.88 -5.46
CA VAL E 340 37.85 13.83 -4.56
C VAL E 340 39.11 14.46 -5.15
N THR E 341 39.70 13.86 -6.18
CA THR E 341 40.89 14.46 -6.80
C THR E 341 40.54 15.45 -7.89
N THR E 342 39.36 15.32 -8.49
CA THR E 342 38.88 16.22 -9.51
C THR E 342 37.64 16.98 -9.04
N HIS E 343 37.31 18.01 -9.79
CA HIS E 343 36.06 18.74 -9.60
C HIS E 343 34.98 17.86 -10.20
N SER E 344 33.79 17.87 -9.61
CA SER E 344 32.70 17.04 -10.11
C SER E 344 31.40 17.82 -10.16
N PHE E 345 30.65 17.66 -11.26
CA PHE E 345 29.36 18.34 -11.32
C PHE E 345 28.44 17.66 -12.31
N ASN E 346 27.14 17.93 -12.17
CA ASN E 346 26.10 17.46 -13.07
C ASN E 346 25.67 18.58 -14.01
N CYS E 347 25.94 18.41 -15.29
CA CYS E 347 25.67 19.42 -16.33
C CYS E 347 24.87 18.77 -17.46
N GLY E 348 23.61 19.17 -17.60
CA GLY E 348 22.79 18.66 -18.68
C GLY E 348 22.31 17.25 -18.46
N GLY E 349 22.60 16.68 -17.30
CA GLY E 349 22.32 15.31 -16.96
C GLY E 349 23.56 14.45 -17.05
N GLU E 350 24.65 14.98 -17.60
CA GLU E 350 25.92 14.27 -17.68
C GLU E 350 26.73 14.58 -16.45
N PHE E 351 27.60 13.66 -16.08
CA PHE E 351 28.48 13.83 -14.92
C PHE E 351 29.88 14.16 -15.42
N PHE E 352 30.36 15.35 -15.09
CA PHE E 352 31.65 15.85 -15.53
C PHE E 352 32.64 15.73 -14.38
N TYR E 353 33.86 15.28 -14.69
CA TYR E 353 34.98 15.25 -13.76
C TYR E 353 36.09 16.07 -14.40
N CYS E 354 36.51 17.15 -13.75
CA CYS E 354 37.45 18.11 -14.33
C CYS E 354 38.72 18.23 -13.51
N ASN E 355 39.85 18.34 -14.21
CA ASN E 355 41.17 18.45 -13.60
C ASN E 355 41.43 19.90 -13.20
N THR E 356 41.49 20.15 -11.89
CA THR E 356 41.64 21.48 -11.33
C THR E 356 43.10 21.80 -11.00
N SER E 357 44.04 20.98 -11.47
CA SER E 357 45.44 21.26 -11.21
C SER E 357 45.89 22.57 -11.83
N GLY E 358 45.17 23.06 -12.83
CA GLY E 358 45.51 24.32 -13.47
C GLY E 358 45.16 25.55 -12.66
N LEU E 359 44.34 25.41 -11.61
CA LEU E 359 43.93 26.54 -10.78
C LEU E 359 44.74 26.66 -9.50
N PHE E 360 44.92 25.55 -8.79
CA PHE E 360 45.64 25.54 -7.51
C PHE E 360 47.08 25.16 -7.77
N ASN E 361 47.79 26.04 -8.50
CA ASN E 361 49.17 25.79 -8.90
C ASN E 361 50.09 26.99 -8.64
N SER E 362 49.71 27.94 -7.79
CA SER E 362 50.52 29.12 -7.57
C SER E 362 50.79 29.37 -6.08
N THR E 363 51.77 30.24 -5.85
CA THR E 363 52.29 30.56 -4.53
C THR E 363 52.14 32.07 -4.34
N TRP E 364 51.62 32.47 -3.19
CA TRP E 364 51.38 33.87 -2.87
C TRP E 364 52.29 34.32 -1.74
N ILE E 365 53.08 35.37 -2.00
CA ILE E 365 54.06 35.90 -1.07
C ILE E 365 53.71 37.36 -0.83
N SER E 366 53.58 37.74 0.44
CA SER E 366 53.25 39.10 0.85
C SER E 366 54.12 40.15 0.16
N ASP E 380 42.14 36.75 -21.29
CA ASP E 380 42.38 35.40 -21.78
C ASP E 380 41.56 34.46 -20.89
N SER E 381 41.58 33.16 -21.17
CA SER E 381 40.77 32.17 -20.46
C SER E 381 41.61 30.96 -20.07
N LEU E 382 41.32 30.40 -18.91
CA LEU E 382 41.94 29.19 -18.39
C LEU E 382 41.02 28.04 -18.75
N ILE E 383 41.58 26.96 -19.29
CA ILE E 383 40.81 25.80 -19.74
C ILE E 383 41.13 24.61 -18.84
N LEU E 384 40.07 24.00 -18.30
CA LEU E 384 40.16 22.79 -17.49
C LEU E 384 39.70 21.61 -18.32
N PRO E 385 40.53 20.58 -18.57
CA PRO E 385 40.01 19.42 -19.31
C PRO E 385 39.10 18.62 -18.40
N CYS E 386 38.09 17.98 -19.00
CA CYS E 386 37.13 17.18 -18.25
C CYS E 386 36.91 15.83 -18.92
N TRP E 387 36.56 14.85 -18.10
CA TRP E 387 36.18 13.51 -18.53
C TRP E 387 34.71 13.28 -18.21
N ILE E 388 34.05 12.49 -19.04
CA ILE E 388 32.65 12.10 -18.85
C ILE E 388 32.63 10.61 -18.56
N LYS E 389 31.87 10.22 -17.54
CA LYS E 389 31.68 8.81 -17.24
C LYS E 389 30.21 8.60 -16.91
N GLN E 390 29.71 7.41 -17.22
CA GLN E 390 28.31 7.05 -17.01
C GLN E 390 28.00 6.25 -15.76
N ILE E 391 28.99 5.61 -15.14
CA ILE E 391 28.76 4.82 -13.94
C ILE E 391 29.20 5.64 -12.74
N ILE E 392 28.24 6.08 -11.95
CA ILE E 392 28.46 7.02 -10.86
C ILE E 392 28.18 6.31 -9.54
N ASN E 393 29.10 6.43 -8.59
CA ASN E 393 28.92 5.86 -7.26
C ASN E 393 28.74 7.05 -6.31
N MET E 394 27.51 7.55 -6.25
CA MET E 394 27.25 8.78 -5.50
C MET E 394 27.18 8.51 -4.00
N TRP E 395 27.46 9.58 -3.26
CA TRP E 395 27.35 9.65 -1.80
C TRP E 395 28.32 8.71 -1.10
N GLN E 396 29.32 8.21 -1.82
CA GLN E 396 30.31 7.27 -1.28
C GLN E 396 29.68 6.01 -0.71
N ARG E 397 28.57 5.55 -1.27
CA ARG E 397 27.91 4.33 -0.79
C ARG E 397 28.40 3.13 -1.59
N ILE E 398 29.16 2.26 -0.94
CA ILE E 398 29.71 1.10 -1.63
C ILE E 398 28.62 0.04 -1.65
N GLY E 399 28.37 -0.54 -2.82
CA GLY E 399 27.33 -1.52 -3.01
C GLY E 399 26.17 -1.04 -3.86
N GLN E 400 26.10 0.26 -4.16
CA GLN E 400 25.08 0.82 -5.03
C GLN E 400 25.75 1.57 -6.17
N ALA E 401 25.11 1.57 -7.33
CA ALA E 401 25.63 2.30 -8.48
C ALA E 401 24.48 2.70 -9.39
N MET E 402 24.65 3.81 -10.09
CA MET E 402 23.70 4.31 -11.07
C MET E 402 24.35 4.41 -12.43
N TYR E 403 23.59 4.08 -13.48
CA TYR E 403 24.00 4.26 -14.85
C TYR E 403 23.28 5.48 -15.38
N ALA E 404 24.03 6.51 -15.75
CA ALA E 404 23.41 7.73 -16.27
C ALA E 404 23.23 7.58 -17.78
N PRO E 405 22.01 7.67 -18.32
CA PRO E 405 21.87 7.51 -19.76
C PRO E 405 22.49 8.69 -20.48
N PRO E 406 22.96 8.50 -21.71
CA PRO E 406 23.54 9.63 -22.44
C PRO E 406 22.46 10.61 -22.86
N ILE E 407 22.86 11.85 -23.03
CA ILE E 407 21.98 12.93 -23.47
C ILE E 407 22.33 13.30 -24.91
N GLN E 408 21.29 13.35 -25.75
CA GLN E 408 21.44 13.66 -27.17
C GLN E 408 21.86 15.11 -27.39
N GLY E 409 22.85 15.31 -28.25
CA GLY E 409 23.31 16.64 -28.63
C GLY E 409 24.51 17.17 -27.90
N VAL E 410 24.59 18.49 -27.85
CA VAL E 410 25.72 19.24 -27.31
C VAL E 410 25.24 19.93 -26.04
N ILE E 411 26.03 19.80 -24.97
CA ILE E 411 25.67 20.30 -23.65
C ILE E 411 26.60 21.42 -23.24
N ARG E 412 26.02 22.53 -22.81
CA ARG E 412 26.75 23.65 -22.25
C ARG E 412 26.02 24.13 -21.01
N CYS E 413 26.77 24.41 -19.96
CA CYS E 413 26.26 25.00 -18.74
C CYS E 413 27.11 26.23 -18.41
N VAL E 414 26.45 27.23 -17.83
CA VAL E 414 27.12 28.40 -17.30
C VAL E 414 26.69 28.48 -15.85
N SER E 415 27.66 28.53 -14.93
CA SER E 415 27.34 28.55 -13.52
C SER E 415 28.26 29.50 -12.77
N ASN E 416 27.85 29.82 -11.54
CA ASN E 416 28.61 30.68 -10.66
C ASN E 416 29.36 29.84 -9.64
N ILE E 417 30.66 30.07 -9.51
CA ILE E 417 31.45 29.48 -8.45
C ILE E 417 31.31 30.45 -7.29
N THR E 418 30.76 29.97 -6.18
CA THR E 418 30.47 30.78 -5.01
C THR E 418 31.32 30.44 -3.79
N GLY E 419 32.00 29.29 -3.81
CA GLY E 419 32.84 28.97 -2.66
C GLY E 419 33.77 27.82 -2.96
N LEU E 420 34.76 27.69 -2.09
CA LEU E 420 35.80 26.68 -2.20
C LEU E 420 35.81 25.79 -0.97
N ILE E 421 36.20 24.53 -1.15
CA ILE E 421 36.50 23.62 -0.05
C ILE E 421 38.00 23.35 -0.13
N LEU E 422 38.74 23.81 0.88
CA LEU E 422 40.19 23.67 0.92
C LEU E 422 40.61 22.85 2.14
N THR E 423 41.73 22.17 2.01
CA THR E 423 42.35 21.46 3.11
C THR E 423 43.76 22.02 3.26
N ARG E 424 44.37 21.81 4.42
CA ARG E 424 45.71 22.30 4.70
C ARG E 424 46.64 21.12 4.97
N ASP E 425 47.88 21.25 4.54
CA ASP E 425 48.86 20.18 4.72
C ASP E 425 49.32 20.19 6.18
N THR E 432 57.30 27.22 7.71
CA THR E 432 57.00 28.63 7.53
C THR E 432 56.18 28.91 6.27
N THR E 433 55.79 27.85 5.55
CA THR E 433 54.92 27.97 4.39
C THR E 433 53.73 27.03 4.59
N GLU E 434 52.54 27.58 4.42
CA GLU E 434 51.30 26.82 4.52
C GLU E 434 50.86 26.42 3.13
N THR E 435 50.63 25.13 2.92
CA THR E 435 50.21 24.61 1.63
C THR E 435 48.77 24.13 1.74
N PHE E 436 47.93 24.59 0.80
CA PHE E 436 46.52 24.29 0.75
C PHE E 436 46.20 23.55 -0.54
N ARG E 437 45.25 22.61 -0.47
CA ARG E 437 44.84 21.84 -1.63
C ARG E 437 43.32 21.78 -1.72
N PRO E 438 42.76 21.62 -2.92
CA PRO E 438 41.31 21.43 -3.01
C PRO E 438 40.95 20.06 -2.48
N GLY E 439 39.73 19.93 -1.98
CA GLY E 439 39.27 18.66 -1.50
C GLY E 439 37.77 18.65 -1.36
N GLY E 440 37.29 17.64 -0.65
CA GLY E 440 35.86 17.46 -0.47
C GLY E 440 35.52 15.99 -0.54
N GLY E 441 34.27 15.73 -0.89
CA GLY E 441 33.73 14.40 -0.97
C GLY E 441 32.73 14.09 0.13
N ASP E 442 32.74 14.84 1.23
CA ASP E 442 31.76 14.67 2.28
C ASP E 442 30.70 15.71 1.96
N MET E 443 29.59 15.25 1.42
CA MET E 443 28.55 16.15 0.93
C MET E 443 27.95 17.05 1.98
N ARG E 444 28.08 16.69 3.26
CA ARG E 444 27.48 17.51 4.31
C ARG E 444 28.06 18.92 4.30
N ASP E 445 29.33 19.06 3.93
CA ASP E 445 29.94 20.36 3.96
C ASP E 445 29.38 21.27 2.89
N ASN E 446 28.82 20.71 1.82
CA ASN E 446 28.30 21.58 0.77
C ASN E 446 27.04 22.25 1.27
N TRP E 447 26.31 21.55 2.13
CA TRP E 447 25.09 22.09 2.68
C TRP E 447 25.39 22.99 3.87
N ARG E 448 26.52 22.74 4.58
CA ARG E 448 26.85 23.62 5.69
C ARG E 448 27.04 25.04 5.21
N SER E 449 27.64 25.18 4.01
CA SER E 449 27.92 26.49 3.44
C SER E 449 26.65 27.30 3.21
N GLU E 450 25.50 26.65 3.19
CA GLU E 450 24.23 27.34 3.04
C GLU E 450 23.41 27.36 4.32
N LEU E 451 23.48 26.30 5.14
CA LEU E 451 22.65 26.23 6.33
C LEU E 451 23.29 26.83 7.57
N TYR E 452 24.55 27.27 7.51
CA TYR E 452 25.20 27.87 8.66
C TYR E 452 24.41 29.01 9.30
N LYS E 453 23.70 29.80 8.48
CA LYS E 453 22.94 30.94 9.00
C LYS E 453 21.68 30.55 9.78
N TYR E 454 21.19 29.33 9.67
CA TYR E 454 19.94 28.93 10.30
C TYR E 454 20.14 28.01 11.50
N LYS E 455 19.33 28.23 12.54
CA LYS E 455 19.28 27.41 13.74
C LYS E 455 17.81 27.11 14.05
N VAL E 456 17.52 25.91 14.55
CA VAL E 456 16.16 25.53 14.92
C VAL E 456 16.03 25.60 16.44
N VAL E 457 14.99 26.30 16.93
CA VAL E 457 14.74 26.40 18.36
C VAL E 457 13.30 26.01 18.66
N LYS E 458 13.11 25.42 19.85
CA LYS E 458 11.80 25.03 20.35
C LYS E 458 11.22 26.12 21.23
N ILE E 459 9.93 26.40 21.05
CA ILE E 459 9.23 27.41 21.83
C ILE E 459 8.69 26.73 23.08
N GLU E 460 8.93 27.34 24.25
CA GLU E 460 8.51 26.78 25.53
C GLU E 460 7.71 27.85 26.27
N PRO E 461 6.44 28.07 25.88
CA PRO E 461 5.68 29.24 26.31
C PRO E 461 5.09 29.14 27.72
N LEU E 462 5.93 28.78 28.69
CA LEU E 462 5.55 28.80 30.10
C LEU E 462 6.63 29.50 30.90
N GLY E 463 6.22 30.54 31.63
CA GLY E 463 7.12 31.27 32.48
C GLY E 463 6.48 31.49 33.84
N VAL E 464 7.35 31.73 34.83
CA VAL E 464 6.94 31.99 36.20
C VAL E 464 7.63 33.27 36.64
N ALA E 465 6.89 34.17 37.28
CA ALA E 465 7.52 35.40 37.75
C ALA E 465 6.87 35.91 39.03
N PRO E 466 7.62 36.66 39.85
CA PRO E 466 7.04 37.27 41.05
C PRO E 466 6.14 38.45 40.70
N THR E 467 5.11 38.64 41.50
CA THR E 467 4.28 39.83 41.40
C THR E 467 3.61 40.04 42.75
N ARG E 468 2.62 40.93 42.79
CA ARG E 468 1.87 41.21 44.01
C ARG E 468 0.39 40.95 43.74
N CYS E 469 -0.05 39.72 44.03
CA CYS E 469 -1.44 39.32 43.85
C CYS E 469 -1.67 38.12 44.76
N LYS E 470 -2.94 37.83 45.06
CA LYS E 470 -3.26 36.71 45.95
C LYS E 470 -4.35 35.81 45.37
N ARG E 471 -4.39 35.65 44.04
CA ARG E 471 -5.35 34.82 43.33
C ARG E 471 -6.78 35.36 43.39
N ARG E 472 -7.29 35.63 44.58
CA ARG E 472 -8.63 36.20 44.76
C ARG E 472 -8.86 36.63 46.20
N GLY F 10 4.01 40.47 15.39
CA GLY F 10 5.12 39.64 14.97
C GLY F 10 5.43 38.54 15.97
N PHE F 11 5.54 37.30 15.48
CA PHE F 11 5.82 36.17 16.34
C PHE F 11 7.19 36.32 16.99
N LEU F 12 7.22 36.30 18.32
CA LEU F 12 8.42 36.53 19.11
C LEU F 12 8.99 37.94 18.95
N GLY F 13 8.20 38.88 18.40
CA GLY F 13 8.70 40.23 18.22
C GLY F 13 9.11 40.88 19.53
N ALA F 14 8.44 40.53 20.62
CA ALA F 14 8.72 41.07 21.94
C ALA F 14 9.79 40.30 22.67
N ALA F 15 10.41 39.28 22.03
CA ALA F 15 11.37 38.43 22.72
C ALA F 15 12.51 39.22 23.34
N GLY F 16 12.93 40.32 22.71
CA GLY F 16 14.00 41.12 23.25
C GLY F 16 13.52 42.27 24.11
N SER F 17 12.21 42.39 24.32
CA SER F 17 11.64 43.46 25.10
C SER F 17 11.67 43.09 26.58
N THR F 18 11.34 44.04 27.44
CA THR F 18 11.37 43.73 28.85
C THR F 18 10.19 42.82 29.17
N MET F 19 10.28 42.17 30.34
CA MET F 19 9.22 41.24 30.73
C MET F 19 7.86 41.93 30.78
N GLY F 20 7.82 43.14 31.32
CA GLY F 20 6.56 43.87 31.37
C GLY F 20 5.99 44.10 29.99
N ALA F 21 6.80 44.68 29.09
CA ALA F 21 6.34 44.94 27.74
C ALA F 21 5.97 43.64 27.04
N ALA F 22 6.77 42.59 27.26
CA ALA F 22 6.53 41.31 26.60
C ALA F 22 5.20 40.71 27.02
N SER F 23 4.76 40.99 28.26
CA SER F 23 3.50 40.42 28.74
C SER F 23 2.29 40.89 27.94
N MET F 24 2.42 41.93 27.12
CA MET F 24 1.32 42.47 26.34
C MET F 24 1.11 41.76 25.01
N THR F 25 1.98 40.80 24.63
CA THR F 25 1.86 40.08 23.37
C THR F 25 1.72 38.58 23.55
N LEU F 26 1.27 38.12 24.71
CA LEU F 26 1.20 36.68 24.96
C LEU F 26 0.30 35.97 23.95
N THR F 27 -0.75 36.66 23.49
CA THR F 27 -1.64 36.08 22.48
C THR F 27 -0.88 35.75 21.20
N VAL F 28 0.10 36.59 20.85
CA VAL F 28 0.81 36.43 19.59
C VAL F 28 1.56 35.10 19.58
N GLN F 29 2.14 34.72 20.71
CA GLN F 29 2.83 33.44 20.76
C GLN F 29 1.83 32.31 20.94
N ALA F 30 0.79 32.53 21.76
CA ALA F 30 -0.15 31.46 22.05
C ALA F 30 -0.86 30.97 20.79
N ARG F 31 -1.23 31.88 19.89
CA ARG F 31 -2.01 31.46 18.72
C ARG F 31 -1.18 30.72 17.67
N ASN F 32 0.15 30.70 17.78
CA ASN F 32 1.02 30.07 16.80
C ASN F 32 1.61 28.75 17.28
N LEU F 33 1.07 28.17 18.36
CA LEU F 33 1.60 26.90 18.85
C LEU F 33 1.03 25.68 18.14
N LEU F 34 -0.13 25.81 17.50
CA LEU F 34 -0.71 24.68 16.74
C LEU F 34 -0.38 24.83 15.27
N ILE F 62 5.26 10.89 6.01
CA ILE F 62 5.24 10.27 7.33
C ILE F 62 5.87 11.25 8.31
N LYS F 63 6.96 11.89 7.89
CA LYS F 63 7.65 12.83 8.76
C LYS F 63 6.76 14.00 9.15
N GLN F 64 5.89 14.44 8.24
CA GLN F 64 5.00 15.55 8.56
C GLN F 64 4.01 15.13 9.62
N LEU F 65 3.57 13.87 9.56
CA LEU F 65 2.63 13.38 10.56
C LEU F 65 3.33 13.29 11.90
N GLN F 66 4.57 12.77 11.91
CA GLN F 66 5.31 12.62 13.15
C GLN F 66 5.49 13.98 13.83
N ALA F 67 5.82 15.00 13.03
CA ALA F 67 5.98 16.34 13.58
C ALA F 67 4.66 16.90 14.09
N ARG F 68 3.57 16.67 13.37
CA ARG F 68 2.28 17.18 13.82
C ARG F 68 1.86 16.52 15.13
N VAL F 69 2.11 15.23 15.26
CA VAL F 69 1.75 14.52 16.48
C VAL F 69 2.56 15.05 17.65
N LEU F 70 3.87 15.26 17.45
CA LEU F 70 4.67 15.76 18.56
C LEU F 70 4.25 17.18 18.94
N ALA F 71 3.94 18.03 17.95
CA ALA F 71 3.51 19.38 18.26
C ALA F 71 2.23 19.37 19.08
N VAL F 72 1.30 18.47 18.73
CA VAL F 72 0.06 18.34 19.48
C VAL F 72 0.34 17.88 20.89
N GLU F 73 1.23 16.89 21.06
CA GLU F 73 1.51 16.42 22.41
C GLU F 73 2.13 17.53 23.26
N HIS F 74 3.01 18.35 22.68
CA HIS F 74 3.61 19.41 23.49
C HIS F 74 2.55 20.43 23.91
N TYR F 75 1.65 20.77 22.98
CA TYR F 75 0.56 21.68 23.31
C TYR F 75 -0.28 21.13 24.44
N LEU F 76 -0.66 19.85 24.34
CA LEU F 76 -1.51 19.26 25.36
C LEU F 76 -0.79 19.18 26.70
N ARG F 77 0.51 18.91 26.71
CA ARG F 77 1.22 18.87 27.98
C ARG F 77 1.18 20.23 28.66
N ASP F 78 1.33 21.30 27.88
CA ASP F 78 1.27 22.62 28.49
C ASP F 78 -0.14 22.92 29.00
N GLN F 79 -1.16 22.50 28.24
CA GLN F 79 -2.53 22.77 28.68
C GLN F 79 -2.85 21.97 29.93
N GLN F 80 -2.34 20.74 30.01
CA GLN F 80 -2.57 19.91 31.20
C GLN F 80 -1.91 20.55 32.40
N LEU F 81 -0.69 21.07 32.24
CA LEU F 81 -0.02 21.68 33.38
C LEU F 81 -0.82 22.91 33.84
N LEU F 82 -1.34 23.69 32.89
CA LEU F 82 -2.10 24.87 33.29
C LEU F 82 -3.35 24.46 34.05
N GLY F 83 -4.03 23.41 33.57
CA GLY F 83 -5.24 22.96 34.24
C GLY F 83 -4.99 22.46 35.64
N ILE F 84 -3.97 21.62 35.80
CA ILE F 84 -3.67 21.03 37.10
C ILE F 84 -3.32 22.09 38.12
N TRP F 85 -2.58 23.12 37.71
CA TRP F 85 -2.16 24.18 38.62
C TRP F 85 -3.30 25.10 39.03
N GLY F 86 -4.50 24.95 38.48
CA GLY F 86 -5.60 25.82 38.79
C GLY F 86 -5.77 26.98 37.84
N CYS F 87 -5.08 26.95 36.70
CA CYS F 87 -5.16 28.00 35.70
C CYS F 87 -6.07 27.51 34.58
N SER F 88 -7.12 28.26 34.32
CA SER F 88 -8.11 27.92 33.30
C SER F 88 -7.63 28.46 31.96
N GLY F 89 -8.54 28.64 31.01
CA GLY F 89 -8.18 29.09 29.68
C GLY F 89 -7.86 30.57 29.69
N LYS F 90 -6.78 30.94 30.38
CA LYS F 90 -6.35 32.31 30.57
C LYS F 90 -4.86 32.39 30.27
N LEU F 91 -4.42 33.57 29.85
CA LEU F 91 -3.00 33.78 29.60
C LEU F 91 -2.22 34.06 30.88
N ILE F 92 -2.81 34.78 31.83
CA ILE F 92 -2.16 35.12 33.10
C ILE F 92 -3.03 34.59 34.24
N CYS F 93 -2.43 33.77 35.11
CA CYS F 93 -3.12 33.24 36.28
C CYS F 93 -2.31 33.50 37.54
N CYS F 94 -2.98 34.05 38.55
CA CYS F 94 -2.38 34.34 39.85
C CYS F 94 -2.76 33.19 40.77
N THR F 95 -1.80 32.66 41.52
CA THR F 95 -2.06 31.58 42.46
C THR F 95 -1.73 31.95 43.90
N ASN F 96 -1.94 30.98 44.78
CA ASN F 96 -1.76 31.09 46.23
C ASN F 96 -0.41 30.60 46.74
N VAL F 97 0.55 30.31 45.87
CA VAL F 97 1.88 29.89 46.31
C VAL F 97 2.73 31.13 46.53
N PRO F 98 3.28 31.35 47.73
CA PRO F 98 4.11 32.54 47.96
C PRO F 98 5.45 32.41 47.27
N TRP F 99 6.06 33.55 46.99
CA TRP F 99 7.39 33.54 46.40
C TRP F 99 8.40 33.19 47.49
N ASN F 100 9.32 32.28 47.16
CA ASN F 100 10.41 31.89 48.03
C ASN F 100 11.54 32.88 47.77
N SER F 101 11.88 33.67 48.79
CA SER F 101 12.84 34.76 48.63
C SER F 101 14.25 34.30 48.26
N SER F 102 14.54 33.00 48.29
CA SER F 102 15.85 32.51 47.91
C SER F 102 16.04 32.48 46.39
N TRP F 103 14.96 32.63 45.62
CA TRP F 103 14.99 32.55 44.16
C TRP F 103 15.03 33.95 43.58
N SER F 104 16.11 34.28 42.89
CA SER F 104 16.29 35.57 42.22
C SER F 104 15.94 36.75 43.13
N ASN F 105 16.65 36.83 44.25
CA ASN F 105 16.35 37.84 45.27
C ASN F 105 16.93 39.19 44.81
N ARG F 106 16.28 39.77 43.78
CA ARG F 106 16.75 41.00 43.15
C ARG F 106 15.58 41.97 42.92
N ASN F 107 14.93 42.42 44.00
CA ASN F 107 13.86 43.42 43.92
C ASN F 107 12.70 42.89 43.07
N LEU F 108 11.64 43.68 42.87
CA LEU F 108 10.54 43.35 41.98
C LEU F 108 10.57 44.18 40.70
N SER F 109 10.87 45.47 40.80
CA SER F 109 10.83 46.32 39.63
C SER F 109 12.02 46.06 38.71
N GLU F 110 13.13 45.59 39.28
CA GLU F 110 14.31 45.31 38.47
C GLU F 110 14.05 44.17 37.50
N ILE F 111 13.27 43.18 37.92
CA ILE F 111 13.00 42.03 37.07
C ILE F 111 12.10 42.43 35.91
N TRP F 112 10.98 43.08 36.22
CA TRP F 112 10.01 43.41 35.20
C TRP F 112 10.49 44.53 34.26
N ASP F 113 11.31 45.47 34.76
CA ASP F 113 11.77 46.57 33.92
C ASP F 113 13.14 46.40 33.27
N ASN F 114 14.08 45.63 33.84
CA ASN F 114 15.41 45.54 33.24
C ASN F 114 15.69 44.23 32.52
N MET F 115 14.96 43.16 32.82
CA MET F 115 15.23 41.84 32.23
C MET F 115 14.25 41.48 31.14
N THR F 116 14.72 40.62 30.23
CA THR F 116 13.89 40.01 29.21
C THR F 116 13.49 38.64 29.71
N TRP F 117 12.50 38.02 29.05
CA TRP F 117 12.07 36.71 29.53
C TRP F 117 13.14 35.64 29.34
N LEU F 118 14.02 35.76 28.34
CA LEU F 118 15.04 34.74 28.16
C LEU F 118 15.99 34.74 29.34
N GLN F 119 16.36 35.93 29.83
CA GLN F 119 17.30 36.02 30.93
C GLN F 119 16.64 35.52 32.21
N TRP F 120 15.36 35.88 32.41
CA TRP F 120 14.66 35.45 33.60
C TRP F 120 14.52 33.94 33.61
N ASP F 121 14.12 33.35 32.48
CA ASP F 121 13.95 31.91 32.40
C ASP F 121 15.27 31.21 32.71
N LYS F 122 16.38 31.76 32.22
CA LYS F 122 17.66 31.14 32.53
C LYS F 122 17.97 31.24 34.02
N GLU F 123 17.73 32.42 34.62
CA GLU F 123 18.08 32.64 36.02
C GLU F 123 17.40 31.67 36.99
N ILE F 124 16.14 31.33 36.75
CA ILE F 124 15.40 30.44 37.66
C ILE F 124 15.15 29.06 37.07
N SER F 125 15.94 28.65 36.07
CA SER F 125 15.73 27.34 35.47
C SER F 125 15.86 26.23 36.51
N ASN F 126 16.82 26.38 37.43
CA ASN F 126 17.15 25.35 38.39
C ASN F 126 16.08 25.15 39.46
N TYR F 127 15.05 25.99 39.50
CA TYR F 127 14.00 25.86 40.49
C TYR F 127 12.67 25.53 39.83
N THR F 128 12.64 25.35 38.51
CA THR F 128 11.37 25.18 37.82
C THR F 128 10.62 23.96 38.34
N GLN F 129 11.35 22.85 38.53
CA GLN F 129 10.73 21.62 38.96
C GLN F 129 10.20 21.70 40.37
N ILE F 130 10.66 22.68 41.15
CA ILE F 130 10.22 22.82 42.51
C ILE F 130 8.91 23.59 42.51
N ILE F 131 8.88 24.67 41.73
CA ILE F 131 7.70 25.55 41.68
C ILE F 131 6.49 24.78 41.20
N TYR F 132 6.66 23.97 40.15
CA TYR F 132 5.53 23.25 39.60
C TYR F 132 4.95 22.30 40.64
N GLY F 133 5.81 21.63 41.42
CA GLY F 133 5.29 20.74 42.42
C GLY F 133 4.48 21.49 43.46
N LEU F 134 4.96 22.67 43.85
CA LEU F 134 4.24 23.46 44.83
C LEU F 134 2.89 23.88 44.29
N LEU F 135 2.85 24.21 42.99
CA LEU F 135 1.60 24.65 42.40
C LEU F 135 0.58 23.53 42.45
N GLU F 136 1.03 22.30 42.20
CA GLU F 136 0.11 21.19 42.22
C GLU F 136 -0.46 20.98 43.60
N GLU F 137 0.40 21.12 44.62
CA GLU F 137 -0.07 20.91 45.98
C GLU F 137 -1.10 21.96 46.33
N SER F 138 -0.84 23.20 45.93
CA SER F 138 -1.75 24.27 46.28
C SER F 138 -3.12 24.04 45.67
N GLN F 139 -3.17 23.61 44.40
CA GLN F 139 -4.48 23.44 43.81
C GLN F 139 -5.24 22.32 44.47
N ASN F 140 -4.54 21.25 44.86
CA ASN F 140 -5.28 20.15 45.48
C ASN F 140 -5.90 20.60 46.78
N GLN F 141 -5.16 21.42 47.53
CA GLN F 141 -5.71 21.90 48.80
C GLN F 141 -6.88 22.82 48.54
N GLN F 142 -6.77 23.65 47.50
CA GLN F 142 -7.83 24.58 47.22
C GLN F 142 -9.10 23.84 46.83
N GLU F 143 -8.95 22.76 46.06
CA GLU F 143 -10.16 22.04 45.67
C GLU F 143 -10.80 21.39 46.87
N LYS F 144 -9.97 20.86 47.79
CA LYS F 144 -10.55 20.24 48.97
C LYS F 144 -11.36 21.26 49.74
N ASN F 145 -10.80 22.47 49.88
CA ASN F 145 -11.49 23.49 50.66
C ASN F 145 -12.78 23.89 49.96
N GLU F 146 -12.75 23.95 48.63
CA GLU F 146 -13.96 24.33 47.91
C GLU F 146 -15.06 23.31 48.16
N GLN F 147 -14.70 22.02 48.18
CA GLN F 147 -15.73 21.02 48.34
C GLN F 147 -16.37 21.16 49.72
N ASP F 148 -15.56 21.52 50.73
CA ASP F 148 -16.15 21.69 52.05
C ASP F 148 -17.10 22.88 52.04
N LEU F 149 -16.71 23.95 51.33
CA LEU F 149 -17.58 25.12 51.28
C LEU F 149 -18.87 24.75 50.55
N LEU F 150 -18.75 23.89 49.53
CA LEU F 150 -19.94 23.46 48.81
C LEU F 150 -20.83 22.60 49.69
N ALA F 151 -20.23 21.82 50.60
CA ALA F 151 -21.04 20.99 51.48
C ALA F 151 -21.83 21.81 52.50
N LEU F 152 -21.28 22.93 52.94
CA LEU F 152 -21.98 23.75 53.92
C LEU F 152 -23.23 24.38 53.30
N ASP F 153 -24.33 24.33 54.04
CA ASP F 153 -25.62 24.86 53.62
C ASP F 153 -26.63 24.61 54.73
N UNK G 1 -43.11 -38.63 -42.13
CA UNK G 1 -42.00 -37.65 -42.32
C UNK G 1 -42.41 -36.54 -43.27
N UNK G 2 -41.78 -35.38 -43.11
CA UNK G 2 -42.06 -34.24 -43.97
C UNK G 2 -41.40 -34.43 -45.33
N UNK G 3 -41.98 -33.79 -46.35
CA UNK G 3 -41.43 -33.81 -47.70
C UNK G 3 -41.80 -32.50 -48.37
N UNK G 4 -40.80 -31.75 -48.81
CA UNK G 4 -41.04 -30.45 -49.42
C UNK G 4 -41.53 -30.57 -50.85
N UNK G 5 -42.48 -29.72 -51.20
CA UNK G 5 -42.93 -29.57 -52.58
C UNK G 5 -41.87 -28.83 -53.38
N UNK G 6 -41.74 -29.16 -54.66
CA UNK G 6 -40.88 -28.35 -55.51
C UNK G 6 -41.48 -26.96 -55.64
N UNK G 7 -40.62 -25.94 -55.67
CA UNK G 7 -41.09 -24.59 -55.87
C UNK G 7 -40.08 -23.72 -56.60
N UNK G 8 -40.60 -22.91 -57.53
CA UNK G 8 -39.89 -21.92 -58.31
C UNK G 8 -40.99 -21.06 -58.92
N UNK G 9 -40.63 -19.88 -59.41
CA UNK G 9 -41.61 -19.13 -60.17
C UNK G 9 -41.97 -19.92 -61.42
N UNK G 10 -43.23 -19.80 -61.86
CA UNK G 10 -43.64 -20.51 -63.06
C UNK G 10 -42.77 -20.09 -64.25
N UNK G 11 -42.43 -18.81 -64.32
CA UNK G 11 -41.55 -18.28 -65.34
C UNK G 11 -40.81 -17.10 -64.73
N UNK G 12 -39.58 -16.89 -65.20
CA UNK G 12 -38.77 -15.75 -64.78
C UNK G 12 -38.45 -14.88 -65.99
N UNK G 13 -38.15 -13.61 -65.75
CA UNK G 13 -37.62 -12.80 -66.83
C UNK G 13 -36.22 -13.32 -67.13
N UNK G 14 -35.75 -13.10 -68.37
CA UNK G 14 -34.39 -13.52 -68.68
C UNK G 14 -33.40 -12.76 -67.81
N UNK G 15 -32.38 -13.48 -67.33
CA UNK G 15 -31.32 -12.89 -66.52
C UNK G 15 -31.88 -12.13 -65.32
N UNK G 16 -32.83 -12.75 -64.63
CA UNK G 16 -33.48 -12.11 -63.48
C UNK G 16 -33.79 -13.14 -62.40
N UNK G 17 -33.77 -12.65 -61.15
CA UNK G 17 -34.11 -13.47 -60.00
C UNK G 17 -35.62 -13.69 -59.91
N UNK G 18 -36.00 -14.87 -59.44
CA UNK G 18 -37.40 -15.19 -59.22
C UNK G 18 -37.47 -16.30 -58.17
N UNK G 19 -38.61 -16.37 -57.49
CA UNK G 19 -38.77 -17.40 -56.47
C UNK G 19 -40.24 -17.70 -56.22
N UNK G 20 -40.46 -18.87 -55.63
CA UNK G 20 -41.73 -19.34 -55.09
C UNK G 20 -41.37 -20.13 -53.84
N UNK G 21 -42.29 -20.20 -52.87
CA UNK G 21 -41.95 -20.94 -51.67
C UNK G 21 -42.38 -22.40 -51.80
N UNK G 22 -41.55 -23.27 -51.23
CA UNK G 22 -41.76 -24.71 -51.18
C UNK G 22 -42.50 -25.15 -49.94
N UNK G 23 -43.80 -25.44 -50.08
CA UNK G 23 -44.54 -25.94 -48.93
C UNK G 23 -44.11 -27.38 -48.69
N UNK G 24 -44.26 -27.85 -47.45
CA UNK G 24 -43.91 -29.22 -47.12
C UNK G 24 -44.99 -29.85 -46.26
N UNK G 25 -45.13 -31.17 -46.40
CA UNK G 25 -46.01 -31.91 -45.50
C UNK G 25 -45.53 -31.71 -44.07
N UNK G 26 -46.45 -31.40 -43.16
CA UNK G 26 -46.12 -31.17 -41.76
C UNK G 26 -45.03 -30.09 -41.63
N UNK G 27 -45.12 -29.06 -42.46
CA UNK G 27 -44.17 -27.96 -42.39
C UNK G 27 -44.35 -27.16 -41.11
N UNK G 28 -43.23 -26.73 -40.55
CA UNK G 28 -43.23 -25.80 -39.42
C UNK G 28 -41.85 -25.16 -39.34
N UNK G 29 -41.82 -23.93 -38.84
CA UNK G 29 -40.56 -23.25 -38.54
C UNK G 29 -40.09 -23.63 -37.14
N UNK G 30 -39.80 -24.92 -36.99
CA UNK G 30 -39.43 -25.52 -35.72
C UNK G 30 -37.93 -25.47 -35.44
N UNK G 31 -37.11 -25.23 -36.46
CA UNK G 31 -35.65 -25.29 -36.39
C UNK G 31 -35.14 -26.68 -36.02
N UNK G 32 -35.92 -27.73 -36.27
CA UNK G 32 -35.42 -29.07 -35.98
C UNK G 32 -34.40 -29.49 -37.04
N UNK G 33 -34.45 -28.86 -38.21
CA UNK G 33 -33.56 -29.07 -39.33
C UNK G 33 -33.57 -27.76 -40.08
N UNK G 34 -32.46 -27.42 -40.72
CA UNK G 34 -32.45 -26.21 -41.53
C UNK G 34 -33.16 -26.41 -42.87
N UNK G 35 -33.87 -25.36 -43.28
CA UNK G 35 -34.44 -25.28 -44.62
C UNK G 35 -33.27 -25.15 -45.60
N UNK G 36 -33.43 -25.70 -46.80
CA UNK G 36 -32.36 -25.62 -47.78
C UNK G 36 -32.95 -25.57 -49.18
N UNK G 37 -32.18 -25.01 -50.11
CA UNK G 37 -32.59 -25.03 -51.51
C UNK G 37 -31.35 -24.84 -52.36
N UNK G 38 -31.41 -25.39 -53.58
CA UNK G 38 -30.32 -25.15 -54.52
C UNK G 38 -30.79 -25.34 -55.95
N UNK G 39 -30.13 -24.65 -56.88
CA UNK G 39 -30.42 -24.82 -58.30
C UNK G 39 -29.52 -25.90 -58.91
N UNK G 40 -30.12 -26.72 -59.76
CA UNK G 40 -29.42 -27.75 -60.51
C UNK G 40 -28.63 -27.17 -61.68
N UNK G 41 -27.68 -27.97 -62.17
CA UNK G 41 -27.02 -27.64 -63.42
C UNK G 41 -27.94 -28.11 -64.54
N UNK G 42 -27.73 -27.56 -65.73
CA UNK G 42 -28.57 -27.95 -66.87
C UNK G 42 -28.58 -29.46 -67.11
N UNK G 43 -27.45 -30.14 -66.87
CA UNK G 43 -27.35 -31.59 -67.05
C UNK G 43 -26.80 -32.30 -65.81
N UNK G 44 -27.03 -31.79 -64.61
CA UNK G 44 -26.47 -32.47 -63.45
C UNK G 44 -27.18 -32.07 -62.16
N UNK G 45 -27.02 -32.94 -61.16
CA UNK G 45 -27.58 -32.72 -59.82
C UNK G 45 -27.04 -31.45 -59.19
N UNK G 46 -27.91 -30.76 -58.45
CA UNK G 46 -27.52 -29.53 -57.76
C UNK G 46 -26.58 -29.77 -56.59
N UNK G 47 -25.65 -28.83 -56.42
CA UNK G 47 -24.83 -28.75 -55.21
C UNK G 47 -25.61 -27.83 -54.29
N UNK G 48 -25.42 -27.96 -52.98
CA UNK G 48 -26.19 -27.09 -52.09
C UNK G 48 -25.77 -25.63 -52.26
N UNK G 49 -26.73 -24.74 -52.04
CA UNK G 49 -26.47 -23.30 -52.10
C UNK G 49 -26.98 -22.58 -50.86
N UNK G 50 -28.31 -22.44 -50.75
CA UNK G 50 -28.91 -21.65 -49.69
C UNK G 50 -29.48 -22.52 -48.59
N UNK G 51 -29.50 -21.98 -47.37
CA UNK G 51 -30.11 -22.65 -46.23
C UNK G 51 -30.43 -21.62 -45.16
N UNK G 52 -31.42 -21.95 -44.33
CA UNK G 52 -31.77 -21.05 -43.23
C UNK G 52 -32.39 -21.80 -42.05
N UNK G 53 -32.14 -21.27 -40.85
CA UNK G 53 -32.77 -21.72 -39.63
C UNK G 53 -34.17 -21.11 -39.53
N UNK G 54 -34.93 -21.49 -38.50
CA UNK G 54 -36.28 -20.93 -38.32
C UNK G 54 -36.24 -19.41 -38.23
N UNK G 55 -35.12 -18.85 -37.76
CA UNK G 55 -34.93 -17.41 -37.64
C UNK G 55 -34.93 -16.73 -39.01
N UNK G 56 -34.77 -17.50 -40.09
CA UNK G 56 -34.69 -16.99 -41.46
C UNK G 56 -33.47 -16.12 -41.68
N UNK G 57 -32.40 -16.35 -40.90
CA UNK G 57 -31.12 -15.67 -41.09
C UNK G 57 -30.38 -16.49 -42.14
N UNK G 58 -30.91 -16.45 -43.35
CA UNK G 58 -30.47 -17.33 -44.42
C UNK G 58 -29.06 -17.07 -44.90
N UNK G 59 -28.34 -18.16 -45.17
CA UNK G 59 -27.00 -18.16 -45.72
C UNK G 59 -27.09 -18.61 -47.17
N UNK G 60 -26.05 -18.31 -47.95
CA UNK G 60 -25.99 -18.80 -49.31
C UNK G 60 -24.55 -18.95 -49.77
N UNK G 61 -24.38 -19.75 -50.82
CA UNK G 61 -23.08 -19.90 -51.43
C UNK G 61 -22.65 -18.54 -51.96
N UNK G 62 -21.32 -18.32 -52.01
CA UNK G 62 -20.82 -17.01 -52.40
C UNK G 62 -21.35 -16.57 -53.77
N UNK G 63 -21.46 -17.49 -54.73
CA UNK G 63 -21.98 -17.07 -56.03
C UNK G 63 -23.46 -16.73 -55.91
N UNK G 64 -24.22 -17.54 -55.17
CA UNK G 64 -25.64 -17.29 -54.99
C UNK G 64 -25.87 -16.00 -54.21
N UNK G 65 -25.06 -15.78 -53.17
CA UNK G 65 -25.23 -14.58 -52.36
C UNK G 65 -24.88 -13.35 -53.17
N UNK G 66 -23.85 -13.46 -54.02
CA UNK G 66 -23.46 -12.34 -54.87
C UNK G 66 -24.58 -12.02 -55.86
N UNK G 67 -25.25 -13.05 -56.39
CA UNK G 67 -26.30 -12.80 -57.37
C UNK G 67 -27.64 -12.44 -56.74
N UNK G 68 -28.00 -13.01 -55.59
CA UNK G 68 -29.29 -12.69 -54.98
C UNK G 68 -29.25 -12.99 -53.49
N UNK G 69 -30.08 -12.25 -52.74
CA UNK G 69 -30.25 -12.51 -51.31
C UNK G 69 -31.03 -13.81 -51.07
N UNK G 70 -30.62 -14.54 -50.04
CA UNK G 70 -31.33 -15.73 -49.58
C UNK G 70 -32.54 -15.33 -48.74
N UNK G 71 -33.52 -16.23 -48.65
CA UNK G 71 -34.71 -15.95 -47.86
C UNK G 71 -35.39 -17.26 -47.49
N UNK G 72 -36.29 -17.17 -46.50
CA UNK G 72 -37.17 -18.28 -46.12
C UNK G 72 -38.55 -17.73 -45.76
N UNK G 73 -39.58 -18.36 -46.32
CA UNK G 73 -40.97 -17.95 -46.08
C UNK G 73 -41.52 -18.63 -44.82
N UNK G 74 -40.89 -18.31 -43.68
CA UNK G 74 -41.26 -18.95 -42.43
C UNK G 74 -42.72 -18.69 -42.07
N UNK G 75 -43.21 -17.49 -42.38
CA UNK G 75 -44.59 -17.13 -42.06
C UNK G 75 -45.61 -17.96 -42.83
N UNK G 76 -45.21 -18.56 -43.95
CA UNK G 76 -46.09 -19.34 -44.81
C UNK G 76 -45.91 -20.84 -44.62
N UNK G 77 -45.11 -21.27 -43.65
CA UNK G 77 -44.76 -22.68 -43.45
C UNK G 77 -44.21 -23.29 -44.73
N UNK G 78 -43.29 -22.56 -45.36
CA UNK G 78 -42.68 -22.98 -46.60
C UNK G 78 -41.26 -22.43 -46.65
N UNK G 79 -40.41 -23.10 -47.42
CA UNK G 79 -39.03 -22.67 -47.63
C UNK G 79 -38.92 -21.86 -48.93
N UNK G 80 -38.69 -20.55 -48.81
CA UNK G 80 -38.58 -19.70 -49.98
C UNK G 80 -37.48 -20.23 -50.88
N UNK G 81 -37.79 -20.38 -52.17
CA UNK G 81 -36.77 -20.84 -53.12
C UNK G 81 -35.95 -19.68 -53.68
N UNK G 82 -35.23 -18.99 -52.80
CA UNK G 82 -34.45 -17.84 -53.21
C UNK G 82 -33.41 -18.32 -54.22
N UNK G 83 -33.16 -17.53 -55.26
CA UNK G 83 -32.24 -17.99 -56.28
C UNK G 83 -31.51 -16.84 -56.96
N UNK G 84 -30.34 -17.18 -57.50
CA UNK G 84 -29.51 -16.26 -58.27
C UNK G 84 -30.25 -15.84 -59.53
N UNK G 85 -29.99 -14.62 -59.99
CA UNK G 85 -30.61 -14.12 -61.22
C UNK G 85 -29.85 -14.72 -62.40
N UNK G 86 -30.05 -16.03 -62.56
CA UNK G 86 -29.39 -16.80 -63.60
C UNK G 86 -29.90 -16.43 -64.99
N UNK G 87 -29.00 -16.47 -65.97
CA UNK G 87 -29.38 -16.23 -67.35
C UNK G 87 -30.37 -17.31 -67.78
N UNK G 88 -31.24 -16.96 -68.73
CA UNK G 88 -32.22 -17.92 -69.22
C UNK G 88 -31.56 -19.18 -69.77
N UNK G 89 -30.39 -19.05 -70.40
CA UNK G 89 -29.71 -20.23 -70.91
C UNK G 89 -29.30 -21.19 -69.80
N UNK G 90 -29.14 -20.67 -68.59
CA UNK G 90 -28.71 -21.43 -67.41
C UNK G 90 -29.87 -22.01 -66.62
N UNK G 91 -31.12 -21.79 -67.04
CA UNK G 91 -32.28 -22.25 -66.29
C UNK G 91 -32.22 -23.75 -66.05
N UNK G 92 -32.50 -24.14 -64.81
CA UNK G 92 -32.47 -25.53 -64.38
C UNK G 92 -33.39 -25.66 -63.18
N UNK G 93 -33.73 -26.90 -62.85
CA UNK G 93 -34.62 -27.14 -61.73
C UNK G 93 -34.04 -26.63 -60.43
N UNK G 94 -34.88 -25.98 -59.63
CA UNK G 94 -34.51 -25.49 -58.31
C UNK G 94 -35.16 -26.44 -57.31
N UNK G 95 -34.32 -27.17 -56.59
CA UNK G 95 -34.80 -28.20 -55.67
C UNK G 95 -34.89 -27.69 -54.25
N UNK G 96 -36.09 -27.78 -53.69
CA UNK G 96 -36.37 -27.47 -52.29
C UNK G 96 -35.85 -28.63 -51.46
N UNK G 97 -35.38 -28.34 -50.25
CA UNK G 97 -34.79 -29.40 -49.44
C UNK G 97 -34.82 -29.01 -47.97
N UNK G 98 -34.43 -29.96 -47.15
CA UNK G 98 -34.22 -29.76 -45.73
C UNK G 98 -33.11 -30.68 -45.29
N UNK G 99 -32.32 -30.22 -44.31
CA UNK G 99 -31.21 -31.00 -43.80
C UNK G 99 -31.05 -30.84 -42.30
N UNK G 100 -30.84 -31.98 -41.64
CA UNK G 100 -30.68 -32.06 -40.21
C UNK G 100 -29.28 -31.58 -39.81
N UNK G 101 -29.13 -31.27 -38.54
CA UNK G 101 -27.82 -30.96 -37.99
C UNK G 101 -27.82 -31.35 -36.52
N UNK G 102 -26.65 -31.76 -36.04
CA UNK G 102 -26.45 -32.08 -34.63
C UNK G 102 -25.83 -30.86 -33.98
N UNK G 103 -26.61 -30.15 -33.17
CA UNK G 103 -26.10 -28.93 -32.57
C UNK G 103 -25.40 -29.23 -31.25
N UNK G 104 -24.08 -28.99 -31.22
CA UNK G 104 -23.32 -29.22 -30.01
C UNK G 104 -23.76 -28.26 -28.92
N UNK G 105 -24.09 -27.04 -29.31
CA UNK G 105 -24.48 -25.97 -28.39
C UNK G 105 -25.54 -25.08 -29.03
N UNK G 106 -25.30 -23.77 -29.13
CA UNK G 106 -26.25 -22.83 -29.70
C UNK G 106 -26.04 -22.70 -31.21
N UNK G 107 -27.14 -22.78 -31.95
CA UNK G 107 -27.08 -22.57 -33.40
C UNK G 107 -26.59 -21.18 -33.74
N UNK G 108 -26.90 -20.20 -32.90
CA UNK G 108 -26.46 -18.82 -33.13
C UNK G 108 -24.94 -18.69 -33.15
N UNK G 109 -24.22 -19.63 -32.55
CA UNK G 109 -22.77 -19.60 -32.46
C UNK G 109 -22.10 -20.56 -33.45
N UNK G 110 -22.85 -21.04 -34.44
CA UNK G 110 -22.36 -21.99 -35.44
C UNK G 110 -21.92 -23.31 -34.82
N UNK G 111 -22.63 -23.76 -33.80
CA UNK G 111 -22.34 -25.04 -33.17
C UNK G 111 -23.03 -26.20 -33.89
N UNK G 112 -23.79 -25.92 -34.95
CA UNK G 112 -24.55 -26.95 -35.67
C UNK G 112 -23.66 -27.71 -36.64
N UNK G 113 -23.42 -28.99 -36.34
CA UNK G 113 -22.59 -29.84 -37.17
C UNK G 113 -23.50 -30.43 -38.23
N UNK G 114 -23.31 -30.00 -39.47
CA UNK G 114 -24.19 -30.37 -40.57
C UNK G 114 -24.25 -31.88 -40.77
N UNK G 115 -25.45 -32.36 -41.05
CA UNK G 115 -25.75 -33.76 -41.34
C UNK G 115 -26.25 -33.86 -42.78
N UNK G 116 -26.28 -35.09 -43.30
CA UNK G 116 -26.78 -35.30 -44.66
C UNK G 116 -28.21 -34.81 -44.77
N UNK G 117 -28.57 -34.34 -45.97
CA UNK G 117 -29.90 -33.80 -46.20
C UNK G 117 -30.99 -34.81 -45.85
N UNK G 118 -32.04 -34.31 -45.19
CA UNK G 118 -33.16 -35.15 -44.80
C UNK G 118 -34.09 -35.39 -45.99
N UNK G 119 -34.28 -34.37 -46.81
CA UNK G 119 -35.20 -34.51 -47.94
C UNK G 119 -34.86 -33.48 -49.00
N UNK G 120 -35.29 -33.78 -50.24
CA UNK G 120 -35.19 -32.81 -51.32
C UNK G 120 -36.26 -33.10 -52.36
N UNK G 121 -36.68 -32.05 -53.07
CA UNK G 121 -37.60 -32.19 -54.20
C UNK G 121 -36.85 -32.50 -55.49
N UNK G 122 -37.47 -33.30 -56.35
CA UNK G 122 -36.90 -33.55 -57.68
C UNK G 122 -36.95 -32.28 -58.53
N UNK G 123 -38.04 -31.53 -58.41
CA UNK G 123 -38.26 -30.25 -59.08
C UNK G 123 -38.22 -30.33 -60.61
N UNK G 124 -38.37 -29.17 -61.25
CA UNK G 124 -38.34 -29.00 -62.70
C UNK G 124 -37.80 -27.61 -62.99
N UNK G 125 -37.21 -27.43 -64.17
CA UNK G 125 -36.67 -26.13 -64.51
C UNK G 125 -37.78 -25.11 -64.76
N UNK G 126 -37.53 -23.88 -64.32
CA UNK G 126 -38.41 -22.76 -64.59
C UNK G 126 -38.16 -22.21 -65.99
N UNK G 127 -39.21 -21.66 -66.60
CA UNK G 127 -39.06 -21.01 -67.89
C UNK G 127 -38.34 -19.67 -67.72
N UNK G 128 -37.67 -19.25 -68.78
CA UNK G 128 -36.99 -17.96 -68.78
C UNK G 128 -36.65 -17.52 -70.20
N UNK H 1 -13.97 -28.19 -54.18
CA UNK H 1 -13.36 -28.94 -53.06
C UNK H 1 -13.00 -30.37 -53.47
N UNK H 2 -13.94 -31.05 -54.11
CA UNK H 2 -13.77 -32.44 -54.50
C UNK H 2 -14.55 -32.72 -55.77
N UNK H 3 -14.11 -33.76 -56.48
CA UNK H 3 -14.82 -34.27 -57.64
C UNK H 3 -14.70 -35.77 -57.66
N UNK H 4 -15.75 -36.42 -58.14
CA UNK H 4 -15.81 -37.88 -58.22
C UNK H 4 -15.09 -38.40 -59.46
N UNK H 5 -14.66 -39.66 -59.37
CA UNK H 5 -14.10 -40.35 -60.52
C UNK H 5 -15.14 -40.38 -61.64
N UNK H 6 -14.65 -40.45 -62.89
CA UNK H 6 -15.54 -40.34 -64.04
C UNK H 6 -16.70 -41.34 -63.99
N UNK H 7 -16.45 -42.58 -63.58
CA UNK H 7 -17.57 -43.50 -63.44
C UNK H 7 -17.18 -44.72 -62.62
N UNK H 8 -18.12 -45.16 -61.78
CA UNK H 8 -18.04 -46.42 -61.05
C UNK H 8 -18.61 -47.52 -61.93
N UNK H 9 -17.90 -47.80 -63.02
CA UNK H 9 -18.41 -48.82 -63.94
C UNK H 9 -18.29 -50.21 -63.32
N UNK H 10 -19.36 -51.00 -63.46
CA UNK H 10 -19.37 -52.36 -62.96
C UNK H 10 -20.47 -53.15 -63.66
N UNK H 11 -20.28 -54.47 -63.67
CA UNK H 11 -21.33 -55.37 -64.08
C UNK H 11 -22.44 -55.36 -63.03
N UNK H 12 -23.63 -55.80 -63.42
CA UNK H 12 -24.70 -55.90 -62.44
C UNK H 12 -24.29 -56.90 -61.36
N UNK H 13 -24.71 -56.62 -60.12
CA UNK H 13 -24.37 -57.46 -58.98
C UNK H 13 -22.86 -57.52 -58.77
N UNK H 14 -22.23 -56.35 -58.85
CA UNK H 14 -20.81 -56.18 -58.61
C UNK H 14 -20.59 -54.82 -57.95
N UNK H 15 -19.53 -54.72 -57.15
CA UNK H 15 -19.23 -53.50 -56.42
C UNK H 15 -18.21 -52.64 -57.15
N UNK H 16 -18.45 -51.33 -57.12
CA UNK H 16 -17.54 -50.31 -57.65
C UNK H 16 -17.87 -49.00 -56.96
N UNK H 17 -16.89 -48.09 -56.95
CA UNK H 17 -17.12 -46.76 -56.40
C UNK H 17 -16.28 -45.72 -57.11
N UNK H 18 -16.85 -44.52 -57.24
CA UNK H 18 -16.17 -43.36 -57.81
C UNK H 18 -15.66 -42.49 -56.66
N UNK H 19 -14.36 -42.56 -56.40
CA UNK H 19 -13.79 -41.84 -55.27
C UNK H 19 -13.70 -40.34 -55.53
N UNK H 20 -13.71 -39.59 -54.43
CA UNK H 20 -13.56 -38.15 -54.41
C UNK H 20 -12.69 -37.79 -53.20
N UNK H 21 -12.03 -36.64 -53.25
CA UNK H 21 -11.21 -36.22 -52.12
C UNK H 21 -11.13 -34.70 -52.03
N UNK H 22 -10.99 -34.23 -50.78
CA UNK H 22 -10.76 -32.85 -50.45
C UNK H 22 -9.96 -32.79 -49.16
N UNK H 23 -9.09 -31.77 -49.06
CA UNK H 23 -8.26 -31.60 -47.87
C UNK H 23 -9.13 -31.45 -46.61
N UNK H 24 -10.30 -30.85 -46.74
CA UNK H 24 -11.20 -30.59 -45.62
C UNK H 24 -12.08 -31.79 -45.26
N UNK H 25 -12.04 -32.89 -46.02
CA UNK H 25 -12.92 -34.02 -45.79
C UNK H 25 -12.76 -34.59 -44.38
N UNK H 26 -11.56 -34.52 -43.82
CA UNK H 26 -11.34 -35.05 -42.48
C UNK H 26 -12.06 -34.19 -41.44
N UNK H 27 -12.16 -32.89 -41.69
CA UNK H 27 -12.76 -31.89 -40.81
C UNK H 27 -14.23 -31.65 -41.12
N UNK H 28 -14.59 -31.69 -42.41
CA UNK H 28 -15.96 -31.51 -42.86
C UNK H 28 -16.46 -32.91 -43.12
N UNK H 29 -17.62 -33.25 -42.54
CA UNK H 29 -18.09 -34.63 -42.61
C UNK H 29 -18.81 -34.88 -43.93
N UNK H 30 -17.97 -35.07 -44.95
CA UNK H 30 -18.42 -35.40 -46.30
C UNK H 30 -19.25 -36.67 -46.30
N UNK H 31 -20.40 -36.64 -46.98
CA UNK H 31 -21.23 -37.82 -47.12
C UNK H 31 -21.84 -37.89 -48.50
N UNK H 32 -22.23 -39.10 -48.88
CA UNK H 32 -22.90 -39.36 -50.15
C UNK H 32 -24.41 -39.22 -50.03
N UNK H 33 -25.05 -38.86 -51.15
CA UNK H 33 -26.52 -38.85 -51.25
C UNK H 33 -26.91 -39.42 -52.61
N UNK H 34 -27.69 -40.49 -52.60
CA UNK H 34 -27.98 -41.26 -53.82
C UNK H 34 -29.34 -40.88 -54.38
N UNK H 35 -29.44 -40.88 -55.72
CA UNK H 35 -30.71 -40.60 -56.38
C UNK H 35 -30.86 -41.40 -57.66
N UNK H 36 -32.12 -41.73 -57.97
CA UNK H 36 -32.46 -42.30 -59.25
C UNK H 36 -32.40 -41.19 -60.29
N UNK H 37 -32.33 -41.56 -61.57
CA UNK H 37 -32.36 -40.52 -62.59
C UNK H 37 -33.66 -39.74 -62.49
N UNK H 38 -33.57 -38.42 -62.68
CA UNK H 38 -34.73 -37.53 -62.62
C UNK H 38 -35.48 -37.71 -61.29
N UNK H 39 -34.72 -37.74 -60.19
CA UNK H 39 -35.31 -37.93 -58.88
C UNK H 39 -34.48 -37.23 -57.82
N UNK H 40 -35.14 -36.91 -56.71
CA UNK H 40 -34.47 -36.30 -55.57
C UNK H 40 -33.56 -37.30 -54.87
N UNK H 41 -32.44 -36.80 -54.35
CA UNK H 41 -31.53 -37.66 -53.60
C UNK H 41 -31.92 -37.83 -52.14
N UNK H 42 -31.64 -39.03 -51.65
CA UNK H 42 -31.78 -39.39 -50.24
C UNK H 42 -30.37 -39.60 -49.71
N UNK H 43 -30.16 -39.35 -48.42
CA UNK H 43 -28.85 -39.57 -47.84
C UNK H 43 -28.42 -41.03 -48.02
N UNK H 44 -27.18 -41.22 -48.46
CA UNK H 44 -26.59 -42.55 -48.64
C UNK H 44 -25.73 -42.98 -47.46
N UNK H 45 -25.07 -42.02 -46.83
CA UNK H 45 -24.14 -42.27 -45.73
C UNK H 45 -24.19 -41.09 -44.79
N UNK H 46 -23.82 -41.33 -43.54
CA UNK H 46 -23.69 -40.29 -42.52
C UNK H 46 -22.21 -40.07 -42.26
N UNK H 47 -21.74 -38.86 -42.54
CA UNK H 47 -20.33 -38.47 -42.36
C UNK H 47 -19.35 -39.43 -43.07
N UNK H 48 -19.84 -40.20 -44.05
CA UNK H 48 -19.07 -41.22 -44.75
C UNK H 48 -18.49 -42.28 -43.80
N UNK H 49 -19.06 -42.39 -42.59
CA UNK H 49 -18.62 -43.34 -41.58
C UNK H 49 -19.52 -44.55 -41.51
N UNK H 50 -20.81 -44.36 -41.79
CA UNK H 50 -21.81 -45.42 -41.72
C UNK H 50 -22.87 -45.14 -42.78
N UNK H 51 -23.53 -46.21 -43.22
CA UNK H 51 -24.60 -46.06 -44.19
C UNK H 51 -25.79 -45.32 -43.57
N UNK H 52 -26.52 -44.60 -44.42
CA UNK H 52 -27.66 -43.83 -43.98
C UNK H 52 -28.78 -44.76 -43.48
N UNK H 53 -29.61 -44.23 -42.59
CA UNK H 53 -30.76 -44.98 -42.10
C UNK H 53 -31.70 -45.31 -43.24
N UNK H 54 -32.24 -46.53 -43.22
CA UNK H 54 -33.16 -47.04 -44.23
C UNK H 54 -32.49 -47.14 -45.61
N UNK H 55 -31.17 -47.24 -45.63
CA UNK H 55 -30.44 -47.46 -46.87
C UNK H 55 -30.59 -48.90 -47.34
N UNK H 56 -30.27 -49.11 -48.61
CA UNK H 56 -30.34 -50.45 -49.20
C UNK H 56 -29.45 -51.42 -48.42
N UNK H 57 -29.82 -52.70 -48.45
CA UNK H 57 -29.05 -53.72 -47.77
C UNK H 57 -27.60 -53.77 -48.24
N UNK H 58 -27.35 -53.44 -49.51
CA UNK H 58 -26.01 -53.45 -50.06
C UNK H 58 -25.24 -52.16 -49.78
N UNK H 59 -25.84 -51.19 -49.10
CA UNK H 59 -25.19 -49.91 -48.87
C UNK H 59 -23.96 -50.06 -47.98
N UNK H 60 -22.98 -49.19 -48.22
CA UNK H 60 -21.74 -49.19 -47.46
C UNK H 60 -21.20 -47.77 -47.39
N UNK H 61 -20.35 -47.52 -46.39
CA UNK H 61 -19.70 -46.23 -46.23
C UNK H 61 -18.27 -46.44 -45.73
N UNK H 62 -17.37 -45.56 -46.18
CA UNK H 62 -15.99 -45.59 -45.76
C UNK H 62 -15.37 -44.23 -46.04
N UNK H 63 -14.26 -43.95 -45.37
CA UNK H 63 -13.51 -42.72 -45.58
C UNK H 63 -12.03 -42.98 -45.37
N UNK H 64 -11.19 -42.13 -45.99
CA UNK H 64 -9.74 -42.23 -45.91
C UNK H 64 -9.15 -40.81 -45.78
N UNK H 65 -9.47 -40.16 -44.67
CA UNK H 65 -9.03 -38.79 -44.41
C UNK H 65 -9.51 -37.85 -45.53
N UNK H 66 -8.60 -37.31 -46.34
CA UNK H 66 -9.03 -36.39 -47.40
C UNK H 66 -9.96 -37.07 -48.40
N UNK H 67 -9.73 -38.36 -48.67
CA UNK H 67 -10.50 -39.11 -49.65
C UNK H 67 -11.61 -39.89 -48.96
N UNK H 68 -12.67 -40.17 -49.71
CA UNK H 68 -13.71 -41.06 -49.24
C UNK H 68 -14.38 -41.74 -50.43
N UNK H 69 -14.75 -43.00 -50.24
CA UNK H 69 -15.47 -43.75 -51.26
C UNK H 69 -16.12 -44.96 -50.60
N UNK H 70 -17.20 -45.44 -51.21
CA UNK H 70 -17.78 -46.71 -50.81
C UNK H 70 -18.52 -47.30 -51.99
N UNK H 71 -18.46 -48.62 -52.09
CA UNK H 71 -19.14 -49.38 -53.13
C UNK H 71 -20.26 -50.22 -52.54
N UNK H 72 -21.38 -50.29 -53.23
CA UNK H 72 -22.48 -51.13 -52.79
C UNK H 72 -22.04 -52.58 -52.82
N UNK H 73 -22.52 -53.37 -51.85
CA UNK H 73 -22.13 -54.78 -51.75
C UNK H 73 -22.84 -55.60 -52.83
N UNK H 74 -22.31 -55.51 -54.05
CA UNK H 74 -22.84 -56.23 -55.21
C UNK H 74 -24.32 -55.93 -55.44
N UNK H 75 -24.66 -54.64 -55.45
CA UNK H 75 -26.03 -54.26 -55.75
C UNK H 75 -26.36 -54.57 -57.21
N UNK H 76 -27.62 -54.96 -57.44
CA UNK H 76 -28.10 -55.14 -58.80
C UNK H 76 -28.05 -53.81 -59.54
N UNK H 77 -27.82 -53.89 -60.86
CA UNK H 77 -27.75 -52.67 -61.66
C UNK H 77 -29.05 -51.87 -61.56
N UNK H 78 -30.20 -52.55 -61.42
CA UNK H 78 -31.45 -51.83 -61.28
C UNK H 78 -31.55 -51.14 -59.93
N UNK H 79 -30.83 -51.64 -58.93
CA UNK H 79 -30.86 -51.08 -57.59
C UNK H 79 -29.80 -50.02 -57.38
N UNK H 80 -28.66 -50.17 -58.04
CA UNK H 80 -27.56 -49.22 -57.88
C UNK H 80 -27.95 -47.87 -58.47
N UNK H 81 -27.42 -46.81 -57.87
CA UNK H 81 -27.64 -45.47 -58.37
C UNK H 81 -26.40 -44.63 -58.08
N UNK H 82 -26.14 -43.66 -58.95
CA UNK H 82 -25.04 -42.75 -58.68
C UNK H 82 -25.45 -41.79 -57.57
N UNK H 83 -24.47 -41.40 -56.75
CA UNK H 83 -24.72 -40.48 -55.66
C UNK H 83 -23.78 -39.29 -55.67
N UNK H 84 -24.32 -38.13 -55.32
CA UNK H 84 -23.48 -36.96 -55.17
C UNK H 84 -22.59 -37.19 -53.96
N UNK H 85 -21.34 -36.75 -54.02
CA UNK H 85 -20.41 -36.85 -52.89
C UNK H 85 -20.16 -35.44 -52.38
N UNK H 86 -20.82 -35.05 -51.29
CA UNK H 86 -20.78 -33.67 -50.84
C UNK H 86 -19.94 -33.55 -49.58
N UNK H 87 -19.20 -32.45 -49.49
CA UNK H 87 -18.51 -32.10 -48.25
C UNK H 87 -19.50 -31.40 -47.34
N UNK H 88 -19.27 -31.48 -46.02
CA UNK H 88 -20.10 -30.64 -45.17
C UNK H 88 -19.77 -29.16 -45.39
N UNK H 89 -18.54 -28.87 -45.83
CA UNK H 89 -18.04 -27.56 -46.26
C UNK H 89 -18.04 -26.42 -45.25
N UNK H 90 -19.10 -26.31 -44.44
CA UNK H 90 -19.42 -25.21 -43.51
C UNK H 90 -20.07 -24.09 -44.31
N UNK H 91 -19.47 -23.73 -45.46
CA UNK H 91 -20.05 -22.82 -46.43
C UNK H 91 -20.89 -23.63 -47.40
N UNK H 92 -22.21 -23.60 -47.21
CA UNK H 92 -23.19 -24.40 -47.98
C UNK H 92 -22.70 -25.85 -48.02
N UNK H 93 -22.65 -26.51 -49.18
CA UNK H 93 -22.05 -27.85 -49.23
C UNK H 93 -21.60 -28.15 -50.66
N UNK H 94 -20.34 -27.84 -50.97
CA UNK H 94 -19.82 -28.09 -52.30
C UNK H 94 -19.87 -29.59 -52.55
N UNK H 95 -20.23 -30.01 -53.75
CA UNK H 95 -20.32 -31.44 -54.00
C UNK H 95 -20.10 -31.83 -55.45
N UNK H 96 -19.59 -33.04 -55.63
CA UNK H 96 -19.56 -33.65 -56.94
C UNK H 96 -21.02 -33.89 -57.33
N UNK H 97 -21.36 -33.58 -58.57
CA UNK H 97 -22.74 -33.75 -58.99
C UNK H 97 -23.22 -35.20 -58.90
N UNK H 98 -22.36 -36.16 -59.25
CA UNK H 98 -22.78 -37.55 -59.13
C UNK H 98 -21.58 -38.49 -59.14
N UNK H 99 -21.65 -39.52 -58.32
CA UNK H 99 -20.69 -40.63 -58.36
C UNK H 99 -21.20 -41.59 -59.44
N UNK H 100 -21.01 -41.16 -60.69
CA UNK H 100 -21.58 -41.85 -61.84
C UNK H 100 -21.18 -43.31 -61.90
N UNK H 101 -22.09 -44.12 -62.42
CA UNK H 101 -21.92 -45.57 -62.54
C UNK H 101 -22.31 -45.99 -63.94
N UNK H 102 -21.82 -47.17 -64.34
CA UNK H 102 -22.10 -47.70 -65.66
C UNK H 102 -22.10 -49.22 -65.61
N UNK H 103 -22.80 -49.83 -66.57
CA UNK H 103 -22.84 -51.28 -66.70
C UNK H 103 -23.08 -51.64 -68.14
N UNK H 104 -22.65 -52.84 -68.52
CA UNK H 104 -22.87 -53.40 -69.85
C UNK H 104 -22.42 -52.46 -70.97
C1 NAG I . -28.96 -18.65 -24.40
C2 NAG I . -28.61 -19.86 -23.55
C3 NAG I . -28.14 -20.99 -24.45
C4 NAG I . -29.23 -21.32 -25.46
C5 NAG I . -29.58 -20.06 -26.25
C6 NAG I . -30.73 -20.27 -27.21
C7 NAG I . -27.87 -19.04 -21.35
C8 NAG I . -26.69 -18.75 -20.47
N2 NAG I . -27.58 -19.54 -22.56
O3 NAG I . -27.85 -22.14 -23.66
O4 NAG I . -28.74 -22.30 -26.37
O5 NAG I . -29.99 -19.02 -25.34
O6 NAG I . -31.49 -19.08 -27.37
O7 NAG I . -29.02 -18.81 -20.99
C1 NAG I . -29.21 -23.62 -26.09
C2 NAG I . -29.46 -24.31 -27.42
C3 NAG I . -29.98 -25.72 -27.16
C4 NAG I . -28.93 -26.48 -26.36
C5 NAG I . -28.67 -25.73 -25.05
C6 NAG I . -27.58 -26.37 -24.22
C7 NAG I . -30.33 -23.47 -29.55
C8 NAG I . -31.39 -22.65 -30.22
N2 NAG I . -30.41 -23.56 -28.22
O3 NAG I . -30.22 -26.36 -28.40
O4 NAG I . -29.40 -27.79 -26.03
O5 NAG I . -28.26 -24.38 -25.32
O6 NAG I . -27.97 -27.63 -23.70
O7 NAG I . -29.44 -24.02 -30.19
C1 BMA I . -29.12 -28.75 -27.08
C2 BMA I . -28.44 -30.00 -26.45
C3 BMA I . -28.15 -30.97 -27.60
C4 BMA I . -29.49 -31.32 -28.25
C5 BMA I . -30.13 -30.05 -28.81
C6 BMA I . -31.48 -30.37 -29.46
O2 BMA I . -29.28 -30.65 -25.52
O3 BMA I . -27.52 -32.19 -27.19
O4 BMA I . -29.27 -32.25 -29.31
O5 BMA I . -30.34 -29.10 -27.73
O6 BMA I . -31.27 -31.43 -30.40
C1 MAN I . -26.20 -32.02 -26.63
C2 MAN I . -25.14 -32.02 -27.77
C3 MAN I . -25.14 -33.38 -28.43
C4 MAN I . -24.84 -34.46 -27.39
C5 MAN I . -25.91 -34.41 -26.30
C6 MAN I . -25.65 -35.41 -25.18
O2 MAN I . -23.82 -31.83 -27.26
O3 MAN I . -24.17 -33.47 -29.48
O4 MAN I . -24.85 -35.75 -28.00
O5 MAN I . -25.93 -33.08 -25.72
O6 MAN I . -25.60 -36.70 -25.76
C1 NAG J . -0.93 -30.38 -27.90
C2 NAG J . -1.88 -31.30 -27.14
C3 NAG J . -1.10 -32.45 -26.54
C4 NAG J . -0.37 -33.20 -27.65
C5 NAG J . 0.54 -32.23 -28.39
C6 NAG J . 1.26 -32.86 -29.57
C7 NAG J . -3.77 -31.00 -25.60
C8 NAG J . -4.36 -30.16 -24.51
N2 NAG J . -2.60 -30.58 -26.10
O3 NAG J . -1.99 -33.34 -25.88
O4 NAG J . 0.43 -34.23 -27.08
O5 NAG J . -0.23 -31.14 -28.91
O6 NAG J . 0.36 -33.05 -30.66
O7 NAG J . -4.32 -32.01 -26.02
C1 NAG J . -0.08 -35.52 -27.44
C2 NAG J . 1.05 -36.53 -27.26
C3 NAG J . 0.55 -37.92 -27.62
C4 NAG J . -0.64 -38.26 -26.74
C5 NAG J . -1.74 -37.22 -26.92
C6 NAG J . -2.92 -37.43 -26.01
C7 NAG J . 3.32 -35.66 -27.59
C8 NAG J . 4.39 -35.35 -28.59
N2 NAG J . 2.20 -36.17 -28.09
O3 NAG J . 1.59 -38.86 -27.42
O4 NAG J . -1.14 -39.55 -27.08
O5 NAG J . -1.21 -35.91 -26.63
O6 NAG J . -4.06 -36.70 -26.47
O7 NAG J . 3.49 -35.47 -26.38
C1 NAG K . 3.85 -4.63 -28.84
C2 NAG K . 3.84 -3.24 -29.45
C3 NAG K . 2.46 -2.96 -30.02
C4 NAG K . 2.14 -4.01 -31.07
C5 NAG K . 2.21 -5.40 -30.42
C6 NAG K . 2.03 -6.52 -31.41
C7 NAG K . 5.39 -1.60 -28.47
C8 NAG K . 5.60 -0.58 -27.39
N2 NAG K . 4.21 -2.23 -28.48
O3 NAG K . 2.45 -1.67 -30.61
O4 NAG K . 0.81 -3.81 -31.56
O5 NAG K . 3.52 -5.59 -29.84
O6 NAG K . 2.88 -6.36 -32.54
O7 NAG K . 6.26 -1.85 -29.31
C1 NAG K . 0.81 -3.68 -32.99
C2 NAG K . -0.56 -4.08 -33.52
C3 NAG K . -0.59 -3.96 -35.03
C4 NAG K . -0.25 -2.52 -35.41
C5 NAG K . 1.12 -2.16 -34.85
C6 NAG K . 1.50 -0.73 -35.12
C7 NAG K . -1.57 -5.74 -32.00
C8 NAG K . -1.84 -7.19 -31.75
N2 NAG K . -0.89 -5.44 -33.11
O3 NAG K . -1.88 -4.31 -35.52
O4 NAG K . -0.23 -2.39 -36.82
O5 NAG K . 1.12 -2.34 -33.43
O6 NAG K . 1.07 -0.30 -36.40
O7 NAG K . -1.96 -4.86 -31.23
C1 NAG L . -23.81 -9.35 -9.72
C2 NAG L . -22.48 -10.01 -10.04
C3 NAG L . -22.68 -11.51 -10.25
C4 NAG L . -23.32 -12.12 -9.00
C5 NAG L . -24.63 -11.40 -8.73
C6 NAG L . -25.33 -11.87 -7.47
C7 NAG L . -20.55 -9.40 -11.43
C8 NAG L . -20.11 -8.74 -12.70
N2 NAG L . -21.88 -9.42 -11.22
O3 NAG L . -21.43 -12.13 -10.50
O4 NAG L . -23.54 -13.51 -9.19
O5 NAG L . -24.40 -10.00 -8.57
O6 NAG L . -24.40 -12.27 -6.48
O7 NAG L . -19.76 -9.89 -10.64
C1 NAG L . -22.95 -14.27 -8.12
C2 NAG L . -23.78 -15.51 -7.88
C3 NAG L . -23.16 -16.33 -6.77
C4 NAG L . -21.73 -16.70 -7.14
C5 NAG L . -20.94 -15.41 -7.40
C6 NAG L . -19.53 -15.67 -7.87
C7 NAG L . -26.23 -15.65 -8.17
C8 NAG L . -27.56 -15.17 -7.67
N2 NAG L . -25.16 -15.16 -7.54
O3 NAG L . -23.92 -17.51 -6.56
O4 NAG L . -21.13 -17.41 -6.07
O5 NAG L . -21.59 -14.64 -8.43
O6 NAG L . -19.51 -16.29 -9.14
O7 NAG L . -26.13 -16.46 -9.09
C1 BMA L . -20.48 -18.61 -6.52
C2 BMA L . -19.40 -18.94 -5.48
C3 BMA L . -18.65 -20.18 -5.91
C4 BMA L . -19.68 -21.31 -6.02
C5 BMA L . -20.74 -20.92 -7.07
C6 BMA L . -21.76 -22.04 -7.20
O2 BMA L . -19.97 -19.19 -4.20
O3 BMA L . -17.65 -20.55 -4.96
O4 BMA L . -19.03 -22.49 -6.45
O5 BMA L . -21.40 -19.70 -6.65
O6 BMA L . -21.08 -23.27 -6.99
C1 MAN L . -16.37 -20.58 -5.63
C2 MAN L . -15.34 -21.25 -4.67
C3 MAN L . -15.14 -20.35 -3.47
C4 MAN L . -14.70 -18.96 -3.92
C5 MAN L . -15.77 -18.37 -4.84
C6 MAN L . -15.40 -17.01 -5.40
O2 MAN L . -14.06 -21.39 -5.29
O3 MAN L . -14.16 -20.88 -2.58
O4 MAN L . -14.51 -18.11 -2.79
O5 MAN L . -15.95 -19.27 -5.97
O6 MAN L . -15.28 -16.11 -4.31
C1 NAG M . 35.77 -32.78 -2.81
C2 NAG M . 36.95 -32.68 -1.84
C3 NAG M . 38.26 -32.63 -2.63
C4 NAG M . 38.35 -33.89 -3.50
C5 NAG M . 37.17 -33.88 -4.46
C6 NAG M . 37.12 -35.10 -5.35
C7 NAG M . 37.38 -31.44 0.23
C8 NAG M . 37.15 -30.16 0.98
N2 NAG M . 36.84 -31.50 -0.99
O3 NAG M . 39.36 -32.59 -1.73
O4 NAG M . 39.57 -34.08 -4.22
O5 NAG M . 35.97 -33.90 -3.67
O6 NAG M . 35.83 -35.66 -5.41
O7 NAG M . 38.00 -32.37 0.72
C1 NAG M . 40.62 -33.09 -4.48
C2 NAG M . 40.12 -32.13 -5.57
C3 NAG M . 41.25 -31.17 -5.91
C4 NAG M . 41.68 -30.42 -4.66
C5 NAG M . 42.12 -31.40 -3.58
C6 NAG M . 42.50 -30.74 -2.28
C7 NAG M . 39.05 -32.33 -7.77
C8 NAG M . 38.69 -33.26 -8.91
N2 NAG M . 39.71 -32.87 -6.75
O3 NAG M . 40.81 -30.22 -6.90
O4 NAG M . 42.77 -29.55 -4.96
O5 NAG M . 41.04 -32.30 -3.30
O6 NAG M . 43.69 -29.98 -2.42
O7 NAG M . 38.78 -31.13 -7.81
C1 NAG N . 22.12 -18.27 27.31
C2 NAG N . 22.32 -18.42 25.80
C3 NAG N . 23.77 -18.76 25.52
C4 NAG N . 24.68 -17.68 26.10
C5 NAG N . 24.41 -17.57 27.60
C6 NAG N . 25.21 -16.48 28.26
C7 NAG N . 21.05 -19.46 23.98
C8 NAG N . 20.13 -20.58 23.59
N2 NAG N . 21.44 -19.44 25.26
O3 NAG N . 23.97 -18.86 24.11
O4 NAG N . 26.04 -18.02 25.87
O5 NAG N . 23.03 -17.27 27.81
O6 NAG N . 24.99 -15.23 27.63
O7 NAG N . 21.42 -18.60 23.18
C1 NAG N . 26.77 -16.88 25.37
C2 NAG N . 28.26 -17.15 25.57
C3 NAG N . 29.05 -15.96 25.07
C4 NAG N . 28.73 -15.73 23.61
C5 NAG N . 27.23 -15.51 23.45
C6 NAG N . 26.81 -15.36 22.01
C7 NAG N . 29.21 -18.50 27.40
C8 NAG N . 29.42 -18.60 28.88
N2 NAG N . 28.55 -17.42 26.98
O3 NAG N . 30.43 -16.22 25.24
O4 NAG N . 29.44 -14.59 23.12
O5 NAG N . 26.51 -16.63 23.98
O6 NAG N . 27.02 -16.57 21.28
O7 NAG N . 29.61 -19.37 26.63
C1 BMA N . 30.51 -15.02 22.28
C2 BMA N . 30.88 -13.84 21.34
C3 BMA N . 31.98 -14.31 20.42
C4 BMA N . 33.18 -14.73 21.29
C5 BMA N . 32.76 -15.88 22.22
C6 BMA N . 33.91 -16.31 23.11
O2 BMA N . 31.35 -12.71 22.06
O3 BMA N . 32.38 -13.31 19.50
O4 BMA N . 34.25 -15.16 20.45
O5 BMA N . 31.65 -15.44 23.05
O6 BMA N . 35.05 -16.55 22.29
C1 MAN N . 32.05 -13.75 18.16
C2 MAN N . 33.06 -13.14 17.15
C3 MAN N . 32.86 -11.63 17.13
C4 MAN N . 31.40 -11.32 16.77
C5 MAN N . 30.47 -11.96 17.82
C6 MAN N . 29.01 -11.75 17.51
O2 MAN N . 32.84 -13.60 15.82
O3 MAN N . 33.71 -11.01 16.17
O4 MAN N . 31.18 -9.92 16.74
O5 MAN N . 30.72 -13.39 17.84
O6 MAN N . 28.77 -10.36 17.43
C1 NAG O . -10.66 -29.78 30.05
C2 NAG O . -12.03 -29.13 29.91
C3 NAG O . -13.10 -30.17 30.19
C4 NAG O . -12.96 -31.35 29.24
C5 NAG O . -11.56 -31.94 29.42
C6 NAG O . -11.24 -33.06 28.46
C7 NAG O . -11.76 -26.77 30.51
C8 NAG O . -11.97 -25.74 31.57
N2 NAG O . -12.16 -28.01 30.82
O3 NAG O . -14.39 -29.58 30.03
O4 NAG O . -13.95 -32.33 29.55
O5 NAG O . -10.58 -30.92 29.16
O6 NAG O . -11.60 -32.72 27.12
O7 NAG O . -11.25 -26.50 29.43
C1 NAG O . -14.43 -33.02 28.40
C2 NAG O . -14.97 -34.37 28.87
C3 NAG O . -15.48 -35.15 27.66
C4 NAG O . -16.56 -34.34 26.96
C5 NAG O . -15.97 -32.99 26.53
C6 NAG O . -17.00 -32.09 25.88
C7 NAG O . -13.71 -34.97 30.88
C8 NAG O . -12.62 -35.84 31.45
N2 NAG O . -13.95 -35.12 29.57
O3 NAG O . -16.01 -36.40 28.11
O4 NAG O . -17.02 -35.04 25.81
O5 NAG O . -15.47 -32.30 27.69
O6 NAG O . -17.64 -32.74 24.79
O7 NAG O . -14.34 -34.19 31.57
C1 NAG P . 31.15 -33.91 27.80
C2 NAG P . 32.24 -32.96 27.34
C3 NAG P . 33.28 -33.72 26.54
C4 NAG P . 33.85 -34.83 27.40
C5 NAG P . 32.72 -35.74 27.86
C6 NAG P . 33.18 -36.83 28.81
C7 NAG P . 31.25 -30.72 27.06
C8 NAG P . 30.72 -29.72 26.07
N2 NAG P . 31.68 -31.87 26.54
O3 NAG P . 34.32 -32.83 26.13
O4 NAG P . 34.76 -35.61 26.63
O5 NAG P . 31.75 -34.97 28.59
O6 NAG P . 32.12 -37.73 29.13
O7 NAG P . 31.29 -30.49 28.26
C1 NAG P . 36.12 -35.28 26.99
C2 NAG P . 37.02 -36.27 26.26
C3 NAG P . 38.47 -35.94 26.58
C4 NAG P . 38.77 -34.50 26.17
C5 NAG P . 37.82 -33.57 26.91
C6 NAG P . 37.98 -32.13 26.50
C7 NAG P . 36.68 -38.65 25.76
C8 NAG P . 36.33 -40.00 26.33
N2 NAG P . 36.72 -37.64 26.64
O3 NAG P . 39.33 -36.84 25.87
O4 NAG P . 40.11 -34.17 26.50
O5 NAG P . 36.46 -33.94 26.61
O6 NAG P . 37.00 -31.30 27.14
O7 NAG P . 36.92 -38.49 24.57
C1 NAG Q . 32.53 -0.31 -34.05
C2 NAG Q . 31.41 0.52 -34.67
C3 NAG Q . 30.56 -0.39 -35.55
C4 NAG Q . 31.42 -1.05 -36.62
C5 NAG Q . 32.50 -1.86 -35.91
C6 NAG Q . 33.44 -2.54 -36.87
C7 NAG Q . 30.20 2.42 -33.66
C8 NAG Q . 29.36 2.87 -32.50
N2 NAG Q . 30.59 1.14 -33.63
O3 NAG Q . 29.53 0.38 -36.17
O4 NAG Q . 30.60 -2.02 -37.25
O5 NAG Q . 33.29 -0.98 -35.11
O6 NAG Q . 34.71 -2.75 -36.27
O7 NAG Q . 30.51 3.17 -34.57
C1 NAG Q . 30.52 -1.95 -38.67
C2 NAG Q . 30.11 -3.34 -39.16
C3 NAG Q . 29.92 -3.30 -40.65
C4 NAG Q . 28.86 -2.26 -41.00
C5 NAG Q . 29.31 -0.91 -40.46
C6 NAG Q . 28.27 0.17 -40.66
C7 NAG Q . 30.78 -5.60 -38.46
C8 NAG Q . 31.93 -6.49 -38.12
N2 NAG Q . 31.10 -4.34 -38.78
O3 NAG Q . 29.50 -4.59 -41.11
O4 NAG Q . 28.70 -2.18 -42.41
O5 NAG Q . 29.52 -1.02 -39.05
O6 NAG Q . 28.76 1.45 -40.26
O7 NAG Q . 29.62 -5.99 -38.44
C1 NAG R . 36.85 -4.30 -8.68
C2 NAG R . 37.54 -4.16 -7.33
C3 NAG R . 38.44 -2.94 -7.34
C4 NAG R . 39.46 -3.08 -8.45
C5 NAG R . 38.73 -3.25 -9.78
C6 NAG R . 39.67 -3.51 -10.94
C7 NAG R . 36.47 -5.00 -5.27
C8 NAG R . 35.42 -4.73 -4.23
N2 NAG R . 36.57 -4.08 -6.24
O3 NAG R . 39.09 -2.81 -6.09
O4 NAG R . 40.29 -1.92 -8.51
O5 NAG R . 37.85 -4.39 -9.71
O6 NAG R . 40.71 -4.40 -10.60
O7 NAG R . 37.19 -5.98 -5.23
C1 NAG R . 41.65 -2.29 -8.20
C2 NAG R . 42.58 -1.27 -8.83
C3 NAG R . 44.02 -1.63 -8.51
C4 NAG R . 44.19 -1.67 -7.00
C5 NAG R . 43.22 -2.69 -6.40
C6 NAG R . 43.26 -2.75 -4.90
C7 NAG R . 41.90 -0.13 -10.91
C8 NAG R . 41.77 -0.25 -12.40
N2 NAG R . 42.39 -1.20 -10.27
O3 NAG R . 44.89 -0.67 -9.07
O4 NAG R . 45.53 -2.06 -6.67
O5 NAG R . 41.87 -2.34 -6.77
O6 NAG R . 44.60 -2.74 -4.42
O7 NAG R . 41.57 0.89 -10.31
C1 NAG S . 23.63 26.68 -11.92
C2 NAG S . 23.64 25.25 -12.44
C3 NAG S . 23.64 25.26 -13.96
C4 NAG S . 22.43 26.02 -14.47
C5 NAG S . 22.47 27.45 -13.90
C6 NAG S . 21.25 28.26 -14.27
C7 NAG S . 24.80 23.19 -11.80
C8 NAG S . 26.07 22.59 -11.26
N2 NAG S . 24.79 24.52 -11.92
O3 NAG S . 23.62 23.92 -14.45
O4 NAG S . 22.44 26.08 -15.88
O5 NAG S . 22.50 27.38 -12.46
O6 NAG S . 20.05 27.58 -13.99
O7 NAG S . 23.84 22.50 -12.12
C1 NAG S . 21.13 25.74 -16.39
C2 NAG S . 21.01 26.28 -17.81
C3 NAG S . 19.64 25.96 -18.36
C4 NAG S . 19.44 24.45 -18.33
C5 NAG S . 19.61 23.94 -16.90
C6 NAG S . 19.52 22.43 -16.80
C7 NAG S . 22.27 28.28 -18.49
C8 NAG S . 22.35 29.78 -18.41
N2 NAG S . 21.26 27.72 -17.85
O3 NAG S . 19.53 26.45 -19.68
O4 NAG S . 18.13 24.13 -18.78
O5 NAG S . 20.91 24.31 -16.40
O6 NAG S . 20.79 21.83 -17.04
O7 NAG S . 23.10 27.63 -19.11
C1 BMA S . 18.18 23.47 -20.07
C2 BMA S . 16.86 22.70 -20.25
C3 BMA S . 16.92 21.98 -21.58
C4 BMA S . 17.10 23.04 -22.67
C5 BMA S . 18.42 23.79 -22.44
C6 BMA S . 18.61 24.86 -23.51
O2 BMA S . 15.74 23.58 -20.25
O3 BMA S . 15.72 21.27 -21.84
O4 BMA S . 17.14 22.41 -23.94
O5 BMA S . 18.37 24.42 -21.13
O6 BMA S . 18.24 24.30 -24.76
C1 MAN S . 16.04 19.89 -22.08
C2 MAN S . 14.95 19.30 -23.00
C3 MAN S . 13.63 19.31 -22.25
C4 MAN S . 13.78 18.52 -20.94
C5 MAN S . 14.88 19.15 -20.09
C6 MAN S . 15.15 18.39 -18.81
O2 MAN S . 15.22 17.94 -23.34
O3 MAN S . 12.58 18.75 -23.02
O4 MAN S . 12.56 18.52 -20.22
O5 MAN S . 16.11 19.17 -20.85
O6 MAN S . 13.93 18.27 -18.11
C1 NAG T . 42.01 22.93 17.51
C2 NAG T . 41.68 22.58 18.95
C3 NAG T . 42.95 22.64 19.78
C4 NAG T . 44.00 21.70 19.21
C5 NAG T . 44.25 22.09 17.76
C6 NAG T . 45.21 21.15 17.04
C7 NAG T . 39.37 23.25 19.44
C8 NAG T . 38.48 24.31 20.04
N2 NAG T . 40.69 23.49 19.49
O3 NAG T . 42.66 22.28 21.13
O4 NAG T . 45.20 21.80 19.96
O5 NAG T . 43.02 22.04 17.03
O6 NAG T . 46.56 21.45 17.36
O7 NAG T . 38.92 22.23 18.93
C1 NAG T . 45.86 20.52 20.11
C2 NAG T . 47.30 20.77 20.54
C3 NAG T . 48.02 19.44 20.69
C4 NAG T . 47.28 18.59 21.72
C5 NAG T . 45.83 18.39 21.25
C6 NAG T . 44.99 17.62 22.24
C7 NAG T . 47.93 22.95 19.60
C8 NAG T . 48.71 23.67 18.53
N2 NAG T . 47.99 21.62 19.58
O3 NAG T . 49.35 19.67 21.12
O4 NAG T . 47.90 17.32 21.85
O5 NAG T . 45.20 19.67 21.08
O6 NAG T . 45.63 16.40 22.62
O7 NAG T . 47.27 23.56 20.44
C1 NAG U . 36.98 28.14 -24.07
C2 NAG U . 35.80 27.91 -25.01
C3 NAG U . 36.29 27.26 -26.28
C4 NAG U . 37.37 28.12 -26.93
C5 NAG U . 38.49 28.35 -25.92
C6 NAG U . 39.56 29.29 -26.45
C7 NAG U . 33.77 27.62 -23.66
C8 NAG U . 32.81 26.62 -23.08
N2 NAG U . 34.78 27.09 -24.38
O3 NAG U . 35.20 27.09 -27.19
O4 NAG U . 37.90 27.45 -28.07
O5 NAG U . 37.96 28.95 -24.74
O6 NAG U . 39.12 30.64 -26.42
O7 NAG U . 33.65 28.81 -23.48
C1 NAG U . 37.44 28.09 -29.28
C2 NAG U . 38.34 27.62 -30.42
C3 NAG U . 37.87 28.25 -31.72
C4 NAG U . 36.42 27.87 -31.98
C5 NAG U . 35.57 28.34 -30.80
C6 NAG U . 34.12 27.93 -30.93
C7 NAG U . 40.54 27.17 -29.44
C8 NAG U . 41.95 27.67 -29.27
N2 NAG U . 39.73 27.95 -30.16
O3 NAG U . 38.69 27.79 -32.79
O4 NAG U . 35.96 28.49 -33.17
O5 NAG U . 36.06 27.75 -29.59
O6 NAG U . 33.53 28.50 -32.09
O7 NAG U . 40.17 26.11 -28.95
C1 NAG V . -39.38 24.42 8.44
C2 NAG V . -39.11 24.18 9.92
C3 NAG V . -40.43 23.90 10.62
C4 NAG V . -41.35 25.10 10.44
C5 NAG V . -41.55 25.35 8.93
C6 NAG V . -42.38 26.58 8.65
C7 NAG V . -37.40 22.97 11.19
C8 NAG V . -36.50 21.78 11.24
N2 NAG V . -38.19 23.07 10.11
O3 NAG V . -40.19 23.68 12.01
O4 NAG V . -42.61 24.86 11.04
O5 NAG V . -40.28 25.54 8.29
O6 NAG V . -43.42 26.72 9.60
O7 NAG V . -37.43 23.79 12.10
C1 NAG W . 13.57 -26.94 -26.48
C2 NAG W . 12.88 -26.59 -27.79
C3 NAG W . 13.32 -27.56 -28.87
C4 NAG W . 14.82 -27.50 -29.02
C5 NAG W . 15.46 -27.85 -27.68
C6 NAG W . 16.98 -27.74 -27.70
C7 NAG W . 10.61 -25.72 -28.17
C8 NAG W . 9.15 -25.93 -27.91
N2 NAG W . 11.44 -26.62 -27.63
O3 NAG W . 12.69 -27.22 -30.10
O4 NAG W . 15.25 -28.44 -30.01
O5 NAG W . 15.00 -26.93 -26.68
O6 NAG W . 17.53 -28.41 -28.83
O7 NAG W . 11.02 -24.77 -28.82
C1 NAG X . -30.02 19.51 -14.05
C2 NAG X . -29.43 19.95 -15.38
C3 NAG X . -29.01 21.40 -15.27
C4 NAG X . -30.22 22.25 -14.90
C5 NAG X . -30.80 21.73 -13.59
C6 NAG X . -32.06 22.46 -13.18
C7 NAG X . -28.44 18.06 -16.58
C8 NAG X . -27.17 17.30 -16.88
N2 NAG X . -28.32 19.12 -15.78
O3 NAG X . -28.47 21.84 -16.53
O4 NAG X . -29.84 23.61 -14.75
O5 NAG X . -31.14 20.34 -13.73
O6 NAG X . -31.87 23.86 -13.17
O7 NAG X . -29.52 17.72 -17.05
C1 NAG Y . -31.34 -16.34 -16.34
C2 NAG Y . -32.60 -16.27 -17.20
C3 NAG Y . -33.83 -16.36 -16.30
C4 NAG Y . -33.78 -17.64 -15.50
C5 NAG Y . -32.49 -17.66 -14.68
C6 NAG Y . -32.31 -18.93 -13.89
C7 NAG Y . -32.39 -14.98 -19.28
C8 NAG Y . -32.46 -13.62 -19.90
N2 NAG Y . -32.62 -15.03 -17.97
O3 NAG Y . -35.01 -16.34 -17.11
O4 NAG Y . -34.89 -17.72 -14.63
O5 NAG Y . -31.37 -17.54 -15.56
O6 NAG Y . -33.30 -19.05 -12.87
O7 NAG Y . -32.12 -15.97 -19.94
C1 NAG Z . -16.07 -31.85 -15.85
C2 NAG Z . -17.24 -31.90 -14.88
C3 NAG Z . -16.80 -32.66 -13.63
C4 NAG Z . -16.34 -34.05 -14.03
C5 NAG Z . -15.21 -33.93 -15.05
C6 NAG Z . -14.73 -35.27 -15.57
C7 NAG Z . -18.74 -29.98 -15.14
C8 NAG Z . -19.09 -28.62 -14.64
N2 NAG Z . -17.71 -30.57 -14.54
O3 NAG Z . -17.88 -32.73 -12.72
O4 NAG Z . -15.88 -34.75 -12.88
O5 NAG Z . -15.66 -33.18 -16.19
O6 NAG Z . -14.48 -36.17 -14.50
O7 NAG Z . -19.35 -30.52 -16.06
C1 NAG AA . -39.58 -1.78 -29.55
C2 NAG AA . -40.17 -2.67 -30.65
C3 NAG AA . -40.69 -1.79 -31.77
C4 NAG AA . -41.73 -0.84 -31.22
C5 NAG AA . -41.10 0.00 -30.11
C6 NAG AA . -42.10 0.93 -29.45
C7 NAG AA . -39.08 -4.87 -30.71
C8 NAG AA . -38.00 -5.69 -31.33
N2 NAG AA . -39.18 -3.61 -31.15
O3 NAG AA . -41.25 -2.61 -32.79
O4 NAG AA . -42.20 0.02 -32.26
O5 NAG AA . -40.59 -0.87 -29.08
O6 NAG AA . -42.60 1.90 -30.36
O7 NAG AA . -39.82 -5.32 -29.84
C1 NAG BA . -18.79 -7.47 -33.41
C2 NAG BA . -17.35 -7.22 -33.84
C3 NAG BA . -17.36 -6.27 -35.02
C4 NAG BA . -18.16 -6.89 -36.16
C5 NAG BA . -19.58 -7.16 -35.66
C6 NAG BA . -20.44 -7.86 -36.70
C7 NAG BA . -15.24 -6.83 -32.67
C8 NAG BA . -14.58 -6.22 -31.47
N2 NAG BA . -16.57 -6.69 -32.75
O3 NAG BA . -16.01 -6.03 -35.45
O4 NAG BA . -18.22 -5.99 -37.26
O5 NAG BA . -19.54 -8.02 -34.52
O6 NAG BA . -20.12 -7.41 -38.01
O7 NAG BA . -14.60 -7.44 -33.52
C1 NAG CA . -31.75 -7.34 -9.68
C2 NAG CA . -31.14 -8.14 -8.54
C3 NAG CA . -32.25 -8.75 -7.71
C4 NAG CA . -33.13 -7.64 -7.16
C5 NAG CA . -33.70 -6.84 -8.34
C6 NAG CA . -34.51 -5.65 -7.90
C7 NAG CA . -29.00 -9.36 -8.64
C8 NAG CA . -28.25 -10.48 -9.29
N2 NAG CA . -30.26 -9.18 -9.06
O3 NAG CA . -31.68 -9.49 -6.63
O4 NAG CA . -34.20 -8.18 -6.40
O5 NAG CA . -32.61 -6.33 -9.14
O6 NAG CA . -35.29 -5.95 -6.75
O7 NAG CA . -28.48 -8.64 -7.79
C1 NAG DA . -21.19 22.97 -23.35
C2 NAG DA . -20.78 24.30 -22.73
C3 NAG DA . -21.04 25.43 -23.73
C4 NAG DA . -20.28 25.14 -25.01
C5 NAG DA . -20.74 23.80 -25.57
C6 NAG DA . -19.99 23.38 -26.82
C7 NAG DA . -21.05 24.13 -20.30
C8 NAG DA . -21.92 24.48 -19.12
N2 NAG DA . -21.49 24.55 -21.49
O3 NAG DA . -20.61 26.66 -23.16
O4 NAG DA . -20.54 26.16 -25.97
O5 NAG DA . -20.50 22.78 -24.59
O6 NAG DA . -20.23 24.30 -27.89
O7 NAG DA . -20.02 23.48 -20.18
C1 NAG EA . -17.67 49.68 11.44
C2 NAG EA . -16.79 50.72 12.13
C3 NAG EA . -16.43 51.81 11.13
C4 NAG EA . -15.71 51.17 9.95
C5 NAG EA . -16.61 50.12 9.31
C6 NAG EA . -15.93 49.37 8.19
C7 NAG EA . -17.34 50.82 14.52
C8 NAG EA . -18.11 51.54 15.58
N2 NAG EA . -17.47 51.29 13.27
O3 NAG EA . -15.59 52.77 11.75
O4 NAG EA . -15.40 52.17 8.98
O5 NAG EA . -16.97 49.14 10.31
O6 NAG EA . -16.83 48.44 7.58
O7 NAG EA . -16.63 49.86 14.77
C1 NAG FA . -5.55 -1.63 53.22
C2 NAG FA . -5.23 -0.14 53.15
C3 NAG FA . -4.70 0.31 54.50
C4 NAG FA . -5.77 0.03 55.56
C5 NAG FA . -6.08 -1.47 55.56
C6 NAG FA . -7.18 -1.83 56.52
C7 NAG FA . -4.18 1.34 51.50
C8 NAG FA . -3.13 1.45 50.44
N2 NAG FA . -4.27 0.14 52.10
O3 NAG FA . -4.44 1.70 54.45
O4 NAG FA . -5.28 0.41 56.85
O5 NAG FA . -6.53 -1.87 54.25
O6 NAG FA . -7.61 -3.18 56.35
O7 NAG FA . -4.91 2.27 51.81
C1 NAG GA . 29.30 -28.20 -15.05
C2 NAG GA . 29.15 -29.65 -14.61
C3 NAG GA . 29.87 -30.56 -15.60
C4 NAG GA . 29.31 -30.34 -16.99
C5 NAG GA . 29.50 -28.87 -17.36
C6 NAG GA . 28.90 -28.53 -18.72
C7 NAG GA . 28.98 -30.44 -12.29
C8 NAG GA . 29.69 -30.55 -10.97
N2 NAG GA . 29.66 -29.84 -13.27
O3 NAG GA . 29.70 -31.92 -15.21
O4 NAG GA . 30.02 -31.16 -17.93
O5 NAG GA . 28.82 -28.06 -16.40
O6 NAG GA . 29.48 -29.31 -19.75
O7 NAG GA . 27.85 -30.87 -12.45
C1 NAG HA . -5.02 -22.22 39.43
C2 NAG HA . -5.63 -23.14 38.38
C3 NAG HA . -7.14 -22.92 38.35
C4 NAG HA . -7.71 -23.20 39.73
C5 NAG HA . -7.04 -22.28 40.74
C6 NAG HA . -7.48 -22.55 42.16
C7 NAG HA . -4.05 -23.63 36.57
C8 NAG HA . -3.58 -23.25 35.20
N2 NAG HA . -5.05 -22.91 37.07
O3 NAG HA . -7.73 -23.79 37.39
O4 NAG HA . -9.11 -22.96 39.74
O5 NAG HA . -5.61 -22.49 40.71
O6 NAG HA . -8.88 -22.72 42.24
O7 NAG HA . -3.53 -24.55 37.20
C1 NAG IA . 30.34 -26.43 31.67
C2 NAG IA . 30.24 -27.41 32.83
C3 NAG IA . 30.76 -26.74 34.10
C4 NAG IA . 32.19 -26.28 33.88
C5 NAG IA . 32.23 -25.32 32.69
C6 NAG IA . 33.63 -24.87 32.35
C7 NAG IA . 28.51 -29.15 32.94
C8 NAG IA . 27.05 -29.43 33.17
N2 NAG IA . 28.88 -27.87 33.02
O3 NAG IA . 30.70 -27.66 35.19
O4 NAG IA . 32.69 -25.62 35.04
O5 NAG IA . 31.70 -25.98 31.53
O6 NAG IA . 34.35 -24.52 33.51
O7 NAG IA . 29.30 -30.05 32.70
C1 NAG JA . 41.91 -23.64 13.56
C2 NAG JA . 42.37 -22.94 14.83
C3 NAG JA . 43.00 -21.61 14.45
C4 NAG JA . 44.17 -21.85 13.51
C5 NAG JA . 43.67 -22.62 12.29
C6 NAG JA . 44.76 -22.99 11.33
C7 NAG JA . 41.04 -23.52 16.80
C8 NAG JA . 39.85 -23.15 17.65
N2 NAG JA . 41.27 -22.74 15.75
O3 NAG JA . 43.44 -20.94 15.63
O4 NAG JA . 44.74 -20.62 13.11
O5 NAG JA . 43.04 -23.85 12.71
O6 NAG JA . 45.60 -21.87 11.03
O7 NAG JA . 41.75 -24.49 17.07
C1 NAG KA . 16.90 -39.96 41.27
C2 NAG KA . 17.81 -41.14 41.57
C3 NAG KA . 17.01 -42.21 42.30
C4 NAG KA . 16.42 -41.61 43.57
C5 NAG KA . 15.54 -40.42 43.21
C6 NAG KA . 14.97 -39.73 44.41
C7 NAG KA . 19.63 -41.38 39.93
C8 NAG KA . 20.06 -42.03 38.66
N2 NAG KA . 18.40 -41.68 40.36
O3 NAG KA . 17.86 -43.30 42.62
O4 NAG KA . 15.63 -42.59 44.25
O5 NAG KA . 16.32 -39.45 42.49
O6 NAG KA . 14.38 -40.65 45.32
O7 NAG KA . 20.35 -40.60 40.55
C1 NAG LA . -0.44 -36.65 48.80
C2 NAG LA . -1.85 -36.38 49.33
C3 NAG LA . -1.93 -34.95 49.83
C4 NAG LA . -0.89 -34.74 50.93
C5 NAG LA . 0.49 -35.06 50.36
C6 NAG LA . 1.58 -34.96 51.41
C7 NAG LA . -3.62 -37.70 48.25
C8 NAG LA . -4.61 -37.77 47.12
N2 NAG LA . -2.85 -36.61 48.30
O3 NAG LA . -3.24 -34.70 50.34
O4 NAG LA . -0.93 -33.40 51.39
O5 NAG LA . 0.52 -36.40 49.86
O6 NAG LA . 1.42 -33.82 52.23
O7 NAG LA . -3.54 -38.60 49.09
C1 NAG MA . 17.14 -40.63 19.14
C2 NAG MA . 16.39 -40.78 17.82
C3 NAG MA . 15.50 -42.01 17.90
C4 NAG MA . 16.35 -43.24 18.20
C5 NAG MA . 17.09 -43.01 19.51
C6 NAG MA . 18.03 -44.15 19.85
C7 NAG MA . 15.84 -38.79 16.49
C8 NAG MA . 14.90 -37.62 16.35
N2 NAG MA . 15.60 -39.60 17.53
O3 NAG MA . 14.83 -42.17 16.65
O4 NAG MA . 15.51 -44.38 18.32
O5 NAG MA . 17.90 -41.82 19.40
O6 NAG MA . 17.42 -45.41 19.58
O7 NAG MA . 16.75 -38.99 15.70
C1 NAG NA . 16.30 -46.45 28.47
C2 NAG NA . 16.16 -47.19 27.14
C3 NAG NA . 16.39 -48.68 27.37
C4 NAG NA . 17.78 -48.87 27.97
C5 NAG NA . 17.88 -48.09 29.27
C6 NAG NA . 19.26 -48.16 29.90
C7 NAG NA . 14.62 -46.07 25.57
C8 NAG NA . 13.21 -45.98 25.08
N2 NAG NA . 14.85 -46.97 26.54
O3 NAG NA . 16.28 -49.38 26.14
O4 NAG NA . 18.01 -50.25 28.23
O5 NAG NA . 17.60 -46.70 29.02
O6 NAG NA . 19.82 -49.46 29.77
O7 NAG NA . 15.52 -45.36 25.12
C1 NAG OA . 22.09 -19.44 35.34
C2 NAG OA . 22.82 -18.30 34.67
C3 NAG OA . 23.72 -17.61 35.68
C4 NAG OA . 22.86 -17.10 36.84
C5 NAG OA . 22.13 -18.29 37.46
C6 NAG OA . 21.19 -17.89 38.58
C7 NAG OA . 23.63 -18.16 32.35
C8 NAG OA . 24.50 -18.80 31.31
N2 NAG OA . 23.61 -18.77 33.54
O3 NAG OA . 24.39 -16.52 35.07
O4 NAG OA . 23.69 -16.49 37.83
O5 NAG OA . 21.34 -18.95 36.46
O6 NAG OA . 21.85 -17.08 39.54
O7 NAG OA . 22.99 -17.14 32.12
C1 NAG PA . 10.02 -31.69 -1.06
C2 NAG PA . 8.60 -32.16 -0.80
C3 NAG PA . 8.56 -33.03 0.45
C4 NAG PA . 9.49 -34.21 0.25
C5 NAG PA . 10.90 -33.69 -0.03
C6 NAG PA . 11.89 -34.80 -0.31
C7 NAG PA . 6.79 -30.69 -1.62
C8 NAG PA . 5.93 -29.51 -1.31
N2 NAG PA . 7.68 -31.04 -0.68
O3 NAG PA . 7.23 -33.48 0.67
O4 NAG PA . 9.50 -35.03 1.42
O5 NAG PA . 10.89 -32.83 -1.18
O6 NAG PA . 11.64 -35.94 0.49
O7 NAG PA . 6.69 -31.31 -2.67
C1 NAG QA . -34.62 6.42 39.37
C2 NAG QA . -35.54 7.56 38.95
C3 NAG QA . -36.88 6.99 38.50
C4 NAG QA . -36.65 6.01 37.36
C5 NAG QA . -35.70 4.91 37.83
C6 NAG QA . -35.35 3.93 36.74
C7 NAG QA . -34.95 9.58 40.20
C8 NAG QA . -35.28 10.46 41.37
N2 NAG QA . -35.72 8.51 40.03
O3 NAG QA . -37.73 8.05 38.07
O4 NAG QA . -37.88 5.43 36.95
O5 NAG QA . -34.47 5.50 38.27
O6 NAG QA . -36.51 3.45 36.08
O7 NAG QA . -34.02 9.84 39.44
C1 NAG RA . 15.76 47.55 22.73
C2 NAG RA . 14.24 47.56 22.77
C3 NAG RA . 13.75 48.95 22.40
C4 NAG RA . 14.32 49.96 23.37
C5 NAG RA . 15.85 49.88 23.35
C6 NAG RA . 16.51 50.79 24.36
C7 NAG RA . 12.48 45.99 22.08
C8 NAG RA . 12.06 44.97 21.06
N2 NAG RA . 13.68 46.56 21.88
O3 NAG RA . 12.33 48.98 22.44
O4 NAG RA . 13.92 51.27 23.01
O5 NAG RA . 16.27 48.53 23.66
O6 NAG RA . 15.98 52.11 24.27
O7 NAG RA . 11.77 46.31 23.03
C1 NAG SA . 28.02 -14.20 -28.49
C2 NAG SA . 29.49 -13.77 -28.45
C3 NAG SA . 30.27 -14.57 -29.48
C4 NAG SA . 30.12 -16.05 -29.21
C5 NAG SA . 28.64 -16.41 -29.26
C6 NAG SA . 28.37 -17.86 -28.93
C7 NAG SA . 30.53 -11.57 -28.11
C8 NAG SA . 30.51 -10.13 -28.50
N2 NAG SA . 29.62 -12.34 -28.71
O3 NAG SA . 31.65 -14.20 -29.40
O4 NAG SA . 30.82 -16.81 -30.20
O5 NAG SA . 27.94 -15.62 -28.29
O6 NAG SA . 28.95 -18.72 -29.90
O7 NAG SA . 31.32 -12.02 -27.28
C1 NAG TA . 34.59 33.09 14.89
C2 NAG TA . 35.85 32.25 15.05
C3 NAG TA . 35.96 31.80 16.49
C4 NAG TA . 36.01 33.03 17.39
C5 NAG TA . 34.76 33.88 17.15
C6 NAG TA . 34.78 35.18 17.93
C7 NAG TA . 36.45 31.10 12.96
C8 NAG TA . 36.33 29.83 12.17
N2 NAG TA . 35.83 31.11 14.15
O3 NAG TA . 37.13 31.02 16.66
O4 NAG TA . 36.07 32.64 18.75
O5 NAG TA . 34.67 34.23 15.76
O6 NAG TA . 35.39 35.00 19.20
O7 NAG TA . 37.08 32.07 12.55
C1 NAG UA . 30.41 32.16 -20.90
C2 NAG UA . 31.55 33.18 -20.97
C3 NAG UA . 30.97 34.58 -20.94
C4 NAG UA . 30.01 34.76 -22.10
C5 NAG UA . 28.92 33.71 -22.01
C6 NAG UA . 27.96 33.74 -23.18
C7 NAG UA . 33.76 32.62 -20.04
C8 NAG UA . 34.57 32.47 -18.79
N2 NAG UA . 32.48 32.98 -19.88
O3 NAG UA . 32.02 35.53 -21.02
O4 NAG UA . 29.43 36.05 -22.06
O5 NAG UA . 29.51 32.39 -22.00
O6 NAG UA . 27.00 32.70 -23.09
O7 NAG UA . 34.24 32.44 -21.15
C1 NAG VA . 23.47 16.63 -34.49
C2 NAG VA . 22.90 18.03 -34.67
C3 NAG VA . 21.44 17.94 -35.03
C4 NAG VA . 21.28 17.11 -36.29
C5 NAG VA . 21.89 15.73 -36.07
C6 NAG VA . 21.87 14.86 -37.30
C7 NAG VA . 24.16 19.61 -33.26
C8 NAG VA . 24.17 20.39 -31.99
N2 NAG VA . 23.09 18.85 -33.47
O3 NAG VA . 20.90 19.23 -35.22
O4 NAG VA . 19.90 16.97 -36.62
O5 NAG VA . 23.28 15.88 -35.69
O6 NAG VA . 20.56 14.80 -37.86
O7 NAG VA . 25.09 19.67 -34.07
C1 NAG WA . 47.92 37.00 -10.28
C2 NAG WA . 48.65 37.54 -11.51
C3 NAG WA . 50.13 37.27 -11.36
C4 NAG WA . 50.63 37.95 -10.10
C5 NAG WA . 49.85 37.42 -8.90
C6 NAG WA . 50.24 38.09 -7.60
C7 NAG WA . 47.26 37.52 -13.54
C8 NAG WA . 46.85 36.74 -14.75
N2 NAG WA . 48.13 36.92 -12.72
O3 NAG WA . 50.82 37.78 -12.50
O4 NAG WA . 52.02 37.68 -9.91
O5 NAG WA . 48.44 37.66 -9.09
O6 NAG WA . 51.48 38.78 -7.72
O7 NAG WA . 46.84 38.66 -13.32
C1 NAG XA . 48.57 42.15 8.44
C2 NAG XA . 48.71 42.80 9.81
C3 NAG XA . 47.40 43.45 10.19
C4 NAG XA . 47.02 44.48 9.14
C5 NAG XA . 46.91 43.78 7.78
C6 NAG XA . 46.62 44.74 6.65
C7 NAG XA . 50.37 41.66 11.22
C8 NAG XA . 50.59 40.61 12.27
N2 NAG XA . 49.11 41.83 10.82
O3 NAG XA . 47.52 44.09 11.46
O4 NAG XA . 45.76 45.08 9.46
O5 NAG XA . 48.17 43.15 7.48
O6 NAG XA . 45.49 45.55 6.93
O7 NAG XA . 51.30 42.32 10.77
C1 NAG YA . 45.83 16.89 -14.04
C2 NAG YA . 45.95 15.56 -13.29
C3 NAG YA . 47.36 15.40 -12.76
C4 NAG YA . 48.35 15.49 -13.90
C5 NAG YA . 48.16 16.83 -14.61
C6 NAG YA . 49.05 16.98 -15.83
C7 NAG YA . 44.21 14.41 -12.00
C8 NAG YA . 43.27 14.51 -10.83
N2 NAG YA . 44.98 15.48 -12.21
O3 NAG YA . 47.48 14.15 -12.10
O4 NAG YA . 49.68 15.39 -13.42
O5 NAG YA . 46.81 16.94 -15.08
O6 NAG YA . 50.43 16.88 -15.47
O7 NAG YA . 44.24 13.41 -12.71
C1 NAG ZA . 52.34 25.15 -12.43
C2 NAG ZA . 52.25 24.84 -13.93
C3 NAG ZA . 53.61 24.38 -14.43
C4 NAG ZA . 54.64 25.47 -14.15
C5 NAG ZA . 54.67 25.76 -12.65
C6 NAG ZA . 55.60 26.89 -12.29
C7 NAG ZA . 49.98 24.11 -14.52
C8 NAG ZA . 49.09 22.92 -14.75
N2 NAG ZA . 51.25 23.82 -14.18
O3 NAG ZA . 53.54 24.12 -15.82
O4 NAG ZA . 55.93 25.05 -14.58
O5 NAG ZA . 53.35 26.15 -12.21
O6 NAG ZA . 56.88 26.72 -12.89
O7 NAG ZA . 49.59 25.25 -14.63
C1 NAG AB . 25.62 34.66 -10.82
C2 NAG AB . 24.29 34.20 -11.40
C3 NAG AB . 23.56 35.40 -11.98
C4 NAG AB . 23.33 36.43 -10.89
C5 NAG AB . 24.69 36.83 -10.32
C6 NAG AB . 24.58 37.80 -9.16
C7 NAG AB . 23.81 32.04 -12.47
C8 NAG AB . 24.15 31.11 -13.60
N2 NAG AB . 24.49 33.18 -12.42
O3 NAG AB . 22.30 34.98 -12.52
O4 NAG AB . 22.68 37.58 -11.42
O5 NAG AB . 25.38 35.67 -9.82
O6 NAG AB . 23.55 38.76 -9.38
O7 NAG AB . 22.95 31.76 -11.64
C1 NAG BB . 12.85 28.00 49.83
C2 NAG BB . 12.79 28.35 51.32
C3 NAG BB . 13.85 27.55 52.06
C4 NAG BB . 13.61 26.06 51.83
C5 NAG BB . 13.68 25.79 50.33
C6 NAG BB . 13.38 24.35 49.98
C7 NAG BB . 11.98 30.61 51.82
C8 NAG BB . 12.37 32.05 52.00
N2 NAG BB . 12.98 29.77 51.53
O3 NAG BB . 13.76 27.83 53.46
O4 NAG BB . 14.62 25.30 52.49
O5 NAG BB . 12.68 26.58 49.66
O6 NAG BB . 14.50 23.51 50.22
O7 NAG BB . 10.81 30.24 51.92
#